data_5O47
#
_entry.id   5O47
#
_cell.length_a   74.616
_cell.length_b   205.356
_cell.length_c   146.940
_cell.angle_alpha   90.00
_cell.angle_beta   90.00
_cell.angle_gamma   90.00
#
_symmetry.space_group_name_H-M   'P 21 21 2'
#
loop_
_entity.id
_entity.type
_entity.pdbx_description
1 polymer Beta-fructofuranosidase
2 branched alpha-D-mannopyranose-(1-3)-alpha-D-mannopyranose-(1-6)-[alpha-D-mannopyranose-(1-3)]beta-D-mannopyranose-(1-4)-2-acetamido-2-deoxy-beta-D-glucopyranose-(1-4)-2-acetamido-2-deoxy-beta-D-glucopyranose
3 branched alpha-D-mannopyranose-(1-2)-alpha-D-mannopyranose-(1-2)-alpha-D-mannopyranose-(1-3)-[alpha-D-mannopyranose-(1-2)-alpha-D-mannopyranose-(1-6)-[alpha-D-mannopyranose-(1-3)]alpha-D-mannopyranose-(1-6)]beta-D-mannopyranose-(1-4)-2-acetamido-2-deoxy-beta-D-glucopyranose-(1-4)-2-acetamido-2-deoxy-beta-D-glucopyranose
4 branched 2-acetamido-2-deoxy-beta-D-glucopyranose-(1-4)-2-acetamido-2-deoxy-beta-D-glucopyranose
5 non-polymer 2-acetamido-2-deoxy-beta-D-glucopyranose
6 non-polymer '2-(3,4-dihydroxyphenyl)ethyl beta-D-fructofuranoside'
7 non-polymer '2-hydroxy-4-(2-hydroxyethyl)phenyl beta-D-fructofuranoside'
8 non-polymer 4-(2-hydroxyethyl)benzene-1,2-diol
9 non-polymer 1,2-ETHANEDIOL
10 water water
#
_entity_poly.entity_id   1
_entity_poly.type   'polypeptide(L)'
_entity_poly.pdbx_seq_one_letter_code
;MVAPLLKTLPFLAAAYAAELDLPNFSALNRRQDNSTSSSAGCSLDQTVAPGNLTLCGNATLFTTFRPKARFIAPEGWMNA
PMGLYQRADGSIHAGYQSHPKHIQWGNISQGAAYSSDFTSWTDFNGSEGYKTIWPSQIYDIRGVFDGSIIKEGIDGYPTI
LYTSTSFGPLGATLNEAEGTETQSLAYTTDDGASWIKLGYGAGQNPVIYEWPETNLTGFRDPYVFQSPRLEALLANTTSI
TNATGDHFATISGGVHGDGARLFLYRQHTTGEFIKWTYLGPLVTTGYKESYGEWSGNYGINFETAGVTRLNPAGAAWDNG
SDTTAVDFVTFGTEQGRADHQNHWPLWAAVDYEVRDNGSIEAVIAYSGVQDWGRSYAYASFPVEGYRQVSVGWIYEDDDN
VILAKQFGYQGAFTLFRDLFVKVVENVSPSTPGLFEQASWSTKNSTDGMSVTVTTLGQRVVPETLAAYKGNSTVSTLAPV
MLNESAAAYTPFSSQPTDRFYALTGSFEFGLNTTAKAGFRVLASEEEYTDIWFDPASENLTVVRTASSLIKSFGNDTELA
KVKLYEIVGAESKTLNLTVFVDGSVIEIYANDEVALSTRAYPWLANSTGAGLLADGTTAGDVVGVSGLELWDGLVDAWPA
RPANTSQGLVWDGPTAAMYGLFAGY
;
_entity_poly.pdbx_strand_id   A,B
#
loop_
_chem_comp.id
_chem_comp.type
_chem_comp.name
_chem_comp.formula
975 non-polymer 4-(2-hydroxyethyl)benzene-1,2-diol 'C8 H10 O3'
9OK D-saccharide '2-(3,4-dihydroxyphenyl)ethyl beta-D-fructofuranoside' 'C14 H20 O8'
9WZ D-saccharide '2-hydroxy-4-(2-hydroxyethyl)phenyl beta-D-fructofuranoside' 'C14 H20 O8'
BMA D-saccharide, beta linking beta-D-mannopyranose 'C6 H12 O6'
EDO non-polymer 1,2-ETHANEDIOL 'C2 H6 O2'
MAN D-saccharide, alpha linking alpha-D-mannopyranose 'C6 H12 O6'
NAG D-saccharide, beta linking 2-acetamido-2-deoxy-beta-D-glucopyranose 'C8 H15 N O6'
#
# COMPACT_ATOMS: atom_id res chain seq x y z
N CYS A 42 -34.00 -17.17 -19.50
CA CYS A 42 -32.81 -16.26 -19.40
C CYS A 42 -31.55 -16.86 -20.03
N SER A 43 -31.23 -16.36 -21.21
CA SER A 43 -29.96 -16.67 -21.86
C SER A 43 -28.97 -15.55 -21.56
N LEU A 44 -27.75 -15.95 -21.23
CA LEU A 44 -26.63 -15.01 -21.06
C LEU A 44 -25.67 -15.08 -22.25
N ASP A 45 -26.19 -15.46 -23.42
CA ASP A 45 -25.39 -15.54 -24.64
C ASP A 45 -25.18 -14.12 -25.17
N GLN A 46 -23.96 -13.62 -24.98
CA GLN A 46 -23.58 -12.29 -25.43
C GLN A 46 -23.01 -12.26 -26.87
N THR A 47 -23.18 -13.35 -27.62
CA THR A 47 -22.88 -13.36 -29.06
C THR A 47 -24.14 -13.18 -29.92
N VAL A 48 -25.31 -13.13 -29.28
CA VAL A 48 -26.56 -12.88 -29.99
C VAL A 48 -27.30 -11.75 -29.30
N ALA A 49 -28.38 -11.27 -29.91
CA ALA A 49 -29.17 -10.18 -29.35
C ALA A 49 -29.67 -10.57 -27.96
N PRO A 50 -29.83 -9.57 -27.06
CA PRO A 50 -30.29 -9.90 -25.71
C PRO A 50 -31.74 -10.28 -25.74
N GLY A 51 -32.12 -11.25 -24.91
CA GLY A 51 -33.51 -11.62 -24.77
C GLY A 51 -34.24 -10.66 -23.87
N ASN A 52 -35.25 -11.19 -23.21
CA ASN A 52 -35.95 -10.49 -22.16
C ASN A 52 -35.18 -10.76 -20.88
N LEU A 53 -34.31 -9.83 -20.51
CA LEU A 53 -33.42 -9.99 -19.38
C LEU A 53 -34.13 -9.82 -18.02
N THR A 54 -35.35 -9.28 -18.03
CA THR A 54 -36.16 -9.20 -16.80
C THR A 54 -36.57 -10.60 -16.28
N LEU A 55 -36.49 -11.62 -17.13
CA LEU A 55 -36.76 -13.00 -16.71
C LEU A 55 -35.57 -13.65 -15.97
N CYS A 56 -34.40 -13.03 -16.05
CA CYS A 56 -33.22 -13.53 -15.35
C CYS A 56 -33.35 -13.39 -13.84
N GLY A 57 -32.70 -14.30 -13.13
CA GLY A 57 -32.74 -14.34 -11.67
C GLY A 57 -31.89 -13.25 -11.04
N ASN A 58 -31.99 -13.18 -9.71
CA ASN A 58 -31.26 -12.19 -8.93
C ASN A 58 -29.77 -12.38 -9.12
N ALA A 59 -29.06 -11.28 -9.40
CA ALA A 59 -27.59 -11.29 -9.52
C ALA A 59 -27.03 -12.19 -10.64
N THR A 60 -27.87 -12.56 -11.61
CA THR A 60 -27.41 -13.33 -12.77
C THR A 60 -26.60 -12.47 -13.73
N LEU A 61 -26.81 -11.15 -13.70
CA LEU A 61 -26.00 -10.21 -14.46
C LEU A 61 -24.94 -9.49 -13.59
N PHE A 62 -24.50 -10.14 -12.51
CA PHE A 62 -23.61 -9.49 -11.54
C PHE A 62 -22.31 -9.02 -12.17
N THR A 63 -21.64 -9.90 -12.91
CA THR A 63 -20.34 -9.55 -13.52
C THR A 63 -20.42 -8.89 -14.90
N THR A 64 -21.58 -8.92 -15.55
CA THR A 64 -21.74 -8.53 -16.96
C THR A 64 -21.27 -7.10 -17.26
N PHE A 65 -21.71 -6.15 -16.43
CA PHE A 65 -21.44 -4.73 -16.62
C PHE A 65 -20.64 -4.10 -15.47
N ARG A 66 -20.06 -4.93 -14.61
CA ARG A 66 -19.58 -4.48 -13.32
C ARG A 66 -18.18 -3.87 -13.42
N PRO A 67 -17.99 -2.66 -12.85
CA PRO A 67 -16.63 -2.12 -12.76
C PRO A 67 -15.70 -3.01 -11.95
N LYS A 68 -14.44 -3.07 -12.37
CA LYS A 68 -13.40 -3.84 -11.68
C LYS A 68 -12.24 -3.01 -11.13
N ALA A 69 -12.05 -1.79 -11.64
CA ALA A 69 -10.85 -0.99 -11.37
C ALA A 69 -11.08 0.20 -10.44
N ARG A 70 -12.22 0.21 -9.74
CA ARG A 70 -12.59 1.34 -8.88
C ARG A 70 -13.26 0.87 -7.59
N PHE A 71 -13.49 1.84 -6.71
CA PHE A 71 -14.19 1.59 -5.47
C PHE A 71 -15.66 1.27 -5.75
N ILE A 72 -16.11 0.15 -5.22
CA ILE A 72 -17.50 -0.29 -5.33
C ILE A 72 -17.77 -1.23 -4.16
N ALA A 73 -19.01 -1.23 -3.66
CA ALA A 73 -19.39 -2.13 -2.57
C ALA A 73 -19.30 -3.59 -3.02
N PRO A 74 -19.17 -4.53 -2.06
CA PRO A 74 -19.16 -5.94 -2.50
C PRO A 74 -20.44 -6.38 -3.23
N GLU A 75 -21.59 -5.79 -2.85
CA GLU A 75 -22.87 -6.10 -3.48
C GLU A 75 -23.92 -5.11 -2.99
N GLY A 76 -25.08 -5.13 -3.63
CA GLY A 76 -26.21 -4.34 -3.18
C GLY A 76 -26.10 -2.87 -3.48
N TRP A 77 -26.90 -2.09 -2.76
CA TRP A 77 -27.02 -0.66 -3.00
C TRP A 77 -25.88 0.10 -2.32
N MET A 78 -25.28 1.03 -3.04
CA MET A 78 -24.44 2.06 -2.44
C MET A 78 -24.79 3.43 -2.99
N ASN A 79 -24.59 4.47 -2.18
CA ASN A 79 -24.57 5.84 -2.71
C ASN A 79 -23.36 6.65 -2.18
N ALA A 80 -23.59 7.76 -1.49
CA ALA A 80 -22.57 8.76 -1.20
C ALA A 80 -21.35 8.23 -0.45
N PRO A 81 -20.14 8.66 -0.86
CA PRO A 81 -18.98 8.48 0.02
C PRO A 81 -19.20 9.21 1.33
N MET A 82 -18.60 8.67 2.39
CA MET A 82 -18.69 9.27 3.72
C MET A 82 -17.51 8.86 4.56
N GLY A 83 -17.34 9.55 5.69
CA GLY A 83 -16.34 9.21 6.69
C GLY A 83 -14.92 9.08 6.18
N LEU A 84 -14.57 9.88 5.17
CA LEU A 84 -13.26 9.79 4.53
C LEU A 84 -12.16 10.39 5.39
N TYR A 85 -11.11 9.63 5.64
CA TYR A 85 -9.92 10.16 6.31
C TYR A 85 -8.67 9.32 6.06
N GLN A 86 -7.52 9.99 6.12
CA GLN A 86 -6.24 9.32 6.10
C GLN A 86 -5.91 8.89 7.52
N ARG A 87 -5.72 7.58 7.70
CA ARG A 87 -5.45 7.02 9.02
C ARG A 87 -4.00 7.28 9.43
N ALA A 88 -3.70 7.04 10.70
CA ALA A 88 -2.36 7.29 11.26
C ALA A 88 -1.24 6.55 10.53
N ASP A 89 -1.53 5.36 9.99
CA ASP A 89 -0.54 4.60 9.21
C ASP A 89 -0.39 5.07 7.75
N GLY A 90 -1.08 6.15 7.37
CA GLY A 90 -1.02 6.69 6.02
C GLY A 90 -2.05 6.12 5.05
N SER A 91 -2.72 5.04 5.42
CA SER A 91 -3.75 4.44 4.57
C SER A 91 -5.00 5.29 4.56
N ILE A 92 -5.85 5.05 3.56
CA ILE A 92 -7.08 5.81 3.36
C ILE A 92 -8.25 4.97 3.82
N HIS A 93 -9.11 5.54 4.66
CA HIS A 93 -10.33 4.92 5.09
C HIS A 93 -11.47 5.57 4.30
N ALA A 94 -12.23 4.77 3.59
CA ALA A 94 -13.38 5.25 2.84
C ALA A 94 -14.63 4.56 3.31
N GLY A 95 -15.61 5.35 3.75
CA GLY A 95 -16.94 4.86 4.04
C GLY A 95 -17.87 5.14 2.87
N TYR A 96 -19.05 4.52 2.90
CA TYR A 96 -20.07 4.80 1.91
C TYR A 96 -21.45 4.42 2.43
N GLN A 97 -22.45 5.17 1.97
CA GLN A 97 -23.85 4.87 2.24
C GLN A 97 -24.16 3.52 1.59
N SER A 98 -24.68 2.59 2.39
CA SER A 98 -24.77 1.17 2.01
C SER A 98 -26.07 0.52 2.47
N HIS A 99 -26.62 -0.29 1.59
CA HIS A 99 -27.78 -1.12 1.88
C HIS A 99 -27.55 -2.52 1.29
N PRO A 100 -26.83 -3.39 2.02
CA PRO A 100 -26.52 -4.73 1.55
C PRO A 100 -27.75 -5.58 1.28
N LYS A 101 -27.65 -6.46 0.28
CA LYS A 101 -28.68 -7.45 -0.08
C LYS A 101 -30.01 -6.82 -0.53
N HIS A 102 -29.94 -5.57 -0.97
CA HIS A 102 -31.05 -4.82 -1.53
C HIS A 102 -30.49 -4.05 -2.72
N ILE A 103 -31.37 -3.66 -3.65
CA ILE A 103 -30.96 -2.80 -4.77
C ILE A 103 -31.65 -1.43 -4.82
N GLN A 104 -32.36 -1.08 -3.74
CA GLN A 104 -32.81 0.28 -3.50
C GLN A 104 -32.31 0.73 -2.15
N TRP A 105 -32.31 2.03 -1.95
CA TRP A 105 -31.87 2.69 -0.71
C TRP A 105 -32.74 2.28 0.48
N GLY A 106 -32.11 2.22 1.66
CA GLY A 106 -32.84 1.97 2.90
C GLY A 106 -31.92 1.50 4.00
N ASN A 107 -32.42 1.55 5.24
CA ASN A 107 -31.65 1.23 6.45
C ASN A 107 -30.22 1.70 6.33
N ILE A 108 -30.04 2.93 5.88
CA ILE A 108 -28.78 3.29 5.28
C ILE A 108 -27.69 3.33 6.35
N SER A 109 -26.55 2.73 5.99
CA SER A 109 -25.47 2.41 6.92
C SER A 109 -24.15 2.81 6.29
N GLN A 110 -23.10 2.87 7.10
CA GLN A 110 -21.75 3.04 6.56
C GLN A 110 -21.13 1.67 6.28
N GLY A 111 -20.90 1.39 4.99
CA GLY A 111 -19.99 0.33 4.58
C GLY A 111 -18.61 0.95 4.54
N ALA A 112 -17.56 0.13 4.67
CA ALA A 112 -16.21 0.70 4.69
C ALA A 112 -15.13 -0.23 4.17
N ALA A 113 -14.03 0.41 3.77
CA ALA A 113 -12.85 -0.28 3.25
C ALA A 113 -11.65 0.63 3.39
N TYR A 114 -10.47 0.06 3.16
CA TYR A 114 -9.22 0.83 3.27
C TYR A 114 -8.24 0.49 2.15
N SER A 115 -7.31 1.43 1.91
CA SER A 115 -6.34 1.33 0.83
C SER A 115 -5.08 2.12 1.16
N SER A 116 -3.92 1.61 0.74
N SER A 116 -3.93 1.60 0.74
CA SER A 116 -2.67 2.34 0.88
CA SER A 116 -2.67 2.32 0.87
C SER A 116 -2.37 3.29 -0.29
C SER A 116 -2.37 3.28 -0.30
N ASP A 117 -3.15 3.21 -1.38
CA ASP A 117 -2.84 3.96 -2.62
C ASP A 117 -4.06 4.49 -3.42
N PHE A 118 -5.22 4.62 -2.75
CA PHE A 118 -6.51 4.98 -3.39
C PHE A 118 -7.06 3.98 -4.41
N THR A 119 -6.33 2.89 -4.68
CA THR A 119 -6.51 2.13 -5.92
C THR A 119 -6.84 0.67 -5.65
N SER A 120 -6.03 0.02 -4.82
CA SER A 120 -6.27 -1.35 -4.39
C SER A 120 -6.85 -1.32 -2.97
N TRP A 121 -8.02 -1.93 -2.79
CA TRP A 121 -8.81 -1.82 -1.57
C TRP A 121 -9.03 -3.16 -0.88
N THR A 122 -9.31 -3.08 0.43
CA THR A 122 -9.64 -4.23 1.26
C THR A 122 -10.86 -3.88 2.10
N ASP A 123 -11.86 -4.75 2.07
CA ASP A 123 -13.08 -4.57 2.87
C ASP A 123 -12.78 -4.79 4.35
N PHE A 124 -13.41 -3.99 5.20
CA PHE A 124 -13.54 -4.35 6.61
C PHE A 124 -14.46 -5.57 6.72
N ASN A 125 -14.23 -6.39 7.73
CA ASN A 125 -15.06 -7.57 7.98
C ASN A 125 -15.25 -7.71 9.48
N GLY A 126 -16.46 -7.46 9.94
CA GLY A 126 -16.80 -7.51 11.36
C GLY A 126 -18.09 -8.27 11.57
N SER A 127 -18.74 -8.04 12.71
CA SER A 127 -19.99 -8.71 13.04
C SER A 127 -21.13 -8.40 12.06
N GLU A 128 -21.09 -7.22 11.42
CA GLU A 128 -22.06 -6.84 10.38
C GLU A 128 -21.44 -6.84 8.98
N GLY A 129 -20.58 -7.81 8.70
CA GLY A 129 -19.93 -7.90 7.40
C GLY A 129 -19.04 -6.70 7.14
N TYR A 130 -19.31 -6.00 6.04
CA TYR A 130 -18.53 -4.82 5.67
C TYR A 130 -19.11 -3.51 6.18
N LYS A 131 -20.25 -3.57 6.88
CA LYS A 131 -20.77 -2.41 7.59
C LYS A 131 -19.98 -2.13 8.86
N THR A 132 -19.85 -0.84 9.19
CA THR A 132 -19.22 -0.41 10.45
C THR A 132 -20.07 0.55 11.30
N ILE A 133 -21.09 1.18 10.71
CA ILE A 133 -22.09 1.95 11.47
C ILE A 133 -23.44 1.67 10.83
N TRP A 134 -24.46 1.48 11.67
CA TRP A 134 -25.79 1.13 11.20
C TRP A 134 -26.84 1.74 12.13
N PRO A 135 -28.08 1.91 11.63
CA PRO A 135 -29.16 2.35 12.50
C PRO A 135 -29.33 1.43 13.72
N SER A 136 -29.36 2.02 14.90
CA SER A 136 -29.43 1.26 16.16
C SER A 136 -30.11 1.96 17.36
N GLN A 137 -30.45 3.23 17.21
CA GLN A 137 -30.96 4.05 18.31
C GLN A 137 -32.12 4.86 17.77
N ILE A 138 -33.01 5.28 18.66
CA ILE A 138 -34.17 6.08 18.26
C ILE A 138 -33.77 7.29 17.39
N TYR A 139 -32.62 7.90 17.70
CA TYR A 139 -32.15 9.08 16.99
C TYR A 139 -31.60 8.83 15.58
N ASP A 140 -31.15 7.61 15.29
CA ASP A 140 -30.65 7.26 13.94
C ASP A 140 -31.28 6.02 13.28
N ILE A 141 -32.40 5.53 13.82
CA ILE A 141 -33.02 4.29 13.36
C ILE A 141 -33.51 4.35 11.90
N ARG A 142 -33.83 5.56 11.43
CA ARG A 142 -34.30 5.76 10.06
C ARG A 142 -33.17 5.81 9.04
N GLY A 143 -31.92 5.95 9.51
CA GLY A 143 -30.76 5.96 8.64
C GLY A 143 -29.57 6.68 9.25
N VAL A 144 -28.39 6.08 9.05
CA VAL A 144 -27.11 6.70 9.33
C VAL A 144 -26.69 7.36 8.02
N PHE A 145 -27.00 8.65 7.91
CA PHE A 145 -26.73 9.43 6.71
C PHE A 145 -25.24 9.84 6.66
N ASP A 146 -24.88 10.64 5.66
CA ASP A 146 -23.52 11.15 5.46
C ASP A 146 -22.92 11.79 6.72
N GLY A 147 -21.61 11.65 6.86
CA GLY A 147 -20.86 12.22 7.97
C GLY A 147 -19.40 12.37 7.59
N SER A 148 -18.66 13.12 8.40
CA SER A 148 -17.26 13.43 8.15
C SER A 148 -16.46 13.32 9.44
N ILE A 149 -15.14 13.34 9.29
CA ILE A 149 -14.23 12.91 10.34
C ILE A 149 -13.51 14.07 11.05
N ILE A 150 -13.57 14.01 12.38
CA ILE A 150 -12.70 14.75 13.27
C ILE A 150 -11.55 13.80 13.58
N LYS A 151 -10.37 14.09 13.08
CA LYS A 151 -9.25 13.14 13.19
C LYS A 151 -8.75 12.96 14.63
N GLU A 152 -8.74 14.04 15.40
CA GLU A 152 -8.43 13.98 16.83
C GLU A 152 -9.65 14.38 17.64
N GLY A 153 -10.49 13.40 17.93
CA GLY A 153 -11.80 13.67 18.51
C GLY A 153 -11.91 13.14 19.93
N ILE A 154 -13.00 12.43 20.18
CA ILE A 154 -13.34 11.94 21.52
C ILE A 154 -12.20 11.07 22.04
N ASP A 155 -11.67 11.43 23.21
CA ASP A 155 -10.53 10.75 23.83
C ASP A 155 -9.30 10.61 22.90
N GLY A 156 -9.14 11.56 21.97
CA GLY A 156 -8.07 11.53 20.99
C GLY A 156 -8.27 10.63 19.77
N TYR A 157 -9.42 9.95 19.69
CA TYR A 157 -9.67 8.99 18.60
C TYR A 157 -10.35 9.64 17.40
N PRO A 158 -10.17 9.05 16.21
CA PRO A 158 -10.94 9.54 15.07
C PRO A 158 -12.43 9.42 15.36
N THR A 159 -13.17 10.48 15.04
CA THR A 159 -14.55 10.66 15.46
C THR A 159 -15.34 11.10 14.24
N ILE A 160 -16.49 10.47 14.02
CA ILE A 160 -17.39 10.86 12.93
C ILE A 160 -18.53 11.69 13.48
N LEU A 161 -18.79 12.83 12.83
CA LEU A 161 -20.02 13.59 13.04
C LEU A 161 -20.89 13.28 11.85
N TYR A 162 -22.08 12.70 12.09
CA TYR A 162 -22.95 12.21 11.01
C TYR A 162 -24.40 12.60 11.23
N THR A 163 -25.17 12.61 10.16
CA THR A 163 -26.60 12.89 10.25
C THR A 163 -27.33 11.62 10.71
N SER A 164 -27.87 11.70 11.93
CA SER A 164 -28.68 10.66 12.52
C SER A 164 -30.14 11.00 12.22
N THR A 165 -30.84 10.10 11.53
CA THR A 165 -32.23 10.36 11.13
C THR A 165 -33.23 9.49 11.90
N SER A 166 -34.35 10.10 12.27
CA SER A 166 -35.45 9.39 12.90
C SER A 166 -36.71 9.53 12.04
N PHE A 167 -37.86 9.31 12.67
CA PHE A 167 -39.13 9.23 11.95
C PHE A 167 -39.64 10.58 11.46
N GLY A 168 -40.58 10.52 10.52
CA GLY A 168 -41.30 11.70 10.02
C GLY A 168 -40.98 12.00 8.56
N PRO A 169 -41.79 12.90 7.93
CA PRO A 169 -41.48 13.34 6.57
C PRO A 169 -40.07 13.89 6.48
N LEU A 170 -39.31 13.44 5.49
CA LEU A 170 -37.93 13.85 5.31
C LEU A 170 -37.74 14.17 3.83
N GLY A 171 -37.49 15.44 3.53
CA GLY A 171 -37.23 15.86 2.17
C GLY A 171 -37.52 17.32 1.93
N ALA A 172 -36.82 17.87 0.94
CA ALA A 172 -36.92 19.28 0.57
C ALA A 172 -38.29 19.68 0.00
N THR A 173 -39.03 18.72 -0.56
CA THR A 173 -40.39 18.96 -1.06
C THR A 173 -41.50 18.48 -0.11
N LEU A 174 -41.12 18.11 1.11
CA LEU A 174 -42.08 17.67 2.13
C LEU A 174 -42.03 18.65 3.30
N ASN A 175 -42.94 18.46 4.25
CA ASN A 175 -43.00 19.31 5.43
C ASN A 175 -42.23 18.65 6.57
N GLU A 176 -40.91 18.69 6.47
CA GLU A 176 -40.04 18.13 7.50
C GLU A 176 -40.13 18.92 8.78
N ALA A 177 -40.01 18.22 9.91
CA ALA A 177 -39.98 18.85 11.22
C ALA A 177 -38.65 18.59 11.90
N GLU A 178 -38.40 19.43 12.89
CA GLU A 178 -37.24 19.37 13.74
C GLU A 178 -37.17 18.01 14.45
N GLY A 179 -35.98 17.43 14.52
CA GLY A 179 -35.76 16.12 15.15
C GLY A 179 -35.59 14.98 14.16
N THR A 180 -36.23 15.07 13.00
CA THR A 180 -36.14 14.05 11.96
C THR A 180 -34.71 13.89 11.47
N GLU A 181 -33.99 14.99 11.31
CA GLU A 181 -32.57 14.98 11.01
C GLU A 181 -31.81 15.68 12.12
N THR A 182 -30.94 14.95 12.81
CA THR A 182 -30.06 15.51 13.83
C THR A 182 -28.63 15.10 13.49
N GLN A 183 -27.67 15.58 14.27
CA GLN A 183 -26.25 15.26 14.06
C GLN A 183 -25.67 14.65 15.32
N SER A 184 -24.97 13.53 15.14
CA SER A 184 -24.52 12.67 16.23
C SER A 184 -23.05 12.30 16.05
N LEU A 185 -22.41 11.92 17.16
CA LEU A 185 -21.02 11.52 17.17
C LEU A 185 -20.81 10.03 17.43
N ALA A 186 -19.79 9.47 16.79
CA ALA A 186 -19.25 8.17 17.15
C ALA A 186 -17.75 8.21 16.96
N TYR A 187 -17.02 7.38 17.70
CA TYR A 187 -15.55 7.32 17.61
C TYR A 187 -15.06 5.90 17.46
N THR A 188 -13.87 5.75 16.89
CA THR A 188 -13.27 4.43 16.65
C THR A 188 -11.97 4.27 17.43
N THR A 189 -11.88 3.16 18.18
CA THR A 189 -10.66 2.79 18.89
C THR A 189 -9.83 1.74 18.13
N ASP A 190 -10.29 1.34 16.95
CA ASP A 190 -9.65 0.28 16.18
C ASP A 190 -9.50 0.66 14.70
N ASP A 191 -9.25 1.95 14.46
CA ASP A 191 -8.95 2.48 13.12
C ASP A 191 -10.04 2.21 12.08
N GLY A 192 -11.30 2.29 12.50
CA GLY A 192 -12.44 2.16 11.59
C GLY A 192 -13.05 0.78 11.46
N ALA A 193 -12.51 -0.22 12.17
CA ALA A 193 -13.13 -1.56 12.17
C ALA A 193 -14.49 -1.52 12.87
N SER A 194 -14.62 -0.66 13.88
CA SER A 194 -15.88 -0.43 14.58
C SER A 194 -15.97 1.00 15.08
N TRP A 195 -17.19 1.44 15.38
CA TRP A 195 -17.44 2.77 15.93
C TRP A 195 -18.35 2.65 17.14
N ILE A 196 -18.05 3.45 18.15
CA ILE A 196 -18.85 3.53 19.37
C ILE A 196 -19.55 4.87 19.37
N LYS A 197 -20.88 4.84 19.40
CA LYS A 197 -21.69 6.05 19.46
C LYS A 197 -21.71 6.56 20.89
N LEU A 198 -21.75 7.87 21.04
CA LEU A 198 -22.07 8.46 22.33
C LEU A 198 -23.48 8.03 22.73
N GLY A 199 -23.74 8.00 24.04
CA GLY A 199 -25.05 7.64 24.55
C GLY A 199 -26.15 8.59 24.08
N TYR A 200 -27.38 8.09 24.06
CA TYR A 200 -28.52 8.96 23.79
C TYR A 200 -28.85 9.76 25.03
N GLY A 201 -28.98 11.07 24.89
CA GLY A 201 -29.51 11.89 25.97
C GLY A 201 -29.00 13.32 26.05
N ALA A 202 -29.42 14.00 27.10
CA ALA A 202 -29.01 15.39 27.36
C ALA A 202 -27.51 15.47 27.56
N GLY A 203 -26.86 16.35 26.79
CA GLY A 203 -25.42 16.51 26.84
C GLY A 203 -24.64 15.44 26.11
N GLN A 204 -25.33 14.57 25.37
CA GLN A 204 -24.72 13.48 24.61
C GLN A 204 -25.36 13.50 23.21
N ASN A 205 -25.55 12.33 22.58
CA ASN A 205 -26.18 12.27 21.24
C ASN A 205 -27.70 12.50 21.29
N PRO A 206 -28.27 13.14 20.27
CA PRO A 206 -27.54 13.84 19.21
C PRO A 206 -27.00 15.17 19.73
N VAL A 207 -25.88 15.61 19.16
CA VAL A 207 -25.19 16.81 19.65
C VAL A 207 -25.68 18.11 18.97
N ILE A 208 -26.21 18.01 17.75
CA ILE A 208 -26.86 19.13 17.09
C ILE A 208 -28.25 18.68 16.67
N TYR A 209 -29.27 19.37 17.16
CA TYR A 209 -30.67 19.01 16.91
C TYR A 209 -31.60 20.21 16.67
N GLU A 210 -31.32 21.36 17.27
CA GLU A 210 -32.09 22.58 17.01
C GLU A 210 -31.83 23.10 15.60
N TRP A 211 -32.90 23.35 14.87
CA TRP A 211 -32.81 24.01 13.58
C TRP A 211 -32.36 25.44 13.76
N PRO A 212 -31.35 25.89 12.97
CA PRO A 212 -30.89 27.27 13.11
C PRO A 212 -31.85 28.32 12.54
N GLU A 213 -32.71 27.94 11.60
CA GLU A 213 -33.74 28.83 11.06
C GLU A 213 -35.00 27.96 10.89
N THR A 214 -36.19 28.57 10.82
CA THR A 214 -37.43 27.79 10.66
C THR A 214 -37.63 27.33 9.23
N ASN A 215 -38.52 26.35 9.07
CA ASN A 215 -38.99 25.86 7.76
C ASN A 215 -37.86 25.41 6.82
N LEU A 216 -36.93 24.64 7.38
CA LEU A 216 -35.83 24.08 6.60
C LEU A 216 -36.32 23.05 5.59
N THR A 217 -35.67 23.05 4.44
CA THR A 217 -35.85 22.02 3.42
C THR A 217 -34.99 20.79 3.72
N GLY A 218 -33.94 20.99 4.51
CA GLY A 218 -33.03 19.89 4.86
C GLY A 218 -32.06 20.35 5.93
N PHE A 219 -31.42 19.40 6.58
CA PHE A 219 -30.53 19.69 7.70
C PHE A 219 -29.61 18.49 7.91
N ARG A 220 -28.63 18.35 7.02
CA ARG A 220 -27.81 17.13 7.00
C ARG A 220 -26.42 17.32 6.40
N ASP A 221 -25.65 16.24 6.50
CA ASP A 221 -24.34 16.09 5.85
C ASP A 221 -23.31 17.03 6.48
N PRO A 222 -23.07 16.86 7.81
CA PRO A 222 -22.14 17.73 8.48
C PRO A 222 -20.72 17.52 7.99
N TYR A 223 -20.08 18.61 7.59
CA TYR A 223 -18.74 18.58 7.07
C TYR A 223 -17.82 19.30 8.06
N VAL A 224 -17.00 18.52 8.75
CA VAL A 224 -16.09 19.06 9.77
C VAL A 224 -14.74 19.36 9.14
N PHE A 225 -14.18 20.52 9.48
CA PHE A 225 -12.91 20.95 8.92
C PHE A 225 -12.20 21.96 9.83
N GLN A 226 -10.88 21.97 9.76
CA GLN A 226 -10.07 23.00 10.40
C GLN A 226 -9.79 24.08 9.35
N SER A 227 -9.64 25.31 9.81
CA SER A 227 -9.44 26.43 8.91
C SER A 227 -8.71 27.57 9.61
N PRO A 228 -7.37 27.62 9.48
CA PRO A 228 -6.61 28.79 9.92
C PRO A 228 -7.16 30.11 9.34
N ARG A 229 -7.64 30.05 8.09
CA ARG A 229 -8.31 31.17 7.43
C ARG A 229 -9.52 31.69 8.20
N LEU A 230 -10.48 30.81 8.49
CA LEU A 230 -11.68 31.23 9.22
C LEU A 230 -11.37 31.63 10.67
N GLU A 231 -10.42 30.95 11.30
CA GLU A 231 -9.99 31.34 12.65
C GLU A 231 -9.45 32.77 12.68
N ALA A 232 -8.58 33.09 11.72
CA ALA A 232 -8.01 34.44 11.60
C ALA A 232 -9.09 35.49 11.36
N LEU A 233 -10.02 35.19 10.46
CA LEU A 233 -11.14 36.10 10.16
C LEU A 233 -12.07 36.35 11.36
N LEU A 234 -12.28 35.33 12.19
CA LEU A 234 -13.20 35.43 13.32
C LEU A 234 -12.55 35.83 14.65
N ALA A 235 -11.22 35.86 14.71
CA ALA A 235 -10.49 36.11 15.95
C ALA A 235 -10.92 37.37 16.71
N ASN A 236 -11.28 38.42 15.98
CA ASN A 236 -11.71 39.69 16.61
C ASN A 236 -13.18 39.70 17.06
N THR A 237 -13.93 38.63 16.79
CA THR A 237 -15.36 38.53 17.09
C THR A 237 -15.70 37.46 18.12
N THR A 238 -14.70 36.75 18.66
CA THR A 238 -14.99 35.61 19.55
C THR A 238 -15.66 35.99 20.87
N SER A 239 -15.55 37.25 21.29
CA SER A 239 -16.34 37.79 22.42
C SER A 239 -17.84 37.77 22.17
N ILE A 240 -18.22 37.94 20.91
CA ILE A 240 -19.64 38.02 20.55
C ILE A 240 -20.32 36.65 20.66
N THR A 241 -19.64 35.61 20.19
CA THR A 241 -20.24 34.26 20.10
C THR A 241 -19.74 33.26 21.16
N ASN A 242 -18.57 33.55 21.75
CA ASN A 242 -17.87 32.64 22.68
C ASN A 242 -17.37 31.32 22.06
N ALA A 243 -17.41 31.21 20.73
CA ALA A 243 -16.96 29.98 20.06
C ALA A 243 -15.52 30.19 19.65
N THR A 244 -14.63 29.40 20.24
CA THR A 244 -13.18 29.54 20.04
C THR A 244 -12.50 28.24 19.62
N GLY A 245 -13.27 27.21 19.28
CA GLY A 245 -12.70 25.90 18.92
C GLY A 245 -11.96 25.94 17.60
N ASP A 246 -11.12 24.92 17.39
CA ASP A 246 -10.33 24.81 16.17
C ASP A 246 -10.99 24.00 15.05
N HIS A 247 -12.21 23.50 15.26
CA HIS A 247 -13.00 22.86 14.20
C HIS A 247 -14.24 23.67 13.86
N PHE A 248 -14.53 23.69 12.57
CA PHE A 248 -15.77 24.22 12.03
C PHE A 248 -16.57 23.07 11.47
N ALA A 249 -17.88 23.29 11.32
CA ALA A 249 -18.74 22.32 10.66
C ALA A 249 -19.82 23.03 9.88
N THR A 250 -20.00 22.65 8.62
CA THR A 250 -21.15 23.11 7.86
C THR A 250 -22.23 22.03 7.85
N ILE A 251 -23.48 22.47 7.82
CA ILE A 251 -24.63 21.59 7.64
C ILE A 251 -25.41 22.07 6.42
N SER A 252 -25.76 21.13 5.54
CA SER A 252 -26.37 21.44 4.26
C SER A 252 -27.89 21.46 4.34
N GLY A 253 -28.50 22.47 3.75
CA GLY A 253 -29.95 22.55 3.71
C GLY A 253 -30.48 23.69 2.88
N GLY A 254 -31.48 24.38 3.41
CA GLY A 254 -32.18 25.44 2.70
C GLY A 254 -33.42 25.85 3.47
N VAL A 255 -34.20 26.75 2.88
CA VAL A 255 -35.43 27.27 3.50
C VAL A 255 -36.55 27.18 2.47
N HIS A 256 -37.70 26.68 2.90
CA HIS A 256 -38.84 26.47 2.01
C HIS A 256 -39.21 27.76 1.28
N GLY A 257 -39.32 27.66 -0.04
CA GLY A 257 -39.62 28.79 -0.90
C GLY A 257 -38.51 29.80 -1.15
N ASP A 258 -37.36 29.69 -0.46
CA ASP A 258 -36.36 30.76 -0.45
C ASP A 258 -34.90 30.31 -0.71
N GLY A 259 -34.73 29.14 -1.31
CA GLY A 259 -33.42 28.68 -1.77
C GLY A 259 -32.60 27.92 -0.75
N ALA A 260 -31.43 27.47 -1.21
CA ALA A 260 -30.53 26.64 -0.41
C ALA A 260 -29.72 27.46 0.58
N ARG A 261 -29.22 26.77 1.59
CA ARG A 261 -28.38 27.36 2.63
C ARG A 261 -27.31 26.37 3.04
N LEU A 262 -26.11 26.88 3.30
CA LEU A 262 -25.08 26.13 3.98
C LEU A 262 -24.84 26.83 5.30
N PHE A 263 -25.16 26.14 6.39
CA PHE A 263 -25.11 26.71 7.74
C PHE A 263 -23.75 26.44 8.36
N LEU A 264 -23.12 27.49 8.93
CA LEU A 264 -21.81 27.34 9.54
C LEU A 264 -21.90 27.28 11.06
N TYR A 265 -21.28 26.24 11.62
CA TYR A 265 -21.11 26.07 13.06
C TYR A 265 -19.63 26.12 13.38
N ARG A 266 -19.32 26.52 14.61
CA ARG A 266 -17.97 26.42 15.13
C ARG A 266 -18.00 25.68 16.46
N GLN A 267 -17.07 24.74 16.60
CA GLN A 267 -16.80 24.05 17.85
C GLN A 267 -16.62 25.10 18.94
N HIS A 268 -17.38 24.96 20.01
CA HIS A 268 -17.36 25.94 21.06
C HIS A 268 -16.06 26.10 21.81
N THR A 269 -15.46 24.99 22.14
CA THR A 269 -14.22 24.95 22.91
C THR A 269 -13.32 23.86 22.34
N THR A 270 -12.05 24.21 22.11
CA THR A 270 -11.04 23.26 21.64
C THR A 270 -10.96 22.06 22.57
N GLY A 271 -10.82 20.88 21.98
CA GLY A 271 -10.77 19.63 22.74
C GLY A 271 -12.09 19.12 23.32
N GLU A 272 -13.21 19.80 23.02
CA GLU A 272 -14.53 19.38 23.49
C GLU A 272 -15.48 19.32 22.29
N PHE A 273 -16.25 18.24 22.18
CA PHE A 273 -16.95 17.90 20.93
C PHE A 273 -18.46 17.83 21.00
N ILE A 274 -19.02 18.14 22.17
CA ILE A 274 -20.46 18.14 22.36
C ILE A 274 -21.10 19.43 21.88
N LYS A 275 -20.50 20.57 22.21
CA LYS A 275 -21.12 21.88 21.94
C LYS A 275 -20.58 22.50 20.65
N TRP A 276 -21.50 22.75 19.72
CA TRP A 276 -21.20 23.40 18.44
C TRP A 276 -22.10 24.63 18.37
N THR A 277 -21.51 25.79 18.11
CA THR A 277 -22.25 27.05 18.12
C THR A 277 -22.57 27.46 16.70
N TYR A 278 -23.85 27.66 16.42
CA TYR A 278 -24.30 28.16 15.14
C TYR A 278 -23.84 29.61 14.98
N LEU A 279 -23.11 29.91 13.91
CA LEU A 279 -22.64 31.27 13.63
C LEU A 279 -23.62 31.98 12.71
N GLY A 280 -23.89 31.35 11.56
CA GLY A 280 -24.81 31.91 10.58
C GLY A 280 -24.73 31.18 9.26
N PRO A 281 -25.55 31.57 8.28
CA PRO A 281 -25.45 30.98 6.95
C PRO A 281 -24.17 31.40 6.25
N LEU A 282 -23.43 30.41 5.75
CA LEU A 282 -22.19 30.63 5.03
C LEU A 282 -22.47 30.94 3.57
N VAL A 283 -23.28 30.08 2.95
CA VAL A 283 -23.70 30.27 1.57
C VAL A 283 -25.22 30.39 1.53
N THR A 284 -25.70 31.42 0.85
CA THR A 284 -27.13 31.65 0.65
C THR A 284 -27.36 31.86 -0.83
N THR A 285 -28.19 31.01 -1.43
CA THR A 285 -28.56 31.13 -2.83
C THR A 285 -30.07 31.19 -2.98
N GLY A 286 -30.52 31.66 -4.13
CA GLY A 286 -31.94 31.87 -4.41
C GLY A 286 -32.62 30.60 -4.88
N TYR A 287 -33.95 30.59 -4.75
CA TYR A 287 -34.80 29.50 -5.21
C TYR A 287 -34.63 29.26 -6.71
N LYS A 288 -34.01 28.13 -7.06
CA LYS A 288 -33.66 27.78 -8.44
C LYS A 288 -32.87 28.86 -9.20
N GLU A 289 -32.03 29.59 -8.47
CA GLU A 289 -31.13 30.58 -9.06
C GLU A 289 -30.05 29.86 -9.85
N SER A 290 -29.68 30.39 -11.01
CA SER A 290 -28.55 29.89 -11.79
C SER A 290 -27.59 31.03 -12.07
N TYR A 291 -26.29 30.79 -11.90
CA TYR A 291 -25.28 31.76 -12.34
C TYR A 291 -25.05 31.71 -13.86
N GLY A 292 -25.58 30.68 -14.51
CA GLY A 292 -25.55 30.61 -15.97
C GLY A 292 -25.22 29.22 -16.51
N GLU A 293 -24.95 29.19 -17.80
CA GLU A 293 -24.73 27.98 -18.60
C GLU A 293 -23.53 27.14 -18.13
N TRP A 294 -22.54 27.78 -17.54
CA TRP A 294 -21.33 27.11 -17.05
C TRP A 294 -21.42 26.66 -15.59
N SER A 295 -22.58 26.87 -14.96
CA SER A 295 -22.67 26.82 -13.50
C SER A 295 -23.82 25.99 -12.92
N GLY A 296 -24.50 25.21 -13.77
CA GLY A 296 -25.66 24.43 -13.36
C GLY A 296 -26.76 25.32 -12.77
N ASN A 297 -27.38 24.85 -11.70
CA ASN A 297 -28.46 25.57 -11.04
C ASN A 297 -28.41 25.28 -9.55
N TYR A 298 -28.64 26.30 -8.73
CA TYR A 298 -28.54 26.17 -7.27
C TYR A 298 -29.73 25.49 -6.60
N GLY A 299 -30.77 25.19 -7.36
CA GLY A 299 -31.89 24.37 -6.89
C GLY A 299 -32.60 24.96 -5.69
N ILE A 300 -33.11 24.08 -4.82
CA ILE A 300 -33.88 24.50 -3.64
C ILE A 300 -33.26 24.10 -2.30
N ASN A 301 -32.21 23.29 -2.33
CA ASN A 301 -31.66 22.67 -1.12
C ASN A 301 -30.28 22.12 -1.45
N PHE A 302 -29.32 22.30 -0.53
CA PHE A 302 -27.98 21.73 -0.68
C PHE A 302 -27.88 20.37 0.00
N GLU A 303 -27.01 19.53 -0.56
CA GLU A 303 -26.62 18.26 0.05
C GLU A 303 -25.11 18.08 -0.09
N THR A 304 -24.54 17.33 0.85
CA THR A 304 -23.12 16.93 0.87
C THR A 304 -22.13 18.07 0.60
N ALA A 305 -22.38 19.24 1.18
CA ALA A 305 -21.51 20.38 0.94
C ALA A 305 -20.26 20.32 1.81
N GLY A 306 -19.15 20.81 1.24
CA GLY A 306 -17.87 20.90 1.94
C GLY A 306 -17.18 22.23 1.64
N VAL A 307 -16.15 22.52 2.44
CA VAL A 307 -15.41 23.78 2.39
C VAL A 307 -13.94 23.42 2.37
N THR A 308 -13.20 24.04 1.46
CA THR A 308 -11.76 23.83 1.38
C THR A 308 -11.06 25.11 0.95
N ARG A 309 -9.73 25.07 1.00
CA ARG A 309 -8.88 26.15 0.56
C ARG A 309 -7.73 25.54 -0.21
N LEU A 310 -7.53 26.01 -1.44
CA LEU A 310 -6.59 25.41 -2.36
C LEU A 310 -5.64 26.45 -2.90
N ASN A 311 -4.50 26.00 -3.41
CA ASN A 311 -3.57 26.84 -4.16
C ASN A 311 -3.12 26.00 -5.37
N PRO A 312 -2.24 26.55 -6.23
CA PRO A 312 -1.90 25.77 -7.43
C PRO A 312 -1.31 24.38 -7.21
N ALA A 313 -0.68 24.14 -6.07
CA ALA A 313 -0.09 22.82 -5.76
C ALA A 313 -1.05 21.81 -5.12
N GLY A 314 -2.16 22.28 -4.55
CA GLY A 314 -3.11 21.41 -3.85
C GLY A 314 -3.83 22.14 -2.73
N ALA A 315 -3.81 21.56 -1.53
CA ALA A 315 -4.44 22.16 -0.36
C ALA A 315 -3.59 23.30 0.20
N ALA A 316 -4.27 24.35 0.66
CA ALA A 316 -3.64 25.51 1.24
C ALA A 316 -4.10 25.62 2.69
N TRP A 317 -3.15 25.67 3.62
CA TRP A 317 -3.44 25.76 5.06
C TRP A 317 -3.00 27.10 5.67
N ASP A 318 -2.82 28.12 4.84
CA ASP A 318 -2.48 29.47 5.30
C ASP A 318 -3.71 30.18 5.88
N ASN A 319 -3.46 31.30 6.55
CA ASN A 319 -4.52 32.09 7.20
C ASN A 319 -5.11 33.22 6.32
N GLY A 320 -4.77 33.24 5.04
CA GLY A 320 -5.10 34.34 4.15
C GLY A 320 -3.87 34.98 3.51
N SER A 321 -2.71 34.75 4.12
CA SER A 321 -1.45 35.32 3.67
C SER A 321 -0.95 34.84 2.29
N ASP A 322 -1.34 33.64 1.89
CA ASP A 322 -0.99 33.12 0.55
C ASP A 322 -1.93 33.74 -0.47
N THR A 323 -1.41 34.66 -1.28
CA THR A 323 -2.20 35.35 -2.30
C THR A 323 -2.58 34.46 -3.48
N THR A 324 -1.92 33.30 -3.63
CA THR A 324 -2.27 32.34 -4.69
C THR A 324 -3.40 31.39 -4.28
N ALA A 325 -3.82 31.43 -3.02
CA ALA A 325 -4.82 30.49 -2.50
C ALA A 325 -6.22 31.04 -2.69
N VAL A 326 -7.17 30.11 -2.83
CA VAL A 326 -8.57 30.44 -3.10
C VAL A 326 -9.45 29.57 -2.20
N ASP A 327 -10.49 30.17 -1.63
CA ASP A 327 -11.47 29.46 -0.83
C ASP A 327 -12.56 28.90 -1.74
N PHE A 328 -12.89 27.62 -1.56
CA PHE A 328 -13.89 26.94 -2.38
C PHE A 328 -14.93 26.26 -1.50
N VAL A 329 -16.16 26.21 -2.01
CA VAL A 329 -17.21 25.39 -1.46
C VAL A 329 -17.62 24.41 -2.56
N THR A 330 -17.78 23.13 -2.20
CA THR A 330 -18.33 22.13 -3.12
C THR A 330 -19.66 21.70 -2.53
N PHE A 331 -20.65 21.45 -3.39
CA PHE A 331 -22.02 21.17 -2.91
C PHE A 331 -22.90 20.57 -3.99
N GLY A 332 -23.79 19.68 -3.56
CA GLY A 332 -24.86 19.17 -4.39
C GLY A 332 -26.06 20.07 -4.27
N THR A 333 -26.82 20.22 -5.34
CA THR A 333 -28.10 20.92 -5.29
C THR A 333 -29.18 20.00 -5.82
N GLU A 334 -30.40 20.18 -5.32
CA GLU A 334 -31.52 19.41 -5.80
C GLU A 334 -32.69 20.25 -6.29
N GLN A 335 -33.45 19.65 -7.21
CA GLN A 335 -34.62 20.24 -7.85
C GLN A 335 -34.33 21.48 -8.68
N GLY A 336 -33.12 21.60 -9.21
CA GLY A 336 -32.76 22.65 -10.16
C GLY A 336 -32.36 22.10 -11.52
N ARG A 337 -32.72 20.85 -11.80
CA ARG A 337 -32.32 20.19 -13.04
C ARG A 337 -33.44 19.28 -13.54
N ALA A 338 -33.63 19.30 -14.85
CA ALA A 338 -34.70 18.55 -15.52
C ALA A 338 -34.44 17.03 -15.59
N ASP A 339 -33.17 16.65 -15.52
CA ASP A 339 -32.75 15.25 -15.65
C ASP A 339 -31.62 15.00 -14.65
N HIS A 340 -30.91 13.90 -14.78
CA HIS A 340 -29.86 13.55 -13.85
C HIS A 340 -30.37 13.56 -12.43
N GLN A 341 -31.57 13.02 -12.29
CA GLN A 341 -32.28 12.88 -11.02
C GLN A 341 -32.39 14.18 -10.25
N ASN A 342 -32.58 15.25 -11.02
CA ASN A 342 -32.72 16.61 -10.50
C ASN A 342 -31.52 17.12 -9.69
N HIS A 343 -30.34 16.53 -9.91
CA HIS A 343 -29.15 16.80 -9.08
C HIS A 343 -27.97 17.38 -9.85
N TRP A 344 -27.39 18.46 -9.31
CA TRP A 344 -26.15 19.05 -9.82
C TRP A 344 -25.07 18.94 -8.74
N PRO A 345 -23.89 18.37 -9.06
CA PRO A 345 -22.74 18.52 -8.18
C PRO A 345 -21.89 19.72 -8.61
N LEU A 346 -21.91 20.76 -7.77
CA LEU A 346 -21.35 22.05 -8.11
C LEU A 346 -20.16 22.42 -7.24
N TRP A 347 -19.50 23.51 -7.61
CA TRP A 347 -18.50 24.16 -6.75
C TRP A 347 -18.53 25.66 -6.99
N ALA A 348 -18.03 26.42 -6.01
CA ALA A 348 -17.91 27.87 -6.15
C ALA A 348 -16.64 28.36 -5.46
N ALA A 349 -15.95 29.29 -6.11
CA ALA A 349 -14.89 30.06 -5.47
C ALA A 349 -15.58 31.16 -4.69
N VAL A 350 -15.15 31.39 -3.45
CA VAL A 350 -15.82 32.36 -2.58
C VAL A 350 -14.85 33.33 -1.94
N ASP A 351 -15.35 34.52 -1.62
CA ASP A 351 -14.63 35.51 -0.85
C ASP A 351 -15.37 35.71 0.46
N TYR A 352 -14.67 35.45 1.57
CA TYR A 352 -15.31 35.51 2.89
C TYR A 352 -15.39 36.95 3.40
N GLU A 353 -16.55 37.31 3.94
CA GLU A 353 -16.78 38.57 4.65
C GLU A 353 -17.21 38.24 6.07
N VAL A 354 -16.73 39.01 7.04
CA VAL A 354 -17.11 38.82 8.44
C VAL A 354 -18.31 39.71 8.74
N ARG A 355 -19.36 39.12 9.31
CA ARG A 355 -20.55 39.86 9.72
C ARG A 355 -20.36 40.42 11.13
N ASP A 356 -21.15 41.43 11.45
CA ASP A 356 -21.09 42.08 12.78
C ASP A 356 -21.40 41.12 13.93
N ASN A 357 -22.24 40.11 13.69
CA ASN A 357 -22.55 39.11 14.73
C ASN A 357 -21.53 37.96 14.87
N GLY A 358 -20.37 38.08 14.23
CA GLY A 358 -19.29 37.10 14.38
C GLY A 358 -19.52 35.84 13.57
N SER A 359 -20.10 36.01 12.39
CA SER A 359 -20.33 34.92 11.45
C SER A 359 -19.68 35.29 10.13
N ILE A 360 -19.72 34.36 9.17
CA ILE A 360 -19.04 34.52 7.90
C ILE A 360 -20.04 34.40 6.76
N GLU A 361 -20.00 35.37 5.85
CA GLU A 361 -20.70 35.27 4.58
C GLU A 361 -19.68 34.89 3.50
N ALA A 362 -19.94 33.77 2.83
CA ALA A 362 -19.13 33.35 1.68
C ALA A 362 -19.79 33.89 0.42
N VAL A 363 -19.19 34.93 -0.16
CA VAL A 363 -19.74 35.56 -1.35
C VAL A 363 -19.16 34.86 -2.57
N ILE A 364 -20.04 34.35 -3.42
CA ILE A 364 -19.64 33.62 -4.62
C ILE A 364 -18.97 34.56 -5.64
N ALA A 365 -17.73 34.22 -5.98
CA ALA A 365 -16.92 34.97 -6.96
C ALA A 365 -17.06 34.41 -8.37
N TYR A 366 -17.06 33.08 -8.46
CA TYR A 366 -17.36 32.36 -9.68
C TYR A 366 -17.77 30.94 -9.32
N SER A 367 -18.46 30.27 -10.23
CA SER A 367 -19.23 29.07 -9.88
C SER A 367 -19.23 28.09 -11.05
N GLY A 368 -18.92 26.83 -10.75
CA GLY A 368 -18.81 25.80 -11.76
C GLY A 368 -19.46 24.48 -11.39
N VAL A 369 -19.09 23.45 -12.14
CA VAL A 369 -19.67 22.12 -12.05
C VAL A 369 -18.53 21.15 -11.77
N GLN A 370 -18.70 20.28 -10.77
CA GLN A 370 -17.66 19.31 -10.43
C GLN A 370 -17.66 18.11 -11.39
N ASP A 371 -18.84 17.69 -11.84
CA ASP A 371 -18.99 16.63 -12.84
C ASP A 371 -20.32 16.85 -13.56
N TRP A 372 -20.30 16.74 -14.88
CA TRP A 372 -21.48 17.07 -15.71
C TRP A 372 -22.41 15.89 -15.98
N GLY A 373 -22.04 14.69 -15.52
CA GLY A 373 -22.78 13.48 -15.84
C GLY A 373 -23.52 12.87 -14.66
N ARG A 374 -23.62 11.55 -14.68
CA ARG A 374 -24.41 10.80 -13.70
C ARG A 374 -23.63 10.54 -12.42
N SER A 375 -23.22 11.62 -11.76
CA SER A 375 -22.53 11.53 -10.49
C SER A 375 -22.99 12.64 -9.57
N TYR A 376 -22.76 12.43 -8.28
CA TYR A 376 -23.26 13.30 -7.23
C TYR A 376 -22.56 12.96 -5.92
N ALA A 377 -22.77 13.80 -4.91
CA ALA A 377 -22.35 13.52 -3.53
C ALA A 377 -20.84 13.47 -3.39
N TYR A 378 -20.17 14.48 -3.94
CA TYR A 378 -18.72 14.58 -3.84
C TYR A 378 -18.32 14.97 -2.42
N ALA A 379 -17.37 14.23 -1.88
CA ALA A 379 -16.78 14.49 -0.58
C ALA A 379 -15.30 14.75 -0.80
N SER A 380 -14.74 15.71 -0.08
CA SER A 380 -13.29 15.93 -0.12
C SER A 380 -12.69 15.85 1.27
N PHE A 381 -11.41 15.48 1.32
CA PHE A 381 -10.71 15.28 2.58
C PHE A 381 -9.22 15.56 2.42
N PRO A 382 -8.56 16.00 3.52
CA PRO A 382 -7.13 16.30 3.44
C PRO A 382 -6.27 15.04 3.42
N VAL A 383 -5.20 15.10 2.65
CA VAL A 383 -4.25 14.00 2.51
C VAL A 383 -2.86 14.60 2.64
N GLU A 384 -1.96 13.86 3.28
CA GLU A 384 -0.60 14.32 3.55
C GLU A 384 0.11 14.78 2.28
N GLY A 385 1.01 15.76 2.45
CA GLY A 385 1.68 16.40 1.33
C GLY A 385 0.87 17.53 0.72
N TYR A 386 0.03 18.17 1.54
CA TYR A 386 -0.74 19.35 1.13
C TYR A 386 -1.68 19.06 -0.03
N ARG A 387 -2.49 18.01 0.13
CA ARG A 387 -3.45 17.59 -0.88
C ARG A 387 -4.86 17.66 -0.31
N GLN A 388 -5.81 17.94 -1.19
CA GLN A 388 -7.24 17.78 -0.90
C GLN A 388 -7.77 16.86 -1.98
N VAL A 389 -8.29 15.71 -1.57
CA VAL A 389 -8.73 14.68 -2.49
C VAL A 389 -10.25 14.57 -2.45
N SER A 390 -10.86 14.49 -3.62
CA SER A 390 -12.31 14.47 -3.77
C SER A 390 -12.75 13.20 -4.49
N VAL A 391 -13.90 12.67 -4.06
CA VAL A 391 -14.47 11.46 -4.65
C VAL A 391 -15.99 11.55 -4.57
N GLY A 392 -16.66 11.04 -5.60
CA GLY A 392 -18.11 11.08 -5.69
C GLY A 392 -18.71 9.72 -5.95
N TRP A 393 -20.01 9.71 -6.20
CA TRP A 393 -20.78 8.51 -6.46
C TRP A 393 -21.34 8.58 -7.86
N ILE A 394 -21.09 7.53 -8.65
CA ILE A 394 -21.67 7.37 -9.98
C ILE A 394 -22.85 6.41 -9.86
N TYR A 395 -24.03 6.93 -10.15
CA TYR A 395 -25.24 6.10 -10.14
C TYR A 395 -25.39 5.37 -11.47
N GLU A 396 -26.26 4.36 -11.48
CA GLU A 396 -26.53 3.58 -12.70
C GLU A 396 -27.39 4.42 -13.64
N ASP A 397 -27.69 3.89 -14.82
CA ASP A 397 -28.67 4.52 -15.71
C ASP A 397 -29.81 3.54 -15.99
N ASP A 398 -30.52 3.22 -14.91
CA ASP A 398 -31.65 2.30 -14.93
C ASP A 398 -32.70 2.87 -13.96
N ASP A 399 -33.16 4.07 -14.29
CA ASP A 399 -34.04 4.85 -13.40
C ASP A 399 -35.37 4.17 -13.09
N ASN A 400 -35.86 3.33 -14.00
CA ASN A 400 -37.09 2.57 -13.79
C ASN A 400 -36.90 1.23 -13.09
N VAL A 401 -35.68 0.93 -12.66
CA VAL A 401 -35.37 -0.25 -11.82
C VAL A 401 -35.75 -1.54 -12.54
N ILE A 402 -35.41 -1.61 -13.82
CA ILE A 402 -35.80 -2.74 -14.67
C ILE A 402 -34.87 -3.94 -14.51
N LEU A 403 -33.56 -3.70 -14.42
CA LEU A 403 -32.58 -4.79 -14.28
C LEU A 403 -31.74 -4.74 -13.00
N ALA A 404 -32.17 -3.95 -12.01
CA ALA A 404 -31.39 -3.78 -10.78
C ALA A 404 -31.25 -5.09 -10.00
N LYS A 405 -32.35 -5.83 -9.87
CA LYS A 405 -32.29 -7.14 -9.19
C LYS A 405 -31.39 -8.14 -9.92
N GLN A 406 -31.43 -8.09 -11.24
CA GLN A 406 -30.59 -8.95 -12.08
C GLN A 406 -29.10 -8.60 -11.93
N PHE A 407 -28.79 -7.32 -11.78
CA PHE A 407 -27.42 -6.88 -11.42
C PHE A 407 -27.03 -7.44 -10.06
N GLY A 408 -27.91 -7.26 -9.07
CA GLY A 408 -27.59 -7.59 -7.67
C GLY A 408 -26.78 -6.52 -6.95
N TYR A 409 -26.65 -5.34 -7.56
CA TYR A 409 -25.95 -4.20 -6.98
C TYR A 409 -26.38 -2.95 -7.75
N GLN A 410 -26.16 -1.79 -7.12
CA GLN A 410 -26.31 -0.48 -7.77
C GLN A 410 -25.25 0.46 -7.24
N GLY A 411 -24.53 1.12 -8.14
CA GLY A 411 -23.66 2.25 -7.79
C GLY A 411 -22.19 1.92 -7.72
N ALA A 412 -21.37 2.95 -7.91
CA ALA A 412 -19.92 2.89 -7.72
C ALA A 412 -19.40 4.27 -7.36
N PHE A 413 -18.15 4.36 -6.93
CA PHE A 413 -17.49 5.66 -6.78
C PHE A 413 -16.96 6.14 -8.14
N THR A 414 -16.68 7.43 -8.20
CA THR A 414 -15.80 7.99 -9.23
C THR A 414 -14.37 7.58 -8.87
N LEU A 415 -13.42 7.99 -9.69
CA LEU A 415 -12.02 7.92 -9.28
C LEU A 415 -11.76 9.02 -8.25
N PHE A 416 -10.68 8.85 -7.50
CA PHE A 416 -10.26 9.84 -6.51
C PHE A 416 -9.49 10.92 -7.24
N ARG A 417 -9.81 12.18 -6.92
CA ARG A 417 -9.31 13.33 -7.67
C ARG A 417 -8.59 14.30 -6.76
N ASP A 418 -7.36 14.68 -7.13
CA ASP A 418 -6.68 15.80 -6.47
C ASP A 418 -7.34 17.09 -6.90
N LEU A 419 -7.69 17.93 -5.92
CA LEU A 419 -8.14 19.29 -6.18
C LEU A 419 -6.98 20.26 -6.04
N PHE A 420 -6.99 21.30 -6.87
CA PHE A 420 -5.96 22.33 -6.86
C PHE A 420 -6.51 23.55 -7.60
N VAL A 421 -5.80 24.67 -7.52
CA VAL A 421 -6.15 25.85 -8.32
C VAL A 421 -5.46 25.71 -9.67
N LYS A 422 -6.27 25.56 -10.72
CA LYS A 422 -5.75 25.52 -12.08
C LYS A 422 -5.50 26.95 -12.52
N VAL A 423 -4.26 27.21 -12.96
CA VAL A 423 -3.84 28.51 -13.44
C VAL A 423 -3.37 28.36 -14.88
N VAL A 424 -3.93 29.18 -15.78
CA VAL A 424 -3.50 29.22 -17.16
C VAL A 424 -2.93 30.59 -17.43
N GLU A 425 -1.65 30.65 -17.81
CA GLU A 425 -0.98 31.90 -18.08
C GLU A 425 -0.99 32.23 -19.56
N ASN A 426 -0.78 33.51 -19.84
CA ASN A 426 -0.61 34.02 -21.19
C ASN A 426 -1.80 33.71 -22.08
N VAL A 427 -3.00 33.87 -21.52
CA VAL A 427 -4.22 33.62 -22.25
C VAL A 427 -4.50 34.84 -23.12
N SER A 428 -4.83 34.58 -24.38
CA SER A 428 -5.20 35.61 -25.33
C SER A 428 -6.54 36.23 -24.98
N PRO A 429 -6.61 37.57 -24.92
CA PRO A 429 -7.90 38.26 -24.70
C PRO A 429 -8.96 38.02 -25.78
N SER A 430 -8.56 37.52 -26.95
CA SER A 430 -9.53 37.19 -28.01
C SER A 430 -10.17 35.81 -27.84
N THR A 431 -9.82 35.08 -26.79
CA THR A 431 -10.53 33.85 -26.42
C THR A 431 -12.03 34.17 -26.30
N PRO A 432 -12.88 33.53 -27.12
CA PRO A 432 -14.31 33.84 -27.08
C PRO A 432 -14.91 33.65 -25.68
N GLY A 433 -15.67 34.64 -25.23
CA GLY A 433 -16.34 34.57 -23.94
C GLY A 433 -15.47 34.69 -22.70
N LEU A 434 -14.20 35.08 -22.84
CA LEU A 434 -13.25 35.01 -21.74
C LEU A 434 -13.63 35.87 -20.54
N PHE A 435 -14.21 37.04 -20.81
CA PHE A 435 -14.50 38.01 -19.75
C PHE A 435 -15.92 37.95 -19.16
N GLU A 436 -16.67 36.90 -19.53
CA GLU A 436 -17.83 36.49 -18.74
C GLU A 436 -17.40 36.01 -17.35
N GLN A 437 -16.19 35.45 -17.23
CA GLN A 437 -15.65 34.96 -15.94
C GLN A 437 -16.67 34.08 -15.19
N ALA A 438 -17.26 33.13 -15.91
CA ALA A 438 -18.41 32.37 -15.43
C ALA A 438 -18.03 31.32 -14.38
N SER A 439 -17.24 30.32 -14.76
CA SER A 439 -16.63 29.38 -13.81
C SER A 439 -15.09 29.58 -13.68
N TRP A 440 -14.62 30.78 -13.96
CA TRP A 440 -13.20 31.14 -13.80
C TRP A 440 -13.08 32.62 -13.49
N SER A 441 -11.89 33.03 -13.04
N SER A 441 -11.90 33.02 -13.04
CA SER A 441 -11.56 34.44 -12.89
CA SER A 441 -11.56 34.44 -12.89
C SER A 441 -10.50 34.79 -13.92
C SER A 441 -10.51 34.80 -13.92
N THR A 442 -10.43 36.08 -14.26
CA THR A 442 -9.43 36.60 -15.19
C THR A 442 -8.70 37.74 -14.54
N LYS A 443 -7.40 37.81 -14.76
CA LYS A 443 -6.60 38.92 -14.31
C LYS A 443 -5.71 39.39 -15.44
N ASN A 444 -5.90 40.62 -15.86
CA ASN A 444 -5.10 41.23 -16.91
C ASN A 444 -3.66 41.46 -16.49
N SER A 445 -2.74 41.26 -17.45
CA SER A 445 -1.39 41.80 -17.33
C SER A 445 -1.44 43.32 -17.28
N THR A 446 -0.36 43.94 -16.80
CA THR A 446 -0.25 45.42 -16.75
C THR A 446 -0.57 46.07 -18.10
N ASP A 447 -0.05 45.50 -19.18
CA ASP A 447 -0.25 46.07 -20.53
C ASP A 447 -1.58 45.68 -21.22
N GLY A 448 -2.39 44.87 -20.55
CA GLY A 448 -3.71 44.48 -21.08
C GLY A 448 -3.71 43.49 -22.24
N MET A 449 -2.55 42.94 -22.58
CA MET A 449 -2.40 42.09 -23.78
C MET A 449 -2.38 40.58 -23.49
N SER A 450 -2.34 40.21 -22.22
CA SER A 450 -2.52 38.81 -21.82
C SER A 450 -3.26 38.73 -20.50
N VAL A 451 -3.80 37.53 -20.24
CA VAL A 451 -4.68 37.30 -19.11
C VAL A 451 -4.22 36.04 -18.38
N THR A 452 -4.31 36.09 -17.05
CA THR A 452 -4.13 34.90 -16.21
C THR A 452 -5.52 34.41 -15.83
N VAL A 453 -5.82 33.17 -16.17
CA VAL A 453 -7.10 32.53 -15.84
C VAL A 453 -6.91 31.60 -14.64
N THR A 454 -7.86 31.65 -13.71
CA THR A 454 -7.84 30.83 -12.51
C THR A 454 -9.19 30.10 -12.42
N THR A 455 -9.15 28.80 -12.14
CA THR A 455 -10.37 28.01 -11.91
C THR A 455 -10.05 26.82 -11.02
N LEU A 456 -11.07 26.00 -10.72
CA LEU A 456 -10.86 24.77 -9.98
C LEU A 456 -10.26 23.72 -10.89
N GLY A 457 -9.13 23.16 -10.46
CA GLY A 457 -8.52 22.02 -11.15
C GLY A 457 -8.91 20.72 -10.50
N GLN A 458 -9.07 19.69 -11.34
CA GLN A 458 -9.33 18.32 -10.89
C GLN A 458 -8.51 17.37 -11.75
N ARG A 459 -7.78 16.45 -11.13
CA ARG A 459 -7.06 15.42 -11.86
C ARG A 459 -7.07 14.15 -11.04
N VAL A 460 -7.05 13.00 -11.72
CA VAL A 460 -7.05 11.71 -11.06
C VAL A 460 -5.77 11.62 -10.23
N VAL A 461 -5.88 11.11 -9.00
CA VAL A 461 -4.72 10.99 -8.12
C VAL A 461 -3.61 10.20 -8.81
N PRO A 462 -2.34 10.67 -8.69
CA PRO A 462 -1.25 10.02 -9.44
C PRO A 462 -0.99 8.56 -9.07
N GLU A 463 -1.33 8.16 -7.84
CA GLU A 463 -1.21 6.76 -7.41
C GLU A 463 -2.03 5.83 -8.29
N THR A 464 -3.24 6.27 -8.65
CA THR A 464 -4.15 5.51 -9.50
C THR A 464 -3.65 5.46 -10.94
N LEU A 465 -3.21 6.59 -11.47
CA LEU A 465 -2.68 6.63 -12.84
C LEU A 465 -1.45 5.75 -13.00
N ALA A 466 -0.54 5.79 -12.03
CA ALA A 466 0.67 4.95 -12.05
C ALA A 466 0.35 3.47 -11.97
N ALA A 467 -0.58 3.11 -11.08
CA ALA A 467 -1.00 1.71 -10.92
C ALA A 467 -1.73 1.19 -12.15
N TYR A 468 -2.64 1.99 -12.69
CA TYR A 468 -3.35 1.65 -13.94
C TYR A 468 -2.39 1.38 -15.09
N LYS A 469 -1.49 2.33 -15.33
CA LYS A 469 -0.54 2.22 -16.43
C LYS A 469 0.40 1.03 -16.25
N GLY A 470 0.96 0.87 -15.06
CA GLY A 470 1.90 -0.21 -14.79
C GLY A 470 1.33 -1.61 -14.86
N ASN A 471 0.05 -1.76 -14.55
CA ASN A 471 -0.63 -3.06 -14.63
C ASN A 471 -1.26 -3.34 -16.00
N SER A 472 -1.34 -2.32 -16.85
CA SER A 472 -1.97 -2.44 -18.16
C SER A 472 -0.99 -2.86 -19.26
N THR A 473 -1.52 -3.37 -20.36
CA THR A 473 -0.79 -3.44 -21.62
C THR A 473 -0.93 -2.07 -22.28
N VAL A 474 0.18 -1.33 -22.33
CA VAL A 474 0.20 0.04 -22.83
C VAL A 474 0.58 0.04 -24.31
N SER A 475 -0.26 0.66 -25.14
CA SER A 475 0.02 0.87 -26.55
C SER A 475 0.16 2.36 -26.80
N THR A 476 1.35 2.78 -27.20
CA THR A 476 1.63 4.16 -27.58
C THR A 476 1.31 4.26 -29.06
N LEU A 477 0.34 5.10 -29.43
CA LEU A 477 -0.17 5.14 -30.80
C LEU A 477 0.42 6.31 -31.58
N ALA A 478 0.56 6.11 -32.89
CA ALA A 478 1.11 7.13 -33.77
C ALA A 478 0.13 8.29 -33.87
N PRO A 479 0.65 9.53 -33.97
CA PRO A 479 -0.25 10.67 -34.17
C PRO A 479 -0.99 10.58 -35.50
N VAL A 480 -2.17 11.20 -35.53
CA VAL A 480 -3.10 11.10 -36.66
C VAL A 480 -3.58 12.50 -36.98
N MET A 481 -3.52 12.88 -38.26
CA MET A 481 -4.19 14.08 -38.75
C MET A 481 -5.54 13.67 -39.32
N LEU A 482 -6.60 14.27 -38.78
CA LEU A 482 -7.96 14.03 -39.27
C LEU A 482 -8.27 15.12 -40.27
N ASN A 483 -8.36 14.73 -41.55
CA ASN A 483 -8.55 15.68 -42.65
C ASN A 483 -9.68 15.18 -43.58
N GLU A 484 -9.64 15.55 -44.86
CA GLU A 484 -10.65 15.11 -45.83
C GLU A 484 -10.75 13.58 -45.96
N SER A 485 -9.63 12.88 -45.72
CA SER A 485 -9.60 11.42 -45.82
C SER A 485 -10.06 10.66 -44.57
N ALA A 486 -10.36 11.37 -43.47
CA ALA A 486 -10.74 10.71 -42.22
C ALA A 486 -12.12 10.07 -42.35
N ALA A 487 -12.22 8.80 -41.97
CA ALA A 487 -13.52 8.16 -41.79
C ALA A 487 -14.20 8.78 -40.56
N ALA A 488 -15.51 8.56 -40.46
CA ALA A 488 -16.26 9.00 -39.28
C ALA A 488 -15.73 8.35 -38.01
N TYR A 489 -15.39 7.06 -38.10
CA TYR A 489 -14.77 6.29 -37.04
C TYR A 489 -13.53 5.55 -37.56
N THR A 490 -12.42 5.72 -36.85
CA THR A 490 -11.17 5.03 -37.16
C THR A 490 -10.70 4.27 -35.91
N PRO A 491 -10.83 2.92 -35.90
CA PRO A 491 -10.32 2.16 -34.76
C PRO A 491 -8.84 2.39 -34.51
N PHE A 492 -8.43 2.38 -33.25
CA PHE A 492 -7.00 2.47 -32.92
C PHE A 492 -6.28 1.24 -33.47
N SER A 493 -5.00 1.42 -33.78
CA SER A 493 -4.15 0.34 -34.30
C SER A 493 -3.98 -0.83 -33.33
N SER A 494 -4.11 -0.55 -32.03
CA SER A 494 -4.23 -1.57 -31.00
C SER A 494 -5.60 -1.43 -30.32
N GLN A 495 -6.20 -2.56 -29.98
CA GLN A 495 -7.56 -2.57 -29.44
C GLN A 495 -7.58 -3.07 -27.99
N PRO A 496 -8.57 -2.62 -27.20
CA PRO A 496 -8.78 -3.22 -25.88
C PRO A 496 -9.13 -4.71 -25.99
N THR A 497 -8.94 -5.45 -24.90
CA THR A 497 -9.31 -6.87 -24.85
C THR A 497 -10.55 -7.14 -23.99
N ASP A 498 -11.07 -6.10 -23.32
CA ASP A 498 -12.21 -6.24 -22.40
C ASP A 498 -12.72 -4.82 -22.11
N ARG A 499 -13.63 -4.69 -21.14
CA ARG A 499 -14.25 -3.40 -20.81
C ARG A 499 -13.51 -2.61 -19.73
N PHE A 500 -12.19 -2.74 -19.66
CA PHE A 500 -11.38 -2.11 -18.62
C PHE A 500 -10.16 -1.51 -19.26
N TYR A 501 -10.25 -0.22 -19.56
CA TYR A 501 -9.17 0.47 -20.25
C TYR A 501 -9.24 1.97 -20.09
N ALA A 502 -8.11 2.61 -20.39
CA ALA A 502 -8.01 4.06 -20.42
C ALA A 502 -7.47 4.50 -21.77
N LEU A 503 -7.92 5.67 -22.19
CA LEU A 503 -7.42 6.33 -23.40
C LEU A 503 -6.99 7.72 -23.06
N THR A 504 -6.03 8.22 -23.81
CA THR A 504 -5.70 9.63 -23.75
C THR A 504 -5.33 10.13 -25.14
N GLY A 505 -5.53 11.43 -25.34
CA GLY A 505 -5.21 12.07 -26.60
C GLY A 505 -5.27 13.58 -26.49
N SER A 506 -4.45 14.25 -27.29
N SER A 506 -4.46 14.25 -27.30
CA SER A 506 -4.42 15.70 -27.37
CA SER A 506 -4.42 15.70 -27.37
C SER A 506 -4.93 16.11 -28.75
C SER A 506 -4.93 16.11 -28.75
N PHE A 507 -6.05 16.81 -28.78
CA PHE A 507 -6.73 17.21 -30.03
C PHE A 507 -6.45 18.68 -30.30
N GLU A 508 -5.75 18.96 -31.39
CA GLU A 508 -5.38 20.32 -31.75
C GLU A 508 -6.31 20.82 -32.85
N PHE A 509 -7.02 21.91 -32.57
CA PHE A 509 -8.00 22.47 -33.50
C PHE A 509 -7.55 23.84 -33.98
N GLY A 510 -7.94 24.19 -35.21
CA GLY A 510 -7.82 25.57 -35.68
C GLY A 510 -8.71 26.49 -34.87
N LEU A 511 -8.30 27.75 -34.73
CA LEU A 511 -9.06 28.72 -33.93
C LEU A 511 -10.46 29.02 -34.44
N ASN A 512 -10.72 28.81 -35.73
CA ASN A 512 -12.06 29.01 -36.30
C ASN A 512 -12.61 27.71 -36.88
N THR A 513 -12.23 26.58 -36.28
CA THR A 513 -12.71 25.28 -36.71
C THR A 513 -14.23 25.17 -36.55
N THR A 514 -14.85 24.40 -37.45
CA THR A 514 -16.20 23.90 -37.23
C THR A 514 -16.21 22.38 -37.24
N ALA A 515 -15.03 21.76 -37.14
CA ALA A 515 -14.93 20.30 -37.11
C ALA A 515 -15.22 19.80 -35.71
N LYS A 516 -15.57 18.52 -35.63
CA LYS A 516 -15.73 17.83 -34.35
C LYS A 516 -14.82 16.62 -34.35
N ALA A 517 -14.32 16.27 -33.17
CA ALA A 517 -13.52 15.05 -33.00
C ALA A 517 -13.66 14.52 -31.59
N GLY A 518 -13.25 13.27 -31.43
CA GLY A 518 -13.26 12.66 -30.11
C GLY A 518 -12.93 11.18 -30.14
N PHE A 519 -13.53 10.44 -29.21
CA PHE A 519 -13.27 9.01 -29.06
C PHE A 519 -14.58 8.24 -29.09
N ARG A 520 -14.55 7.10 -29.78
CA ARG A 520 -15.61 6.11 -29.66
C ARG A 520 -15.07 5.00 -28.75
N VAL A 521 -15.91 4.52 -27.83
CA VAL A 521 -15.53 3.47 -26.87
C VAL A 521 -16.63 2.42 -26.76
N LEU A 522 -16.28 1.28 -26.15
CA LEU A 522 -17.19 0.14 -25.97
C LEU A 522 -17.93 -0.19 -27.26
N ALA A 523 -17.13 -0.35 -28.32
CA ALA A 523 -17.62 -0.34 -29.69
C ALA A 523 -17.49 -1.67 -30.40
N SER A 524 -18.61 -2.11 -30.97
CA SER A 524 -18.64 -3.10 -32.03
C SER A 524 -19.36 -2.41 -33.20
N GLU A 525 -19.69 -3.17 -34.24
CA GLU A 525 -20.48 -2.66 -35.36
C GLU A 525 -21.85 -2.17 -34.89
N GLU A 526 -22.46 -2.89 -33.96
CA GLU A 526 -23.86 -2.62 -33.56
C GLU A 526 -24.06 -1.82 -32.28
N GLU A 527 -23.06 -1.76 -31.43
CA GLU A 527 -23.13 -0.98 -30.18
C GLU A 527 -21.86 -0.17 -30.04
N TYR A 528 -22.00 1.07 -29.61
CA TYR A 528 -20.87 1.96 -29.43
C TYR A 528 -21.32 3.23 -28.72
N THR A 529 -20.38 3.88 -28.06
CA THR A 529 -20.62 5.11 -27.32
C THR A 529 -19.65 6.16 -27.84
N ASP A 530 -20.19 7.33 -28.23
CA ASP A 530 -19.42 8.36 -28.91
C ASP A 530 -19.21 9.58 -28.04
N ILE A 531 -17.94 9.91 -27.82
CA ILE A 531 -17.55 11.08 -27.05
C ILE A 531 -17.01 12.11 -28.03
N TRP A 532 -17.74 13.22 -28.19
CA TRP A 532 -17.41 14.25 -29.18
C TRP A 532 -17.06 15.54 -28.48
N PHE A 533 -16.08 16.27 -29.02
CA PHE A 533 -15.95 17.68 -28.70
C PHE A 533 -16.17 18.52 -29.95
N ASP A 534 -16.92 19.61 -29.77
CA ASP A 534 -17.32 20.52 -30.84
C ASP A 534 -16.88 21.92 -30.42
N PRO A 535 -15.65 22.32 -30.79
CA PRO A 535 -15.13 23.61 -30.34
C PRO A 535 -15.99 24.83 -30.69
N ALA A 536 -16.70 24.81 -31.82
CA ALA A 536 -17.55 25.94 -32.21
C ALA A 536 -18.69 26.22 -31.20
N SER A 537 -19.26 25.15 -30.64
CA SER A 537 -20.30 25.26 -29.60
C SER A 537 -19.78 25.20 -28.16
N GLU A 538 -18.51 24.78 -28.00
CA GLU A 538 -17.86 24.56 -26.70
C GLU A 538 -18.48 23.41 -25.91
N ASN A 539 -19.05 22.44 -26.65
CA ASN A 539 -19.77 21.33 -26.04
C ASN A 539 -19.02 20.02 -26.19
N LEU A 540 -18.79 19.37 -25.06
CA LEU A 540 -18.32 18.00 -25.00
C LEU A 540 -19.56 17.15 -24.78
N THR A 541 -19.84 16.23 -25.69
CA THR A 541 -21.03 15.39 -25.57
C THR A 541 -20.68 13.92 -25.54
N VAL A 542 -21.56 13.13 -24.92
CA VAL A 542 -21.50 11.68 -25.01
C VAL A 542 -22.83 11.22 -25.59
N VAL A 543 -22.78 10.72 -26.82
CA VAL A 543 -23.97 10.26 -27.53
C VAL A 543 -24.11 8.77 -27.28
N ARG A 544 -25.28 8.39 -26.76
CA ARG A 544 -25.53 7.04 -26.27
C ARG A 544 -26.73 6.36 -26.93
N THR A 545 -27.14 6.89 -28.10
CA THR A 545 -28.24 6.31 -28.87
C THR A 545 -27.98 4.86 -29.30
N ALA A 546 -26.70 4.53 -29.51
CA ALA A 546 -26.30 3.18 -29.87
C ALA A 546 -25.48 2.47 -28.78
N SER A 547 -25.43 3.00 -27.56
CA SER A 547 -24.59 2.41 -26.49
C SER A 547 -24.93 0.96 -26.19
N SER A 548 -26.21 0.60 -26.30
CA SER A 548 -26.65 -0.76 -26.00
C SER A 548 -27.87 -1.21 -26.79
N LEU A 549 -27.91 -2.50 -27.12
CA LEU A 549 -29.10 -3.17 -27.65
C LEU A 549 -30.21 -3.31 -26.60
N ILE A 550 -29.84 -3.24 -25.31
CA ILE A 550 -30.79 -3.33 -24.22
C ILE A 550 -31.45 -1.95 -24.07
N LYS A 551 -32.75 -1.89 -24.36
CA LYS A 551 -33.45 -0.60 -24.49
C LYS A 551 -33.90 0.03 -23.16
N SER A 552 -33.88 -0.73 -22.06
CA SER A 552 -34.30 -0.20 -20.76
C SER A 552 -33.30 0.77 -20.10
N PHE A 553 -32.03 0.71 -20.50
CA PHE A 553 -31.03 1.64 -19.97
C PHE A 553 -31.17 3.01 -20.62
N GLY A 554 -30.76 4.05 -19.90
CA GLY A 554 -30.82 5.41 -20.41
C GLY A 554 -29.93 5.59 -21.64
N ASN A 555 -30.40 6.40 -22.58
CA ASN A 555 -29.67 6.64 -23.83
C ASN A 555 -29.61 8.13 -24.22
N ASP A 556 -29.83 9.00 -23.23
CA ASP A 556 -29.81 10.44 -23.47
C ASP A 556 -28.37 10.93 -23.61
N THR A 557 -28.20 12.02 -24.36
CA THR A 557 -26.88 12.60 -24.62
C THR A 557 -26.39 13.37 -23.41
N GLU A 558 -25.17 13.08 -22.95
CA GLU A 558 -24.53 13.84 -21.88
C GLU A 558 -23.92 15.09 -22.49
N LEU A 559 -23.81 16.15 -21.69
CA LEU A 559 -23.19 17.39 -22.15
C LEU A 559 -22.40 18.11 -21.07
N ALA A 560 -21.18 18.50 -21.40
CA ALA A 560 -20.37 19.40 -20.60
C ALA A 560 -19.89 20.58 -21.43
N LYS A 561 -19.81 21.75 -20.82
CA LYS A 561 -19.16 22.91 -21.43
C LYS A 561 -17.67 22.84 -21.14
N VAL A 562 -16.85 23.12 -22.15
CA VAL A 562 -15.39 23.19 -21.98
C VAL A 562 -14.88 24.45 -22.65
N LYS A 563 -14.15 25.27 -21.89
CA LYS A 563 -13.54 26.48 -22.42
C LYS A 563 -12.09 26.19 -22.80
N LEU A 564 -11.79 26.28 -24.09
CA LEU A 564 -10.41 26.21 -24.55
C LEU A 564 -9.80 27.61 -24.48
N TYR A 565 -9.03 27.84 -23.43
CA TYR A 565 -8.34 29.12 -23.23
C TYR A 565 -7.20 29.21 -24.25
N GLU A 566 -7.32 30.15 -25.18
CA GLU A 566 -6.38 30.29 -26.28
C GLU A 566 -5.16 31.04 -25.79
N ILE A 567 -3.98 30.57 -26.18
CA ILE A 567 -2.72 31.11 -25.68
C ILE A 567 -2.19 32.18 -26.65
N VAL A 568 -1.63 33.25 -26.09
CA VAL A 568 -1.10 34.37 -26.88
C VAL A 568 -0.08 33.82 -27.87
N GLY A 569 -0.26 34.14 -29.14
CA GLY A 569 0.65 33.70 -30.19
C GLY A 569 0.35 32.33 -30.81
N ALA A 570 -0.58 31.58 -30.23
CA ALA A 570 -0.93 30.27 -30.76
C ALA A 570 -1.89 30.44 -31.92
N GLU A 571 -1.74 29.61 -32.94
CA GLU A 571 -2.68 29.56 -34.07
C GLU A 571 -3.58 28.34 -34.00
N SER A 572 -3.70 27.77 -32.81
CA SER A 572 -4.56 26.62 -32.58
C SER A 572 -4.97 26.57 -31.11
N LYS A 573 -5.92 25.68 -30.81
CA LYS A 573 -6.39 25.48 -29.44
C LYS A 573 -6.52 23.97 -29.21
N THR A 574 -6.18 23.54 -28.00
CA THR A 574 -5.97 22.12 -27.72
C THR A 574 -6.89 21.58 -26.60
N LEU A 575 -7.44 20.41 -26.85
CA LEU A 575 -8.22 19.64 -25.88
C LEU A 575 -7.44 18.37 -25.54
N ASN A 576 -7.02 18.26 -24.30
CA ASN A 576 -6.48 17.02 -23.74
C ASN A 576 -7.59 16.24 -23.09
N LEU A 577 -7.89 15.09 -23.66
CA LEU A 577 -9.03 14.28 -23.28
C LEU A 577 -8.54 12.92 -22.80
N THR A 578 -8.97 12.53 -21.60
CA THR A 578 -8.67 11.23 -21.03
C THR A 578 -9.99 10.53 -20.70
N VAL A 579 -10.09 9.25 -21.05
CA VAL A 579 -11.31 8.47 -20.83
C VAL A 579 -10.97 7.18 -20.12
N PHE A 580 -11.68 6.90 -19.04
CA PHE A 580 -11.60 5.63 -18.34
C PHE A 580 -12.88 4.84 -18.59
N VAL A 581 -12.71 3.61 -19.08
CA VAL A 581 -13.79 2.68 -19.33
C VAL A 581 -13.61 1.56 -18.32
N ASP A 582 -14.64 1.31 -17.53
CA ASP A 582 -14.55 0.39 -16.40
C ASP A 582 -15.89 -0.30 -16.18
N GLY A 583 -16.09 -1.40 -16.89
CA GLY A 583 -17.35 -2.12 -16.88
C GLY A 583 -18.37 -1.30 -17.66
N SER A 584 -19.28 -0.68 -16.93
CA SER A 584 -20.27 0.22 -17.50
C SER A 584 -19.94 1.70 -17.29
N VAL A 585 -18.95 2.00 -16.46
CA VAL A 585 -18.56 3.39 -16.22
C VAL A 585 -17.71 3.90 -17.38
N ILE A 586 -18.07 5.10 -17.85
CA ILE A 586 -17.22 5.88 -18.74
C ILE A 586 -16.99 7.19 -17.99
N GLU A 587 -15.73 7.46 -17.65
CA GLU A 587 -15.38 8.63 -16.86
C GLU A 587 -14.37 9.47 -17.63
N ILE A 588 -14.77 10.71 -17.94
CA ILE A 588 -14.07 11.55 -18.90
C ILE A 588 -13.48 12.75 -18.17
N TYR A 589 -12.22 13.06 -18.49
CA TYR A 589 -11.54 14.22 -17.95
C TYR A 589 -10.99 15.06 -19.11
N ALA A 590 -11.23 16.37 -19.08
CA ALA A 590 -10.69 17.30 -20.09
C ALA A 590 -9.89 18.42 -19.44
N ASN A 591 -8.66 18.58 -19.86
CA ASN A 591 -7.79 19.63 -19.43
C ASN A 591 -7.65 19.86 -17.92
N ASP A 592 -7.64 18.80 -17.18
CA ASP A 592 -7.53 18.79 -15.71
C ASP A 592 -8.53 19.74 -15.07
N GLU A 593 -9.75 19.76 -15.62
CA GLU A 593 -10.73 20.78 -15.29
C GLU A 593 -12.15 20.24 -15.35
N VAL A 594 -12.52 19.70 -16.51
CA VAL A 594 -13.88 19.24 -16.77
C VAL A 594 -13.95 17.73 -16.57
N ALA A 595 -14.95 17.29 -15.81
CA ALA A 595 -15.19 15.87 -15.57
C ALA A 595 -16.62 15.52 -15.98
N LEU A 596 -16.79 14.35 -16.59
CA LEU A 596 -18.11 13.86 -17.00
C LEU A 596 -18.13 12.34 -16.83
N SER A 597 -18.94 11.87 -15.90
CA SER A 597 -19.11 10.45 -15.62
C SER A 597 -20.44 9.99 -16.20
N THR A 598 -20.45 8.85 -16.87
CA THR A 598 -21.71 8.32 -17.40
C THR A 598 -21.66 6.79 -17.47
N ARG A 599 -22.71 6.20 -18.05
CA ARG A 599 -22.89 4.76 -18.08
C ARG A 599 -23.23 4.27 -19.49
N ALA A 600 -22.67 3.13 -19.86
CA ALA A 600 -23.04 2.42 -21.08
C ALA A 600 -23.04 0.93 -20.81
N TYR A 601 -24.08 0.24 -21.26
CA TYR A 601 -24.28 -1.18 -20.97
C TYR A 601 -24.48 -2.02 -22.23
N PRO A 602 -23.51 -2.01 -23.17
CA PRO A 602 -23.66 -2.87 -24.35
C PRO A 602 -23.72 -4.35 -24.00
N TRP A 603 -24.61 -5.07 -24.68
CA TRP A 603 -24.81 -6.50 -24.43
C TRP A 603 -23.72 -7.39 -25.02
N LEU A 604 -23.30 -7.08 -26.24
CA LEU A 604 -22.44 -8.00 -27.00
C LEU A 604 -21.05 -8.07 -26.40
N ALA A 605 -20.52 -9.28 -26.33
CA ALA A 605 -19.20 -9.53 -25.77
C ALA A 605 -18.08 -8.76 -26.48
N ASN A 606 -18.24 -8.56 -27.79
CA ASN A 606 -17.20 -7.86 -28.58
C ASN A 606 -17.41 -6.32 -28.67
N SER A 607 -18.36 -5.77 -27.92
CA SER A 607 -18.54 -4.31 -27.87
C SER A 607 -17.55 -3.69 -26.87
N THR A 608 -16.27 -3.81 -27.20
CA THR A 608 -15.17 -3.33 -26.37
C THR A 608 -14.19 -2.42 -27.12
N GLY A 609 -14.35 -2.26 -28.44
CA GLY A 609 -13.39 -1.54 -29.24
C GLY A 609 -13.39 -0.04 -29.01
N ALA A 610 -12.35 0.61 -29.51
CA ALA A 610 -12.20 2.05 -29.39
C ALA A 610 -11.39 2.64 -30.52
N GLY A 611 -11.60 3.94 -30.75
CA GLY A 611 -10.88 4.66 -31.79
C GLY A 611 -11.28 6.11 -31.88
N LEU A 612 -10.88 6.75 -32.97
CA LEU A 612 -11.06 8.18 -33.17
C LEU A 612 -12.33 8.51 -33.93
N LEU A 613 -12.97 9.60 -33.53
CA LEU A 613 -14.15 10.13 -34.20
C LEU A 613 -13.79 11.42 -34.89
N ALA A 614 -14.37 11.65 -36.07
CA ALA A 614 -14.13 12.84 -36.86
C ALA A 614 -15.40 13.24 -37.59
N ASP A 615 -15.72 14.53 -37.56
CA ASP A 615 -16.88 15.05 -38.29
C ASP A 615 -16.55 16.42 -38.85
N GLY A 616 -16.78 16.58 -40.16
CA GLY A 616 -16.50 17.84 -40.83
C GLY A 616 -15.03 18.21 -40.90
N THR A 617 -14.14 17.21 -40.85
CA THR A 617 -12.72 17.45 -41.07
C THR A 617 -12.47 17.41 -42.58
N THR A 618 -11.66 18.36 -43.03
CA THR A 618 -11.41 18.58 -44.46
C THR A 618 -9.91 18.84 -44.67
N ALA A 619 -9.52 19.09 -45.93
CA ALA A 619 -8.15 19.51 -46.24
C ALA A 619 -7.78 20.83 -45.55
N GLY A 620 -8.76 21.72 -45.40
CA GLY A 620 -8.57 23.02 -44.77
C GLY A 620 -8.85 23.08 -43.28
N ASP A 621 -9.77 22.23 -42.80
CA ASP A 621 -10.15 22.21 -41.37
C ASP A 621 -9.69 20.86 -40.81
N VAL A 622 -8.46 20.85 -40.30
CA VAL A 622 -7.76 19.63 -39.91
C VAL A 622 -7.72 19.57 -38.39
N VAL A 623 -7.93 18.38 -37.83
CA VAL A 623 -7.74 18.16 -36.40
C VAL A 623 -6.51 17.27 -36.21
N GLY A 624 -5.51 17.80 -35.52
CA GLY A 624 -4.29 17.06 -35.23
C GLY A 624 -4.46 16.31 -33.91
N VAL A 625 -4.24 15.00 -33.93
CA VAL A 625 -4.33 14.18 -32.73
C VAL A 625 -2.95 13.60 -32.41
N SER A 626 -2.48 13.84 -31.19
CA SER A 626 -1.18 13.37 -30.73
C SER A 626 -1.24 12.96 -29.26
N GLY A 627 -0.15 12.43 -28.74
CA GLY A 627 -0.09 11.91 -27.37
C GLY A 627 -1.10 10.78 -27.14
N LEU A 628 -1.38 10.00 -28.18
CA LEU A 628 -2.39 8.94 -28.12
C LEU A 628 -1.84 7.73 -27.42
N GLU A 629 -2.60 7.21 -26.46
CA GLU A 629 -2.17 6.08 -25.67
C GLU A 629 -3.37 5.28 -25.20
N LEU A 630 -3.28 3.95 -25.32
CA LEU A 630 -4.28 3.02 -24.79
C LEU A 630 -3.65 2.23 -23.66
N TRP A 631 -4.31 2.21 -22.50
CA TRP A 631 -3.94 1.32 -21.40
C TRP A 631 -5.00 0.24 -21.27
N ASP A 632 -4.67 -0.98 -21.67
CA ASP A 632 -5.62 -2.09 -21.62
C ASP A 632 -5.44 -2.92 -20.35
N GLY A 633 -6.50 -2.98 -19.53
CA GLY A 633 -6.56 -3.86 -18.37
C GLY A 633 -6.81 -3.14 -17.06
N LEU A 634 -6.14 -2.01 -16.86
CA LEU A 634 -6.18 -1.25 -15.62
C LEU A 634 -5.73 -2.15 -14.44
N VAL A 635 -6.42 -2.06 -13.30
CA VAL A 635 -6.05 -2.79 -12.08
C VAL A 635 -7.28 -3.48 -11.51
N ASP A 636 -7.08 -4.65 -10.91
CA ASP A 636 -8.10 -5.30 -10.10
C ASP A 636 -8.12 -4.56 -8.75
N ALA A 637 -9.12 -3.69 -8.57
CA ALA A 637 -9.17 -2.84 -7.36
C ALA A 637 -9.52 -3.58 -6.07
N TRP A 638 -10.08 -4.79 -6.17
CA TRP A 638 -10.47 -5.57 -5.00
C TRP A 638 -9.87 -6.98 -5.09
N PRO A 639 -8.55 -7.09 -4.93
CA PRO A 639 -7.87 -8.37 -5.16
C PRO A 639 -8.35 -9.54 -4.28
N ALA A 640 -8.80 -9.26 -3.06
CA ALA A 640 -9.29 -10.34 -2.19
C ALA A 640 -10.71 -10.79 -2.53
N ARG A 641 -11.46 -10.00 -3.30
CA ARG A 641 -12.83 -10.37 -3.65
C ARG A 641 -12.85 -11.37 -4.78
N PRO A 642 -13.69 -12.43 -4.68
CA PRO A 642 -13.96 -13.20 -5.88
C PRO A 642 -14.78 -12.39 -6.90
N ALA A 643 -14.92 -12.93 -8.12
CA ALA A 643 -15.65 -12.25 -9.19
C ALA A 643 -17.10 -11.95 -8.81
N ASN A 644 -17.75 -12.92 -8.16
CA ASN A 644 -19.13 -12.77 -7.74
C ASN A 644 -19.21 -12.71 -6.21
N THR A 645 -19.40 -11.49 -5.69
CA THR A 645 -19.55 -11.26 -4.26
C THR A 645 -21.01 -11.03 -3.85
N SER A 646 -21.97 -11.37 -4.72
CA SER A 646 -23.37 -11.38 -4.35
C SER A 646 -23.61 -12.32 -3.18
N GLN A 647 -24.47 -11.91 -2.25
CA GLN A 647 -24.97 -12.78 -1.20
C GLN A 647 -26.47 -12.99 -1.34
N GLY A 648 -27.00 -12.78 -2.54
CA GLY A 648 -28.43 -12.81 -2.77
C GLY A 648 -29.10 -11.52 -2.35
N LEU A 649 -30.38 -11.41 -2.69
CA LEU A 649 -31.20 -10.25 -2.35
C LEU A 649 -32.35 -10.71 -1.48
N VAL A 650 -32.83 -9.80 -0.64
CA VAL A 650 -33.94 -10.10 0.27
C VAL A 650 -35.00 -9.02 0.18
N TRP A 651 -36.21 -9.40 0.61
CA TRP A 651 -37.34 -8.49 0.71
C TRP A 651 -37.62 -8.25 2.20
N ASP A 652 -37.87 -6.98 2.55
CA ASP A 652 -38.23 -6.61 3.92
C ASP A 652 -39.62 -7.09 4.35
N GLY A 653 -40.46 -7.42 3.38
CA GLY A 653 -41.79 -7.94 3.63
C GLY A 653 -42.83 -6.85 3.65
N PRO A 654 -44.08 -7.19 4.00
CA PRO A 654 -45.18 -6.22 3.96
C PRO A 654 -45.04 -5.03 4.91
N THR A 655 -44.25 -5.14 5.98
CA THR A 655 -44.06 -4.02 6.89
C THR A 655 -43.30 -2.83 6.28
N ALA A 656 -42.55 -3.04 5.20
CA ALA A 656 -41.82 -1.93 4.57
C ALA A 656 -42.78 -0.84 4.11
N ALA A 657 -43.87 -1.24 3.47
CA ALA A 657 -44.92 -0.31 3.06
C ALA A 657 -45.67 0.30 4.24
N MET A 658 -45.85 -0.47 5.32
CA MET A 658 -46.49 0.04 6.54
C MET A 658 -45.69 1.15 7.20
N TYR A 659 -44.38 0.93 7.36
CA TYR A 659 -43.50 1.95 7.94
C TYR A 659 -43.29 3.11 6.97
N GLY A 660 -43.26 2.81 5.68
CA GLY A 660 -43.19 3.83 4.63
C GLY A 660 -41.86 4.56 4.48
N LEU A 661 -40.80 4.00 5.07
CA LEU A 661 -39.49 4.66 5.09
C LEU A 661 -38.56 4.21 3.96
N PHE A 662 -38.61 2.92 3.66
CA PHE A 662 -37.74 2.29 2.67
C PHE A 662 -38.59 1.53 1.66
N ALA A 663 -38.11 1.41 0.43
CA ALA A 663 -38.80 0.61 -0.59
C ALA A 663 -39.00 -0.84 -0.14
N GLY A 664 -37.97 -1.40 0.50
CA GLY A 664 -38.03 -2.74 1.08
C GLY A 664 -37.28 -3.81 0.31
N TYR A 665 -36.69 -3.44 -0.83
CA TYR A 665 -35.95 -4.39 -1.67
C TYR A 665 -34.74 -3.69 -2.27
N CYS B 42 22.51 9.60 35.15
CA CYS B 42 22.29 9.39 33.68
C CYS B 42 22.16 10.70 32.91
N SER B 43 23.22 11.06 32.20
CA SER B 43 23.18 12.15 31.24
C SER B 43 22.94 11.58 29.85
N LEU B 44 22.02 12.20 29.12
CA LEU B 44 21.76 11.88 27.72
C LEU B 44 22.33 12.96 26.80
N ASP B 45 23.37 13.66 27.26
CA ASP B 45 24.01 14.70 26.47
C ASP B 45 24.90 14.04 25.42
N GLN B 46 24.44 14.06 24.17
CA GLN B 46 25.18 13.46 23.06
C GLN B 46 26.14 14.46 22.37
N THR B 47 26.37 15.63 22.99
CA THR B 47 27.40 16.55 22.53
C THR B 47 28.72 16.39 23.30
N VAL B 48 28.73 15.55 24.33
CA VAL B 48 29.94 15.25 25.08
C VAL B 48 30.10 13.74 25.17
N ALA B 49 31.25 13.29 25.63
CA ALA B 49 31.54 11.86 25.75
C ALA B 49 30.52 11.20 26.67
N PRO B 50 30.20 9.92 26.41
CA PRO B 50 29.18 9.26 27.22
C PRO B 50 29.69 8.98 28.62
N GLY B 51 28.81 9.12 29.60
CA GLY B 51 29.14 8.69 30.95
C GLY B 51 28.88 7.21 31.09
N ASN B 52 28.49 6.85 32.30
CA ASN B 52 28.16 5.49 32.66
C ASN B 52 26.69 5.30 32.34
N LEU B 53 26.41 4.73 31.18
CA LEU B 53 25.02 4.58 30.70
C LEU B 53 24.25 3.45 31.40
N THR B 54 24.95 2.59 32.14
CA THR B 54 24.28 1.57 32.96
C THR B 54 23.48 2.19 34.12
N LEU B 55 23.75 3.45 34.46
CA LEU B 55 22.95 4.17 35.46
C LEU B 55 21.60 4.66 34.93
N CYS B 56 21.42 4.66 33.61
CA CYS B 56 20.18 5.09 32.99
C CYS B 56 19.04 4.10 33.24
N GLY B 57 17.82 4.62 33.31
CA GLY B 57 16.64 3.81 33.55
C GLY B 57 16.20 3.00 32.35
N ASN B 58 15.17 2.19 32.57
CA ASN B 58 14.63 1.33 31.52
C ASN B 58 14.12 2.15 30.36
N ALA B 59 14.50 1.78 29.15
CA ALA B 59 14.02 2.42 27.92
C ALA B 59 14.37 3.92 27.80
N THR B 60 15.35 4.40 28.57
CA THR B 60 15.81 5.79 28.45
C THR B 60 16.63 6.00 27.18
N LEU B 61 17.21 4.92 26.65
CA LEU B 61 17.91 4.97 25.37
C LEU B 61 17.08 4.37 24.23
N PHE B 62 15.75 4.44 24.33
CA PHE B 62 14.87 3.79 23.37
C PHE B 62 15.07 4.29 21.94
N THR B 63 15.08 5.61 21.77
CA THR B 63 15.22 6.19 20.42
C THR B 63 16.66 6.44 19.96
N THR B 64 17.63 6.35 20.87
CA THR B 64 19.03 6.77 20.61
C THR B 64 19.67 6.06 19.42
N PHE B 65 19.53 4.73 19.38
CA PHE B 65 20.16 3.89 18.35
C PHE B 65 19.15 3.12 17.48
N ARG B 66 17.88 3.50 17.57
CA ARG B 66 16.80 2.66 17.08
C ARG B 66 16.58 2.83 15.57
N PRO B 67 16.52 1.70 14.82
CA PRO B 67 16.15 1.80 13.41
C PRO B 67 14.75 2.40 13.22
N LYS B 68 14.59 3.17 12.15
CA LYS B 68 13.30 3.78 11.79
C LYS B 68 12.73 3.33 10.44
N ALA B 69 13.58 2.79 9.57
CA ALA B 69 13.21 2.52 8.17
C ALA B 69 13.01 1.04 7.84
N ARG B 70 12.87 0.21 8.86
CA ARG B 70 12.74 -1.24 8.67
C ARG B 70 11.74 -1.87 9.64
N PHE B 71 11.50 -3.15 9.42
CA PHE B 71 10.63 -3.92 10.29
C PHE B 71 11.31 -4.13 11.65
N ILE B 72 10.60 -3.77 12.71
CA ILE B 72 11.05 -3.95 14.08
C ILE B 72 9.80 -3.99 14.96
N ALA B 73 9.85 -4.76 16.05
CA ALA B 73 8.74 -4.85 17.00
C ALA B 73 8.49 -3.47 17.66
N PRO B 74 7.28 -3.24 18.17
CA PRO B 74 7.07 -1.97 18.88
C PRO B 74 7.99 -1.76 20.09
N GLU B 75 8.36 -2.86 20.77
CA GLU B 75 9.25 -2.80 21.92
C GLU B 75 9.65 -4.20 22.32
N GLY B 76 10.61 -4.32 23.23
CA GLY B 76 11.00 -5.60 23.80
C GLY B 76 11.80 -6.48 22.87
N TRP B 77 11.81 -7.76 23.20
CA TRP B 77 12.63 -8.73 22.49
C TRP B 77 11.93 -9.22 21.22
N MET B 78 12.68 -9.28 20.13
CA MET B 78 12.26 -10.03 18.95
C MET B 78 13.41 -10.88 18.43
N ASN B 79 13.08 -12.01 17.80
CA ASN B 79 14.05 -12.73 16.97
C ASN B 79 13.47 -13.12 15.59
N ALA B 80 13.43 -14.41 15.27
CA ALA B 80 13.21 -14.90 13.91
C ALA B 80 11.90 -14.42 13.28
N PRO B 81 11.94 -14.03 11.98
CA PRO B 81 10.69 -13.92 11.23
C PRO B 81 9.97 -15.26 11.18
N MET B 82 8.65 -15.20 11.11
CA MET B 82 7.82 -16.40 11.03
C MET B 82 6.50 -16.08 10.37
N GLY B 83 5.78 -17.14 10.00
CA GLY B 83 4.43 -17.03 9.47
C GLY B 83 4.24 -16.09 8.30
N LEU B 84 5.27 -16.00 7.44
CA LEU B 84 5.26 -15.05 6.33
C LEU B 84 4.36 -15.52 5.20
N TYR B 85 3.44 -14.67 4.77
CA TYR B 85 2.64 -14.94 3.57
C TYR B 85 2.04 -13.70 2.97
N GLN B 86 1.81 -13.76 1.65
CA GLN B 86 1.07 -12.74 0.95
C GLN B 86 -0.41 -13.05 1.08
N ARG B 87 -1.15 -12.12 1.65
CA ARG B 87 -2.59 -12.29 1.89
C ARG B 87 -3.37 -12.13 0.60
N ALA B 88 -4.64 -12.52 0.62
CA ALA B 88 -5.51 -12.47 -0.57
C ALA B 88 -5.63 -11.08 -1.20
N ASP B 89 -5.56 -10.03 -0.38
CA ASP B 89 -5.59 -8.64 -0.89
C ASP B 89 -4.23 -8.14 -1.44
N GLY B 90 -3.23 -9.01 -1.49
CA GLY B 90 -1.90 -8.65 -1.99
C GLY B 90 -0.93 -8.12 -0.95
N SER B 91 -1.43 -7.79 0.26
CA SER B 91 -0.58 -7.30 1.33
C SER B 91 0.26 -8.43 1.91
N ILE B 92 1.31 -8.05 2.63
CA ILE B 92 2.26 -9.00 3.21
C ILE B 92 1.99 -9.09 4.70
N HIS B 93 1.84 -10.30 5.20
CA HIS B 93 1.73 -10.59 6.62
C HIS B 93 3.08 -11.09 7.11
N ALA B 94 3.64 -10.41 8.08
CA ALA B 94 4.90 -10.83 8.68
C ALA B 94 4.71 -11.07 10.16
N GLY B 95 5.05 -12.28 10.59
CA GLY B 95 5.12 -12.61 12.00
C GLY B 95 6.56 -12.56 12.47
N TYR B 96 6.74 -12.58 13.78
CA TYR B 96 8.08 -12.67 14.37
C TYR B 96 8.03 -13.21 15.79
N GLN B 97 9.08 -13.93 16.16
CA GLN B 97 9.28 -14.40 17.52
C GLN B 97 9.40 -13.19 18.43
N SER B 98 8.57 -13.13 19.47
CA SER B 98 8.35 -11.92 20.26
C SER B 98 8.22 -12.20 21.76
N HIS B 99 8.86 -11.38 22.57
CA HIS B 99 8.69 -11.37 24.03
C HIS B 99 8.54 -9.91 24.50
N PRO B 100 7.30 -9.38 24.45
CA PRO B 100 7.03 -8.01 24.86
C PRO B 100 7.40 -7.72 26.31
N LYS B 101 7.85 -6.49 26.57
CA LYS B 101 8.15 -5.98 27.92
C LYS B 101 9.29 -6.73 28.63
N HIS B 102 10.13 -7.38 27.83
CA HIS B 102 11.32 -8.08 28.29
C HIS B 102 12.40 -7.77 27.26
N ILE B 103 13.67 -7.92 27.66
CA ILE B 103 14.79 -7.77 26.70
C ILE B 103 15.64 -9.04 26.53
N GLN B 104 15.16 -10.16 27.07
CA GLN B 104 15.68 -11.48 26.74
C GLN B 104 14.53 -12.35 26.24
N TRP B 105 14.90 -13.42 25.56
CA TRP B 105 13.96 -14.40 25.00
C TRP B 105 13.14 -15.08 26.09
N GLY B 106 11.90 -15.43 25.76
CA GLY B 106 11.05 -16.22 26.66
C GLY B 106 9.58 -16.10 26.28
N ASN B 107 8.77 -17.00 26.83
CA ASN B 107 7.34 -17.11 26.51
C ASN B 107 7.07 -16.83 25.04
N ILE B 108 7.88 -17.42 24.18
CA ILE B 108 8.03 -16.85 22.87
C ILE B 108 6.74 -17.02 22.06
N SER B 109 6.35 -15.94 21.40
CA SER B 109 5.04 -15.77 20.79
C SER B 109 5.21 -15.19 19.39
N GLN B 110 4.16 -15.25 18.58
CA GLN B 110 4.15 -14.56 17.30
C GLN B 110 3.61 -13.14 17.49
N GLY B 111 4.47 -12.15 17.30
CA GLY B 111 4.04 -10.76 17.05
C GLY B 111 3.78 -10.65 15.56
N ALA B 112 2.95 -9.70 15.15
CA ALA B 112 2.62 -9.59 13.73
C ALA B 112 2.27 -8.19 13.26
N ALA B 113 2.43 -8.00 11.96
CA ALA B 113 2.13 -6.75 11.29
C ALA B 113 1.91 -7.00 9.81
N TYR B 114 1.41 -6.00 9.10
CA TYR B 114 1.16 -6.12 7.67
C TYR B 114 1.58 -4.88 6.89
N SER B 115 1.79 -5.07 5.60
CA SER B 115 2.27 -4.01 4.69
C SER B 115 1.83 -4.27 3.27
N SER B 116 1.52 -3.21 2.54
N SER B 116 1.52 -3.21 2.54
CA SER B 116 1.21 -3.32 1.11
CA SER B 116 1.21 -3.31 1.11
C SER B 116 2.44 -3.27 0.20
C SER B 116 2.45 -3.30 0.22
N ASP B 117 3.62 -2.93 0.75
CA ASP B 117 4.83 -2.69 -0.06
C ASP B 117 6.17 -3.13 0.57
N PHE B 118 6.12 -4.05 1.53
CA PHE B 118 7.30 -4.49 2.32
C PHE B 118 7.96 -3.42 3.21
N THR B 119 7.48 -2.18 3.15
CA THR B 119 8.27 -1.02 3.56
C THR B 119 7.59 -0.20 4.66
N SER B 120 6.33 0.15 4.44
CA SER B 120 5.50 0.83 5.44
C SER B 120 4.56 -0.19 6.08
N TRP B 121 4.63 -0.31 7.41
CA TRP B 121 3.95 -1.37 8.15
C TRP B 121 2.94 -0.85 9.16
N THR B 122 1.99 -1.72 9.51
CA THR B 122 0.97 -1.46 10.51
C THR B 122 0.88 -2.66 11.43
N ASP B 123 0.93 -2.40 12.74
CA ASP B 123 0.81 -3.45 13.75
C ASP B 123 -0.62 -3.98 13.81
N PHE B 124 -0.76 -5.28 14.01
CA PHE B 124 -2.03 -5.83 14.48
C PHE B 124 -2.23 -5.36 15.92
N ASN B 125 -3.50 -5.20 16.31
CA ASN B 125 -3.85 -4.80 17.66
C ASN B 125 -5.08 -5.58 18.10
N GLY B 126 -4.90 -6.52 19.02
CA GLY B 126 -5.97 -7.38 19.51
C GLY B 126 -5.94 -7.45 21.01
N SER B 127 -6.54 -8.51 21.56
CA SER B 127 -6.61 -8.69 23.01
C SER B 127 -5.23 -8.84 23.66
N GLU B 128 -4.24 -9.35 22.91
CA GLU B 128 -2.85 -9.46 23.38
C GLU B 128 -1.93 -8.46 22.69
N GLY B 129 -2.41 -7.24 22.47
CA GLY B 129 -1.63 -6.21 21.82
C GLY B 129 -1.27 -6.60 20.40
N TYR B 130 0.02 -6.63 20.10
CA TYR B 130 0.50 -6.98 18.75
C TYR B 130 0.83 -8.47 18.60
N LYS B 131 0.66 -9.25 19.66
CA LYS B 131 0.74 -10.71 19.56
C LYS B 131 -0.51 -11.29 18.91
N THR B 132 -0.31 -12.36 18.15
CA THR B 132 -1.43 -13.11 17.55
C THR B 132 -1.42 -14.62 17.84
N ILE B 133 -0.29 -15.18 18.27
CA ILE B 133 -0.23 -16.55 18.78
C ILE B 133 0.72 -16.54 19.98
N TRP B 134 0.34 -17.26 21.03
CA TRP B 134 1.11 -17.29 22.27
C TRP B 134 0.98 -18.65 22.93
N PRO B 135 1.93 -19.00 23.81
CA PRO B 135 1.80 -20.23 24.59
C PRO B 135 0.49 -20.27 25.38
N SER B 136 -0.26 -21.37 25.23
CA SER B 136 -1.58 -21.52 25.86
C SER B 136 -2.03 -22.95 26.19
N GLN B 137 -1.26 -23.96 25.77
CA GLN B 137 -1.66 -25.35 25.88
C GLN B 137 -0.45 -26.13 26.35
N ILE B 138 -0.67 -27.28 26.96
CA ILE B 138 0.43 -28.12 27.44
C ILE B 138 1.49 -28.37 26.35
N TYR B 139 1.03 -28.53 25.11
CA TYR B 139 1.91 -28.84 23.98
C TYR B 139 2.77 -27.67 23.49
N ASP B 140 2.35 -26.42 23.74
CA ASP B 140 3.14 -25.23 23.35
C ASP B 140 3.42 -24.22 24.46
N ILE B 141 3.22 -24.61 25.72
CA ILE B 141 3.34 -23.66 26.85
C ILE B 141 4.77 -23.13 27.04
N ARG B 142 5.77 -23.89 26.60
CA ARG B 142 7.17 -23.49 26.71
C ARG B 142 7.60 -22.52 25.61
N GLY B 143 6.78 -22.38 24.57
CA GLY B 143 7.07 -21.45 23.49
C GLY B 143 6.40 -21.83 22.18
N VAL B 144 5.87 -20.81 21.50
CA VAL B 144 5.39 -20.91 20.13
C VAL B 144 6.58 -20.52 19.26
N PHE B 145 7.30 -21.53 18.81
CA PHE B 145 8.51 -21.35 18.00
C PHE B 145 8.14 -21.04 16.54
N ASP B 146 9.16 -20.95 15.68
CA ASP B 146 8.98 -20.67 14.25
C ASP B 146 7.97 -21.59 13.56
N GLY B 147 7.29 -21.03 12.57
CA GLY B 147 6.32 -21.76 11.76
C GLY B 147 6.13 -21.08 10.42
N SER B 148 5.47 -21.78 9.50
CA SER B 148 5.26 -21.30 8.14
C SER B 148 3.84 -21.59 7.69
N ILE B 149 3.45 -21.01 6.56
CA ILE B 149 2.06 -20.89 6.17
C ILE B 149 1.66 -21.84 5.05
N ILE B 150 0.55 -22.53 5.28
CA ILE B 150 -0.22 -23.23 4.26
C ILE B 150 -1.30 -22.24 3.86
N LYS B 151 -1.22 -21.70 2.65
CA LYS B 151 -2.13 -20.62 2.27
C LYS B 151 -3.58 -21.05 2.13
N GLU B 152 -3.79 -22.27 1.63
CA GLU B 152 -5.13 -22.87 1.57
C GLU B 152 -5.17 -24.09 2.46
N GLY B 153 -5.47 -23.87 3.74
CA GLY B 153 -5.35 -24.91 4.74
C GLY B 153 -6.69 -25.34 5.30
N ILE B 154 -6.77 -25.39 6.62
CA ILE B 154 -7.96 -25.88 7.33
C ILE B 154 -9.18 -25.07 6.92
N ASP B 155 -10.21 -25.76 6.44
CA ASP B 155 -11.44 -25.12 5.92
C ASP B 155 -11.19 -24.04 4.86
N GLY B 156 -10.10 -24.18 4.11
CA GLY B 156 -9.70 -23.18 3.11
C GLY B 156 -8.98 -21.93 3.62
N TYR B 157 -8.74 -21.85 4.93
CA TYR B 157 -8.13 -20.66 5.54
C TYR B 157 -6.61 -20.75 5.59
N PRO B 158 -5.92 -19.60 5.62
CA PRO B 158 -4.48 -19.64 5.86
C PRO B 158 -4.20 -20.33 7.19
N THR B 159 -3.22 -21.23 7.18
CA THR B 159 -2.97 -22.13 8.29
C THR B 159 -1.47 -22.12 8.56
N ILE B 160 -1.10 -22.00 9.83
CA ILE B 160 0.31 -22.05 10.23
C ILE B 160 0.63 -23.42 10.79
N LEU B 161 1.72 -24.01 10.32
CA LEU B 161 2.32 -25.18 10.95
C LEU B 161 3.53 -24.65 11.70
N TYR B 162 3.55 -24.83 13.03
CA TYR B 162 4.59 -24.24 13.88
C TYR B 162 5.12 -25.23 14.90
N THR B 163 6.32 -24.96 15.40
CA THR B 163 6.89 -25.78 16.47
C THR B 163 6.28 -25.39 17.81
N SER B 164 5.52 -26.32 18.36
CA SER B 164 4.92 -26.20 19.69
C SER B 164 5.86 -26.87 20.68
N THR B 165 6.35 -26.11 21.66
CA THR B 165 7.32 -26.63 22.63
C THR B 165 6.72 -26.82 24.02
N SER B 166 7.09 -27.92 24.67
CA SER B 166 6.70 -28.17 26.05
C SER B 166 7.95 -28.32 26.91
N PHE B 167 7.79 -28.94 28.08
CA PHE B 167 8.85 -29.00 29.08
C PHE B 167 9.99 -29.94 28.71
N GLY B 168 11.11 -29.77 29.40
CA GLY B 168 12.27 -30.65 29.30
C GLY B 168 13.49 -29.97 28.69
N PRO B 169 14.68 -30.61 28.80
CA PRO B 169 15.87 -30.08 28.15
C PRO B 169 15.62 -29.87 26.66
N LEU B 170 15.97 -28.69 26.15
CA LEU B 170 15.76 -28.35 24.75
C LEU B 170 17.04 -27.71 24.24
N GLY B 171 17.70 -28.40 23.31
CA GLY B 171 18.90 -27.87 22.67
C GLY B 171 19.80 -28.93 22.09
N ALA B 172 20.57 -28.52 21.09
CA ALA B 172 21.49 -29.39 20.37
C ALA B 172 22.64 -29.92 21.22
N THR B 173 23.00 -29.21 22.29
CA THR B 173 24.04 -29.67 23.23
C THR B 173 23.48 -30.27 24.52
N LEU B 174 22.17 -30.52 24.56
CA LEU B 174 21.52 -31.12 25.72
C LEU B 174 20.93 -32.46 25.30
N ASN B 175 20.42 -33.20 26.28
CA ASN B 175 19.79 -34.49 26.03
C ASN B 175 18.28 -34.31 25.88
N GLU B 176 17.87 -33.76 24.75
CA GLU B 176 16.46 -33.55 24.47
C GLU B 176 15.75 -34.87 24.26
N ALA B 177 14.49 -34.91 24.67
CA ALA B 177 13.64 -36.06 24.46
C ALA B 177 12.46 -35.71 23.58
N GLU B 178 11.88 -36.76 23.04
CA GLU B 178 10.69 -36.70 22.20
C GLU B 178 9.53 -36.07 22.97
N GLY B 179 8.78 -35.20 22.30
CA GLY B 179 7.66 -34.48 22.92
C GLY B 179 7.95 -33.03 23.28
N THR B 180 9.20 -32.74 23.63
CA THR B 180 9.61 -31.38 23.98
C THR B 180 9.41 -30.41 22.81
N GLU B 181 9.71 -30.87 21.59
CA GLU B 181 9.41 -30.12 20.38
C GLU B 181 8.47 -30.94 19.52
N THR B 182 7.27 -30.42 19.27
CA THR B 182 6.32 -31.04 18.37
C THR B 182 5.88 -29.98 17.35
N GLN B 183 5.05 -30.38 16.39
CA GLN B 183 4.56 -29.46 15.35
C GLN B 183 3.03 -29.46 15.36
N SER B 184 2.46 -28.26 15.36
CA SER B 184 1.04 -28.04 15.59
C SER B 184 0.48 -27.07 14.55
N LEU B 185 -0.84 -27.14 14.35
CA LEU B 185 -1.55 -26.29 13.41
C LEU B 185 -2.44 -25.26 14.08
N ALA B 186 -2.53 -24.08 13.46
CA ALA B 186 -3.56 -23.10 13.76
C ALA B 186 -3.96 -22.41 12.46
N TYR B 187 -5.20 -21.92 12.40
CA TYR B 187 -5.70 -21.24 11.20
C TYR B 187 -6.34 -19.90 11.55
N THR B 188 -6.37 -19.00 10.56
CA THR B 188 -6.94 -17.67 10.75
C THR B 188 -8.16 -17.44 9.87
N THR B 189 -9.25 -16.99 10.47
CA THR B 189 -10.47 -16.61 9.74
C THR B 189 -10.57 -15.10 9.54
N ASP B 190 -9.57 -14.34 9.99
CA ASP B 190 -9.60 -12.88 9.93
C ASP B 190 -8.28 -12.30 9.42
N ASP B 191 -7.67 -13.02 8.47
CA ASP B 191 -6.47 -12.58 7.77
C ASP B 191 -5.27 -12.24 8.69
N GLY B 192 -5.11 -13.04 9.75
CA GLY B 192 -3.97 -12.91 10.65
C GLY B 192 -4.18 -12.05 11.89
N ALA B 193 -5.37 -11.48 12.08
CA ALA B 193 -5.66 -10.76 13.32
C ALA B 193 -5.71 -11.71 14.52
N SER B 194 -6.15 -12.94 14.28
CA SER B 194 -6.15 -14.00 15.29
C SER B 194 -5.97 -15.36 14.65
N TRP B 195 -5.56 -16.34 15.47
CA TRP B 195 -5.39 -17.71 15.02
C TRP B 195 -6.10 -18.65 15.99
N ILE B 196 -6.74 -19.67 15.43
CA ILE B 196 -7.41 -20.70 16.22
C ILE B 196 -6.60 -21.99 16.07
N LYS B 197 -6.13 -22.50 17.20
CA LYS B 197 -5.39 -23.76 17.22
C LYS B 197 -6.36 -24.92 17.13
N LEU B 198 -5.94 -25.99 16.48
CA LEU B 198 -6.66 -27.26 16.59
C LEU B 198 -6.63 -27.71 18.04
N GLY B 199 -7.62 -28.51 18.43
CA GLY B 199 -7.68 -29.04 19.78
C GLY B 199 -6.50 -29.92 20.12
N TYR B 200 -6.19 -30.03 21.41
CA TYR B 200 -5.19 -30.98 21.88
C TYR B 200 -5.78 -32.38 21.87
N GLY B 201 -5.09 -33.33 21.24
CA GLY B 201 -5.46 -34.73 21.38
C GLY B 201 -5.15 -35.61 20.19
N ALA B 202 -5.59 -36.86 20.30
CA ALA B 202 -5.41 -37.87 19.27
C ALA B 202 -6.11 -37.45 17.99
N GLY B 203 -5.36 -37.43 16.89
CA GLY B 203 -5.88 -37.00 15.59
C GLY B 203 -6.00 -35.48 15.42
N GLN B 204 -5.47 -34.73 16.39
N GLN B 204 -5.46 -34.72 16.37
CA GLN B 204 -5.51 -33.26 16.36
CA GLN B 204 -5.52 -33.27 16.33
C GLN B 204 -4.10 -32.77 16.71
C GLN B 204 -4.12 -32.80 16.76
N ASN B 205 -3.97 -31.63 17.41
CA ASN B 205 -2.65 -31.13 17.82
C ASN B 205 -2.01 -31.92 18.96
N PRO B 206 -0.69 -32.07 18.96
CA PRO B 206 0.19 -31.71 17.84
C PRO B 206 0.09 -32.77 16.74
N VAL B 207 0.32 -32.34 15.50
CA VAL B 207 0.13 -33.22 14.34
C VAL B 207 1.40 -34.00 13.96
N ILE B 208 2.57 -33.47 14.30
CA ILE B 208 3.83 -34.22 14.14
C ILE B 208 4.54 -34.21 15.49
N TYR B 209 4.79 -35.40 16.02
CA TYR B 209 5.40 -35.55 17.36
C TYR B 209 6.44 -36.67 17.45
N GLU B 210 6.29 -37.74 16.67
CA GLU B 210 7.30 -38.79 16.62
C GLU B 210 8.57 -38.31 15.92
N TRP B 211 9.70 -38.53 16.58
CA TRP B 211 10.99 -38.27 15.98
C TRP B 211 11.25 -39.25 14.84
N PRO B 212 11.68 -38.75 13.67
CA PRO B 212 11.95 -39.65 12.55
C PRO B 212 13.21 -40.51 12.69
N GLU B 213 14.17 -40.06 13.50
CA GLU B 213 15.37 -40.84 13.81
C GLU B 213 15.66 -40.61 15.30
N THR B 214 16.42 -41.49 15.93
CA THR B 214 16.72 -41.35 17.36
C THR B 214 17.82 -40.31 17.61
N ASN B 215 17.90 -39.86 18.86
CA ASN B 215 18.97 -38.98 19.35
C ASN B 215 19.12 -37.69 18.57
N LEU B 216 17.99 -37.05 18.28
CA LEU B 216 18.00 -35.76 17.58
C LEU B 216 18.61 -34.66 18.42
N THR B 217 19.32 -33.76 17.75
CA THR B 217 19.81 -32.53 18.32
C THR B 217 18.75 -31.44 18.31
N GLY B 218 17.75 -31.59 17.43
CA GLY B 218 16.67 -30.62 17.32
C GLY B 218 15.59 -31.14 16.40
N PHE B 219 14.42 -30.53 16.47
CA PHE B 219 13.26 -30.99 15.71
C PHE B 219 12.25 -29.86 15.63
N ARG B 220 12.56 -28.88 14.78
CA ARG B 220 11.78 -27.64 14.75
C ARG B 220 11.80 -26.90 13.43
N ASP B 221 10.99 -25.84 13.38
CA ASP B 221 10.96 -24.86 12.29
C ASP B 221 10.42 -25.47 11.01
N PRO B 222 9.17 -25.97 11.06
CA PRO B 222 8.58 -26.62 9.90
C PRO B 222 8.37 -25.61 8.77
N TYR B 223 8.89 -25.95 7.60
CA TYR B 223 8.78 -25.11 6.43
C TYR B 223 7.90 -25.81 5.42
N VAL B 224 6.69 -25.28 5.23
CA VAL B 224 5.72 -25.88 4.31
C VAL B 224 5.83 -25.22 2.95
N PHE B 225 5.81 -26.03 1.90
CA PHE B 225 5.96 -25.54 0.53
C PHE B 225 5.33 -26.49 -0.49
N GLN B 226 4.89 -25.93 -1.60
CA GLN B 226 4.46 -26.70 -2.77
C GLN B 226 5.64 -26.83 -3.70
N SER B 227 5.69 -27.94 -4.43
CA SER B 227 6.82 -28.20 -5.33
C SER B 227 6.41 -29.13 -6.45
N PRO B 228 6.02 -28.56 -7.61
CA PRO B 228 5.83 -29.36 -8.82
C PRO B 228 7.05 -30.22 -9.15
N ARG B 229 8.25 -29.69 -8.87
CA ARG B 229 9.51 -30.42 -9.02
C ARG B 229 9.56 -31.71 -8.20
N LEU B 230 9.34 -31.60 -6.89
CA LEU B 230 9.36 -32.79 -6.03
C LEU B 230 8.21 -33.75 -6.33
N GLU B 231 7.03 -33.23 -6.66
CA GLU B 231 5.91 -34.08 -7.07
C GLU B 231 6.26 -34.93 -8.29
N ALA B 232 6.85 -34.29 -9.30
CA ALA B 232 7.26 -34.99 -10.52
C ALA B 232 8.31 -36.05 -10.23
N LEU B 233 9.30 -35.71 -9.41
CA LEU B 233 10.34 -36.67 -9.02
C LEU B 233 9.83 -37.88 -8.23
N LEU B 234 8.80 -37.67 -7.40
CA LEU B 234 8.27 -38.73 -6.54
C LEU B 234 7.07 -39.48 -7.13
N ALA B 235 6.53 -39.01 -8.26
CA ALA B 235 5.27 -39.55 -8.82
C ALA B 235 5.27 -41.07 -9.02
N ASN B 236 6.41 -41.64 -9.43
CA ASN B 236 6.48 -43.09 -9.67
C ASN B 236 6.81 -43.91 -8.40
N THR B 237 6.93 -43.25 -7.25
CA THR B 237 7.18 -43.90 -5.96
C THR B 237 6.00 -43.81 -4.99
N THR B 238 4.89 -43.17 -5.37
CA THR B 238 3.79 -42.95 -4.43
C THR B 238 3.08 -44.23 -3.97
N SER B 239 3.23 -45.33 -4.70
CA SER B 239 2.81 -46.67 -4.24
C SER B 239 3.56 -47.13 -3.00
N ILE B 240 4.83 -46.73 -2.89
CA ILE B 240 5.70 -47.18 -1.81
C ILE B 240 5.30 -46.50 -0.49
N THR B 241 5.01 -45.19 -0.54
CA THR B 241 4.78 -44.39 0.66
C THR B 241 3.32 -44.03 0.93
N ASN B 242 2.49 -44.07 -0.12
CA ASN B 242 1.11 -43.57 -0.10
C ASN B 242 0.91 -42.08 0.17
N ALA B 243 1.99 -41.30 0.12
CA ALA B 243 1.91 -39.86 0.34
C ALA B 243 1.76 -39.20 -1.03
N THR B 244 0.61 -38.57 -1.26
CA THR B 244 0.28 -37.99 -2.55
C THR B 244 -0.17 -36.53 -2.45
N GLY B 245 0.02 -35.90 -1.29
CA GLY B 245 -0.43 -34.52 -1.10
C GLY B 245 0.39 -33.53 -1.90
N ASP B 246 -0.17 -32.33 -2.07
CA ASP B 246 0.49 -31.26 -2.82
C ASP B 246 1.36 -30.33 -1.96
N HIS B 247 1.45 -30.57 -0.65
CA HIS B 247 2.38 -29.84 0.22
C HIS B 247 3.46 -30.75 0.77
N PHE B 248 4.67 -30.19 0.84
CA PHE B 248 5.79 -30.80 1.52
C PHE B 248 6.12 -29.95 2.73
N ALA B 249 6.82 -30.55 3.69
CA ALA B 249 7.32 -29.82 4.85
C ALA B 249 8.68 -30.35 5.25
N THR B 250 9.64 -29.45 5.46
CA THR B 250 10.90 -29.84 6.08
C THR B 250 10.88 -29.48 7.55
N ILE B 251 11.56 -30.29 8.36
CA ILE B 251 11.80 -29.98 9.76
C ILE B 251 13.31 -30.00 10.00
N SER B 252 13.79 -28.98 10.69
CA SER B 252 15.22 -28.75 10.88
C SER B 252 15.74 -29.42 12.14
N GLY B 253 16.88 -30.09 12.03
CA GLY B 253 17.50 -30.69 13.18
C GLY B 253 18.86 -31.29 12.89
N GLY B 254 19.09 -32.50 13.42
CA GLY B 254 20.38 -33.16 13.33
C GLY B 254 20.39 -34.38 14.23
N VAL B 255 21.54 -35.03 14.31
CA VAL B 255 21.71 -36.25 15.11
C VAL B 255 22.96 -36.08 15.98
N HIS B 256 22.85 -36.41 17.27
CA HIS B 256 23.93 -36.22 18.22
C HIS B 256 25.20 -36.92 17.73
N GLY B 257 26.31 -36.18 17.72
CA GLY B 257 27.58 -36.67 17.25
C GLY B 257 27.77 -36.82 15.75
N ASP B 258 26.72 -36.65 14.95
CA ASP B 258 26.76 -37.02 13.53
C ASP B 258 26.23 -35.97 12.53
N GLY B 259 26.19 -34.71 12.95
CA GLY B 259 25.88 -33.60 12.06
C GLY B 259 24.41 -33.27 11.91
N ALA B 260 24.14 -32.21 11.14
CA ALA B 260 22.81 -31.68 10.94
C ALA B 260 22.01 -32.49 9.93
N ARG B 261 20.69 -32.34 10.01
CA ARG B 261 19.75 -33.01 9.13
C ARG B 261 18.58 -32.09 8.82
N LEU B 262 18.12 -32.12 7.59
CA LEU B 262 16.86 -31.53 7.21
C LEU B 262 15.95 -32.67 6.80
N PHE B 263 14.88 -32.88 7.58
CA PHE B 263 13.97 -34.01 7.40
C PHE B 263 12.84 -33.61 6.49
N LEU B 264 12.54 -34.43 5.47
CA LEU B 264 11.46 -34.13 4.52
C LEU B 264 10.21 -34.95 4.82
N TYR B 265 9.09 -34.24 4.94
CA TYR B 265 7.76 -34.84 5.06
C TYR B 265 6.95 -34.46 3.84
N ARG B 266 5.97 -35.29 3.53
CA ARG B 266 4.97 -34.96 2.52
C ARG B 266 3.58 -35.15 3.10
N GLN B 267 2.73 -34.16 2.87
CA GLN B 267 1.31 -34.23 3.19
C GLN B 267 0.75 -35.52 2.60
N HIS B 268 0.12 -36.31 3.42
CA HIS B 268 -0.35 -37.60 2.99
C HIS B 268 -1.41 -37.57 1.91
N THR B 269 -2.39 -36.72 2.11
CA THR B 269 -3.53 -36.61 1.20
C THR B 269 -3.84 -35.14 0.97
N THR B 270 -4.00 -34.76 -0.30
CA THR B 270 -4.39 -33.39 -0.68
C THR B 270 -5.68 -32.99 0.03
N GLY B 271 -5.72 -31.74 0.49
CA GLY B 271 -6.87 -31.21 1.22
C GLY B 271 -7.03 -31.68 2.66
N GLU B 272 -6.07 -32.46 3.18
CA GLU B 272 -6.11 -32.93 4.56
C GLU B 272 -4.77 -32.62 5.22
N PHE B 273 -4.82 -32.07 6.44
CA PHE B 273 -3.63 -31.42 7.05
C PHE B 273 -3.14 -32.03 8.35
N ILE B 274 -3.77 -33.11 8.79
CA ILE B 274 -3.38 -33.79 10.02
C ILE B 274 -2.20 -34.74 9.78
N LYS B 275 -2.28 -35.53 8.72
CA LYS B 275 -1.28 -36.57 8.46
C LYS B 275 -0.18 -36.12 7.51
N TRP B 276 1.06 -36.17 8.02
CA TRP B 276 2.27 -35.85 7.25
C TRP B 276 3.17 -37.08 7.33
N THR B 277 3.62 -37.55 6.17
CA THR B 277 4.40 -38.78 6.09
C THR B 277 5.87 -38.43 5.97
N TYR B 278 6.67 -38.94 6.89
CA TYR B 278 8.11 -38.79 6.83
C TYR B 278 8.66 -39.59 5.64
N LEU B 279 9.38 -38.92 4.75
CA LEU B 279 9.99 -39.59 3.60
C LEU B 279 11.42 -39.99 3.91
N GLY B 280 12.22 -39.01 4.32
CA GLY B 280 13.62 -39.25 4.66
C GLY B 280 14.38 -37.97 4.83
N PRO B 281 15.67 -38.06 5.18
CA PRO B 281 16.51 -36.86 5.25
C PRO B 281 16.77 -36.27 3.86
N LEU B 282 16.50 -34.98 3.73
CA LEU B 282 16.70 -34.26 2.49
C LEU B 282 18.15 -33.80 2.38
N VAL B 283 18.63 -33.14 3.44
CA VAL B 283 20.01 -32.68 3.51
C VAL B 283 20.67 -33.35 4.71
N THR B 284 21.85 -33.92 4.47
CA THR B 284 22.65 -34.55 5.51
C THR B 284 24.05 -33.98 5.40
N THR B 285 24.54 -33.37 6.48
CA THR B 285 25.90 -32.84 6.55
C THR B 285 26.61 -33.42 7.76
N GLY B 286 27.94 -33.30 7.75
CA GLY B 286 28.78 -33.88 8.79
C GLY B 286 28.94 -32.98 9.99
N TYR B 287 29.32 -33.59 11.11
CA TYR B 287 29.58 -32.88 12.36
C TYR B 287 30.67 -31.82 12.19
N LYS B 288 30.26 -30.56 12.26
CA LYS B 288 31.12 -29.39 11.99
C LYS B 288 31.91 -29.45 10.67
N GLU B 289 31.29 -30.06 9.65
CA GLU B 289 31.84 -30.13 8.31
C GLU B 289 31.77 -28.73 7.70
N SER B 290 32.82 -28.33 6.98
CA SER B 290 32.80 -27.11 6.19
C SER B 290 33.03 -27.46 4.74
N TYR B 291 32.20 -26.87 3.87
CA TYR B 291 32.39 -26.94 2.43
C TYR B 291 33.55 -26.06 1.95
N GLY B 292 34.02 -25.15 2.81
CA GLY B 292 35.19 -24.33 2.51
C GLY B 292 35.07 -22.90 2.99
N GLU B 293 36.08 -22.11 2.63
CA GLU B 293 36.24 -20.72 3.08
C GLU B 293 35.09 -19.78 2.65
N TRP B 294 34.45 -20.11 1.53
CA TRP B 294 33.35 -19.33 0.99
C TRP B 294 31.96 -19.79 1.47
N SER B 295 31.93 -20.77 2.39
CA SER B 295 30.70 -21.52 2.67
C SER B 295 30.35 -21.70 4.15
N GLY B 296 31.02 -20.95 5.04
CA GLY B 296 30.78 -21.07 6.48
C GLY B 296 31.07 -22.47 6.98
N ASN B 297 30.23 -22.96 7.88
CA ASN B 297 30.40 -24.28 8.49
C ASN B 297 29.02 -24.85 8.79
N TYR B 298 28.85 -26.14 8.53
CA TYR B 298 27.54 -26.79 8.68
C TYR B 298 27.16 -27.14 10.13
N GLY B 299 28.08 -26.92 11.07
CA GLY B 299 27.77 -27.02 12.50
C GLY B 299 27.30 -28.39 12.92
N ILE B 300 26.41 -28.43 13.92
CA ILE B 300 25.90 -29.69 14.48
C ILE B 300 24.38 -29.88 14.34
N ASN B 301 23.68 -28.84 13.91
CA ASN B 301 22.22 -28.82 13.95
C ASN B 301 21.74 -27.69 13.05
N PHE B 302 20.68 -27.94 12.28
CA PHE B 302 20.05 -26.91 11.46
C PHE B 302 18.90 -26.24 12.19
N GLU B 303 18.69 -24.96 11.86
CA GLU B 303 17.53 -24.20 12.29
C GLU B 303 16.99 -23.39 11.12
N THR B 304 15.68 -23.12 11.17
CA THR B 304 14.95 -22.27 10.21
C THR B 304 15.25 -22.56 8.73
N ALA B 305 15.32 -23.84 8.38
CA ALA B 305 15.65 -24.22 7.01
C ALA B 305 14.42 -24.14 6.11
N GLY B 306 14.67 -23.78 4.85
CA GLY B 306 13.63 -23.71 3.82
C GLY B 306 14.14 -24.23 2.49
N VAL B 307 13.20 -24.46 1.57
CA VAL B 307 13.46 -25.06 0.27
C VAL B 307 12.76 -24.18 -0.77
N THR B 308 13.47 -23.85 -1.83
CA THR B 308 12.89 -23.09 -2.93
C THR B 308 13.49 -23.52 -4.26
N ARG B 309 12.92 -22.98 -5.33
CA ARG B 309 13.40 -23.21 -6.70
C ARG B 309 13.34 -21.87 -7.40
N LEU B 310 14.47 -21.48 -7.98
CA LEU B 310 14.64 -20.15 -8.57
C LEU B 310 15.14 -20.26 -9.99
N ASN B 311 14.93 -19.20 -10.75
CA ASN B 311 15.53 -19.04 -12.08
C ASN B 311 16.03 -17.60 -12.16
N PRO B 312 16.63 -17.19 -13.30
CA PRO B 312 17.18 -15.83 -13.32
C PRO B 312 16.22 -14.68 -13.03
N ALA B 313 14.92 -14.86 -13.29
CA ALA B 313 13.92 -13.82 -13.03
C ALA B 313 13.35 -13.80 -11.60
N GLY B 314 13.50 -14.90 -10.85
CA GLY B 314 12.91 -15.00 -9.51
C GLY B 314 12.57 -16.43 -9.15
N ALA B 315 11.34 -16.65 -8.69
CA ALA B 315 10.85 -17.98 -8.33
C ALA B 315 10.51 -18.79 -9.58
N ALA B 316 10.81 -20.09 -9.53
CA ALA B 316 10.53 -21.01 -10.60
C ALA B 316 9.56 -22.06 -10.10
N TRP B 317 8.44 -22.22 -10.79
CA TRP B 317 7.40 -23.19 -10.40
C TRP B 317 7.25 -24.33 -11.42
N ASP B 318 8.29 -24.56 -12.23
CA ASP B 318 8.31 -25.67 -13.18
C ASP B 318 8.59 -27.00 -12.48
N ASN B 319 8.39 -28.09 -13.20
CA ASN B 319 8.59 -29.45 -12.67
C ASN B 319 9.99 -30.04 -12.92
N GLY B 320 10.93 -29.21 -13.38
CA GLY B 320 12.24 -29.69 -13.83
C GLY B 320 12.52 -29.32 -15.27
N SER B 321 11.46 -29.00 -16.03
CA SER B 321 11.56 -28.68 -17.45
C SER B 321 12.31 -27.39 -17.78
N ASP B 322 12.33 -26.42 -16.85
CA ASP B 322 13.09 -25.19 -17.04
C ASP B 322 14.56 -25.47 -16.73
N THR B 323 15.39 -25.51 -17.76
CA THR B 323 16.82 -25.80 -17.61
C THR B 323 17.60 -24.65 -16.95
N THR B 324 17.02 -23.45 -16.90
CA THR B 324 17.65 -22.31 -16.22
C THR B 324 17.37 -22.27 -14.71
N ALA B 325 16.50 -23.15 -14.23
CA ALA B 325 16.08 -23.14 -12.83
C ALA B 325 17.00 -24.01 -11.96
N VAL B 326 17.12 -23.62 -10.69
CA VAL B 326 18.02 -24.27 -9.74
C VAL B 326 17.28 -24.46 -8.42
N ASP B 327 17.45 -25.62 -7.81
CA ASP B 327 16.87 -25.92 -6.50
C ASP B 327 17.83 -25.45 -5.41
N PHE B 328 17.29 -24.73 -4.43
CA PHE B 328 18.09 -24.17 -3.32
C PHE B 328 17.48 -24.58 -1.98
N VAL B 329 18.35 -24.75 -1.00
CA VAL B 329 17.97 -24.89 0.40
C VAL B 329 18.65 -23.73 1.14
N THR B 330 17.92 -23.06 2.02
CA THR B 330 18.50 -22.05 2.92
C THR B 330 18.36 -22.60 4.33
N PHE B 331 19.34 -22.34 5.19
CA PHE B 331 19.37 -22.93 6.53
C PHE B 331 20.36 -22.26 7.45
N GLY B 332 19.99 -22.18 8.72
CA GLY B 332 20.89 -21.76 9.79
C GLY B 332 21.61 -22.97 10.32
N THR B 333 22.86 -22.80 10.74
CA THR B 333 23.60 -23.85 11.42
C THR B 333 24.10 -23.32 12.75
N GLU B 334 24.22 -24.21 13.72
CA GLU B 334 24.74 -23.83 15.04
C GLU B 334 25.94 -24.65 15.48
N GLN B 335 26.75 -24.00 16.32
CA GLN B 335 27.97 -24.56 16.90
C GLN B 335 29.06 -24.90 15.88
N GLY B 336 29.07 -24.21 14.74
CA GLY B 336 30.14 -24.32 13.76
C GLY B 336 30.90 -23.02 13.57
N ARG B 337 30.77 -22.09 14.51
CA ARG B 337 31.35 -20.77 14.38
C ARG B 337 31.87 -20.27 15.73
N ALA B 338 33.03 -19.64 15.71
CA ALA B 338 33.70 -19.16 16.92
C ALA B 338 33.05 -17.90 17.52
N ASP B 339 32.34 -17.14 16.67
CA ASP B 339 31.72 -15.87 17.06
C ASP B 339 30.35 -15.78 16.39
N HIS B 340 29.74 -14.61 16.37
CA HIS B 340 28.41 -14.44 15.79
C HIS B 340 27.44 -15.44 16.42
N GLN B 341 27.60 -15.60 17.72
CA GLN B 341 26.79 -16.47 18.55
C GLN B 341 26.68 -17.88 18.03
N ASN B 342 27.81 -18.34 17.50
CA ASN B 342 27.98 -19.67 16.96
C ASN B 342 27.04 -20.00 15.79
N HIS B 343 26.53 -18.98 15.09
CA HIS B 343 25.49 -19.17 14.07
C HIS B 343 25.91 -18.70 12.67
N TRP B 344 25.67 -19.56 11.67
CA TRP B 344 25.85 -19.22 10.25
C TRP B 344 24.49 -19.31 9.56
N PRO B 345 24.07 -18.24 8.84
CA PRO B 345 22.94 -18.36 7.91
C PRO B 345 23.45 -18.69 6.51
N LEU B 346 23.18 -19.92 6.06
CA LEU B 346 23.77 -20.46 4.85
C LEU B 346 22.73 -20.74 3.79
N TRP B 347 23.20 -21.09 2.60
CA TRP B 347 22.37 -21.62 1.52
C TRP B 347 23.17 -22.60 0.68
N ALA B 348 22.48 -23.48 -0.03
CA ALA B 348 23.13 -24.43 -0.94
C ALA B 348 22.27 -24.64 -2.17
N ALA B 349 22.92 -24.69 -3.35
CA ALA B 349 22.28 -25.18 -4.55
C ALA B 349 22.36 -26.70 -4.49
N VAL B 350 21.26 -27.37 -4.82
CA VAL B 350 21.20 -28.83 -4.68
C VAL B 350 20.68 -29.50 -5.95
N ASP B 351 21.10 -30.74 -6.15
CA ASP B 351 20.59 -31.60 -7.21
C ASP B 351 19.87 -32.77 -6.53
N TYR B 352 18.57 -32.91 -6.81
CA TYR B 352 17.76 -33.93 -6.15
C TYR B 352 17.96 -35.30 -6.80
N GLU B 353 18.12 -36.33 -5.96
CA GLU B 353 18.11 -37.73 -6.38
C GLU B 353 16.97 -38.44 -5.65
N VAL B 354 16.29 -39.35 -6.34
CA VAL B 354 15.21 -40.13 -5.74
C VAL B 354 15.79 -41.43 -5.19
N ARG B 355 15.50 -41.71 -3.92
CA ARG B 355 15.90 -42.97 -3.29
C ARG B 355 14.88 -44.06 -3.56
N ASP B 356 15.32 -45.31 -3.38
CA ASP B 356 14.46 -46.47 -3.63
C ASP B 356 13.22 -46.51 -2.73
N ASN B 357 13.33 -45.97 -1.51
CA ASN B 357 12.18 -45.93 -0.60
C ASN B 357 11.21 -44.74 -0.81
N GLY B 358 11.36 -44.02 -1.92
CA GLY B 358 10.43 -42.93 -2.27
C GLY B 358 10.69 -41.66 -1.49
N SER B 359 11.96 -41.38 -1.25
CA SER B 359 12.39 -40.15 -0.59
C SER B 359 13.40 -39.46 -1.49
N ILE B 360 13.84 -38.27 -1.07
CA ILE B 360 14.69 -37.42 -1.88
C ILE B 360 15.97 -37.13 -1.13
N GLU B 361 17.11 -37.33 -1.80
CA GLU B 361 18.40 -36.83 -1.33
C GLU B 361 18.74 -35.56 -2.10
N ALA B 362 18.94 -34.47 -1.36
CA ALA B 362 19.41 -33.22 -1.97
C ALA B 362 20.91 -33.19 -1.87
N VAL B 363 21.58 -33.39 -3.00
CA VAL B 363 23.03 -33.41 -3.07
C VAL B 363 23.52 -32.01 -3.31
N ILE B 364 24.37 -31.52 -2.40
CA ILE B 364 24.89 -30.16 -2.48
C ILE B 364 25.86 -30.02 -3.66
N ALA B 365 25.52 -29.08 -4.55
CA ALA B 365 26.29 -28.77 -5.76
C ALA B 365 27.29 -27.64 -5.51
N TYR B 366 26.83 -26.63 -4.77
CA TYR B 366 27.67 -25.55 -4.28
C TYR B 366 26.96 -24.87 -3.11
N SER B 367 27.71 -24.15 -2.29
CA SER B 367 27.23 -23.78 -0.96
C SER B 367 27.77 -22.43 -0.56
N GLY B 368 26.90 -21.56 -0.09
CA GLY B 368 27.27 -20.21 0.28
C GLY B 368 26.69 -19.71 1.56
N VAL B 369 26.77 -18.39 1.72
CA VAL B 369 26.40 -17.69 2.93
C VAL B 369 25.36 -16.66 2.55
N GLN B 370 24.24 -16.64 3.29
CA GLN B 370 23.17 -15.70 2.99
C GLN B 370 23.46 -14.29 3.51
N ASP B 371 24.14 -14.20 4.66
CA ASP B 371 24.62 -12.94 5.22
C ASP B 371 25.80 -13.25 6.11
N TRP B 372 26.86 -12.44 5.99
CA TRP B 372 28.14 -12.70 6.68
C TRP B 372 28.25 -12.05 8.06
N GLY B 373 27.25 -11.28 8.46
CA GLY B 373 27.31 -10.50 9.69
C GLY B 373 26.38 -10.99 10.79
N ARG B 374 25.90 -10.05 11.58
CA ARG B 374 25.10 -10.34 12.77
C ARG B 374 23.63 -10.53 12.42
N SER B 375 23.36 -11.52 11.58
CA SER B 375 22.00 -11.88 11.22
C SER B 375 21.85 -13.38 11.11
N TYR B 376 20.60 -13.83 11.19
CA TYR B 376 20.28 -15.24 11.28
C TYR B 376 18.79 -15.43 11.04
N ALA B 377 18.37 -16.68 10.88
CA ALA B 377 16.95 -17.06 10.85
C ALA B 377 16.23 -16.49 9.65
N TYR B 378 16.84 -16.67 8.47
CA TYR B 378 16.24 -16.22 7.23
C TYR B 378 15.06 -17.12 6.86
N ALA B 379 13.94 -16.48 6.54
CA ALA B 379 12.75 -17.15 6.06
C ALA B 379 12.48 -16.62 4.65
N SER B 380 12.04 -17.49 3.75
CA SER B 380 11.60 -17.05 2.43
C SER B 380 10.18 -17.52 2.15
N PHE B 381 9.49 -16.76 1.31
CA PHE B 381 8.09 -17.02 0.99
C PHE B 381 7.76 -16.53 -0.43
N PRO B 382 6.78 -17.18 -1.07
CA PRO B 382 6.40 -16.80 -2.44
C PRO B 382 5.57 -15.52 -2.47
N VAL B 383 5.82 -14.71 -3.50
CA VAL B 383 5.13 -13.45 -3.70
C VAL B 383 4.72 -13.40 -5.16
N GLU B 384 3.53 -12.83 -5.43
CA GLU B 384 2.98 -12.75 -6.78
C GLU B 384 3.95 -12.15 -7.77
N GLY B 385 3.84 -12.59 -9.02
CA GLY B 385 4.77 -12.20 -10.07
C GLY B 385 6.03 -13.03 -10.09
N TYR B 386 5.94 -14.29 -9.64
CA TYR B 386 7.05 -15.25 -9.69
C TYR B 386 8.27 -14.77 -8.89
N ARG B 387 8.02 -14.40 -7.64
CA ARG B 387 9.07 -13.93 -6.74
C ARG B 387 9.17 -14.85 -5.53
N GLN B 388 10.34 -14.89 -4.94
CA GLN B 388 10.61 -15.58 -3.70
C GLN B 388 11.36 -14.52 -2.90
N VAL B 389 10.77 -14.11 -1.78
CA VAL B 389 11.30 -13.02 -0.97
C VAL B 389 11.80 -13.57 0.35
N SER B 390 12.98 -13.12 0.76
CA SER B 390 13.66 -13.60 1.95
C SER B 390 13.91 -12.46 2.92
N VAL B 391 13.79 -12.75 4.22
CA VAL B 391 14.03 -11.78 5.27
C VAL B 391 14.57 -12.49 6.50
N GLY B 392 15.49 -11.83 7.20
CA GLY B 392 16.12 -12.39 8.38
C GLY B 392 16.03 -11.47 9.58
N TRP B 393 16.73 -11.86 10.63
CA TRP B 393 16.76 -11.14 11.90
C TRP B 393 18.17 -10.64 12.16
N ILE B 394 18.31 -9.35 12.42
CA ILE B 394 19.57 -8.74 12.82
C ILE B 394 19.55 -8.56 14.34
N TYR B 395 20.45 -9.26 15.01
CA TYR B 395 20.58 -9.14 16.46
C TYR B 395 21.45 -7.94 16.81
N GLU B 396 21.39 -7.53 18.08
CA GLU B 396 22.19 -6.40 18.57
C GLU B 396 23.64 -6.86 18.73
N ASP B 397 24.54 -5.93 19.10
CA ASP B 397 25.90 -6.31 19.46
C ASP B 397 26.18 -5.89 20.90
N ASP B 398 25.44 -6.52 21.80
CA ASP B 398 25.53 -6.28 23.23
C ASP B 398 25.36 -7.64 23.92
N ASP B 399 26.29 -8.55 23.61
CA ASP B 399 26.21 -9.95 24.04
C ASP B 399 26.21 -10.15 25.55
N ASN B 400 26.82 -9.22 26.30
CA ASN B 400 26.84 -9.26 27.76
C ASN B 400 25.63 -8.57 28.42
N VAL B 401 24.67 -8.09 27.61
CA VAL B 401 23.40 -7.56 28.11
C VAL B 401 23.62 -6.36 29.04
N ILE B 402 24.52 -5.48 28.62
CA ILE B 402 24.93 -4.34 29.44
C ILE B 402 23.94 -3.18 29.35
N LEU B 403 23.45 -2.87 28.15
CA LEU B 403 22.52 -1.76 27.94
C LEU B 403 21.15 -2.17 27.37
N ALA B 404 20.81 -3.45 27.44
CA ALA B 404 19.56 -3.94 26.85
C ALA B 404 18.33 -3.35 27.54
N LYS B 405 18.34 -3.30 28.87
CA LYS B 405 17.24 -2.68 29.61
C LYS B 405 17.10 -1.19 29.31
N GLN B 406 18.24 -0.51 29.15
CA GLN B 406 18.25 0.91 28.80
C GLN B 406 17.69 1.16 27.40
N PHE B 407 17.96 0.25 26.46
CA PHE B 407 17.30 0.28 25.15
C PHE B 407 15.78 0.11 25.29
N GLY B 408 15.37 -0.91 26.05
CA GLY B 408 13.96 -1.31 26.14
C GLY B 408 13.47 -2.17 24.98
N TYR B 409 14.40 -2.65 24.16
CA TYR B 409 14.11 -3.53 23.03
C TYR B 409 15.41 -4.22 22.61
N GLN B 410 15.27 -5.32 21.88
CA GLN B 410 16.39 -5.99 21.22
C GLN B 410 15.91 -6.56 19.88
N GLY B 411 16.65 -6.27 18.81
CA GLY B 411 16.48 -6.95 17.52
C GLY B 411 15.72 -6.15 16.49
N ALA B 412 15.98 -6.48 15.22
CA ALA B 412 15.22 -5.95 14.08
C ALA B 412 15.29 -6.97 12.94
N PHE B 413 14.48 -6.77 11.90
CA PHE B 413 14.62 -7.54 10.66
C PHE B 413 15.73 -6.94 9.80
N THR B 414 16.21 -7.75 8.85
CA THR B 414 16.93 -7.26 7.69
C THR B 414 15.92 -6.57 6.78
N LEU B 415 16.39 -6.05 5.66
CA LEU B 415 15.49 -5.67 4.58
C LEU B 415 14.98 -6.93 3.89
N PHE B 416 13.87 -6.78 3.18
CA PHE B 416 13.28 -7.88 2.42
C PHE B 416 14.03 -7.98 1.10
N ARG B 417 14.38 -9.20 0.71
CA ARG B 417 15.28 -9.44 -0.41
C ARG B 417 14.63 -10.36 -1.43
N ASP B 418 14.60 -9.95 -2.70
CA ASP B 418 14.24 -10.86 -3.78
C ASP B 418 15.37 -11.85 -4.00
N LEU B 419 15.03 -13.13 -4.05
CA LEU B 419 15.96 -14.18 -4.46
C LEU B 419 15.78 -14.50 -5.93
N PHE B 420 16.88 -14.84 -6.59
CA PHE B 420 16.90 -15.19 -8.00
C PHE B 420 18.21 -15.90 -8.31
N VAL B 421 18.32 -16.50 -9.48
CA VAL B 421 19.58 -17.09 -9.92
C VAL B 421 20.40 -16.00 -10.60
N LYS B 422 21.52 -15.63 -9.98
CA LYS B 422 22.43 -14.67 -10.59
C LYS B 422 23.29 -15.42 -11.62
N VAL B 423 23.30 -14.91 -12.84
CA VAL B 423 24.09 -15.50 -13.93
C VAL B 423 25.06 -14.45 -14.45
N VAL B 424 26.34 -14.79 -14.52
CA VAL B 424 27.36 -13.90 -15.07
C VAL B 424 27.94 -14.58 -16.30
N GLU B 425 27.82 -13.92 -17.44
CA GLU B 425 28.30 -14.48 -18.69
C GLU B 425 29.68 -13.95 -19.03
N ASN B 426 30.38 -14.70 -19.88
CA ASN B 426 31.66 -14.29 -20.45
C ASN B 426 32.70 -13.98 -19.37
N VAL B 427 32.74 -14.85 -18.37
CA VAL B 427 33.71 -14.69 -17.30
C VAL B 427 35.06 -15.23 -17.79
N SER B 428 36.10 -14.45 -17.54
CA SER B 428 37.47 -14.81 -17.89
C SER B 428 37.98 -15.96 -17.04
N PRO B 429 38.54 -17.02 -17.66
CA PRO B 429 39.18 -18.10 -16.91
C PRO B 429 40.37 -17.69 -16.04
N SER B 430 40.94 -16.50 -16.26
CA SER B 430 42.03 -16.03 -15.41
C SER B 430 41.54 -15.37 -14.11
N THR B 431 40.22 -15.30 -13.89
CA THR B 431 39.68 -14.88 -12.60
C THR B 431 40.29 -15.75 -11.51
N PRO B 432 41.03 -15.12 -10.56
CA PRO B 432 41.70 -15.93 -9.53
C PRO B 432 40.72 -16.77 -8.74
N GLY B 433 41.05 -18.05 -8.53
CA GLY B 433 40.25 -18.95 -7.71
C GLY B 433 38.85 -19.29 -8.23
N LEU B 434 38.65 -19.13 -9.55
CA LEU B 434 37.33 -19.32 -10.14
C LEU B 434 36.81 -20.76 -10.00
N PHE B 435 37.73 -21.72 -10.04
CA PHE B 435 37.40 -23.15 -10.00
C PHE B 435 37.56 -23.81 -8.63
N GLU B 436 37.66 -23.00 -7.59
CA GLU B 436 37.72 -23.52 -6.21
C GLU B 436 36.32 -24.00 -5.81
N GLN B 437 36.25 -24.98 -4.90
CA GLN B 437 34.98 -25.43 -4.34
C GLN B 437 34.42 -24.32 -3.48
N ALA B 438 33.41 -23.62 -3.97
CA ALA B 438 32.93 -22.40 -3.34
C ALA B 438 31.39 -22.26 -3.51
N SER B 439 30.93 -21.02 -3.73
CA SER B 439 29.51 -20.70 -3.70
C SER B 439 28.91 -20.38 -5.07
N TRP B 440 29.47 -20.95 -6.12
CA TRP B 440 28.97 -20.78 -7.48
C TRP B 440 29.30 -22.02 -8.31
N SER B 441 28.64 -22.12 -9.47
CA SER B 441 28.97 -23.14 -10.45
C SER B 441 29.59 -22.46 -11.64
N THR B 442 30.40 -23.23 -12.37
CA THR B 442 31.06 -22.77 -13.58
C THR B 442 30.71 -23.72 -14.70
N LYS B 443 30.44 -23.15 -15.87
CA LYS B 443 30.25 -23.92 -17.07
C LYS B 443 31.12 -23.31 -18.15
N ASN B 444 32.11 -24.10 -18.58
CA ASN B 444 33.03 -23.68 -19.62
C ASN B 444 32.34 -23.59 -20.97
N SER B 445 32.74 -22.61 -21.77
CA SER B 445 32.44 -22.63 -23.20
C SER B 445 33.17 -23.81 -23.84
N THR B 446 32.70 -24.22 -25.03
CA THR B 446 33.34 -25.33 -25.76
C THR B 446 34.85 -25.10 -25.95
N ASP B 447 35.23 -23.87 -26.29
CA ASP B 447 36.63 -23.53 -26.56
C ASP B 447 37.49 -23.24 -25.31
N GLY B 448 36.88 -23.30 -24.12
CA GLY B 448 37.59 -23.09 -22.86
C GLY B 448 38.07 -21.67 -22.57
N MET B 449 37.61 -20.70 -23.36
CA MET B 449 38.07 -19.31 -23.23
C MET B 449 37.10 -18.39 -22.48
N SER B 450 35.91 -18.89 -22.14
CA SER B 450 35.00 -18.17 -21.27
C SER B 450 34.20 -19.15 -20.41
N VAL B 451 33.63 -18.60 -19.34
CA VAL B 451 32.91 -19.36 -18.34
C VAL B 451 31.58 -18.66 -18.06
N THR B 452 30.52 -19.44 -17.87
CA THR B 452 29.25 -18.96 -17.36
C THR B 452 29.20 -19.32 -15.87
N VAL B 453 29.05 -18.29 -15.04
CA VAL B 453 29.00 -18.45 -13.58
C VAL B 453 27.54 -18.33 -13.13
N THR B 454 27.14 -19.22 -12.24
CA THR B 454 25.79 -19.23 -11.67
C THR B 454 25.90 -19.26 -10.14
N THR B 455 25.12 -18.41 -9.47
CA THR B 455 25.07 -18.39 -8.00
C THR B 455 23.71 -17.89 -7.51
N LEU B 456 23.53 -17.85 -6.19
CA LEU B 456 22.32 -17.26 -5.61
C LEU B 456 22.43 -15.75 -5.67
N GLY B 457 21.43 -15.11 -6.26
CA GLY B 457 21.31 -13.66 -6.25
C GLY B 457 20.39 -13.20 -5.12
N GLN B 458 20.72 -12.05 -4.57
CA GLN B 458 19.94 -11.39 -3.55
C GLN B 458 19.94 -9.89 -3.78
N ARG B 459 18.79 -9.26 -3.83
CA ARG B 459 18.71 -7.80 -3.95
C ARG B 459 17.53 -7.31 -3.15
N VAL B 460 17.63 -6.10 -2.61
CA VAL B 460 16.55 -5.50 -1.84
C VAL B 460 15.33 -5.37 -2.75
N VAL B 461 14.16 -5.71 -2.22
CA VAL B 461 12.92 -5.63 -3.02
C VAL B 461 12.75 -4.23 -3.60
N PRO B 462 12.35 -4.14 -4.88
CA PRO B 462 12.29 -2.82 -5.54
C PRO B 462 11.31 -1.83 -4.91
N GLU B 463 10.26 -2.34 -4.27
CA GLU B 463 9.28 -1.50 -3.55
C GLU B 463 9.97 -0.66 -2.47
N THR B 464 10.90 -1.28 -1.76
CA THR B 464 11.66 -0.62 -0.69
C THR B 464 12.64 0.41 -1.26
N LEU B 465 13.36 0.04 -2.30
CA LEU B 465 14.32 0.96 -2.93
C LEU B 465 13.62 2.19 -3.50
N ALA B 466 12.47 1.99 -4.16
CA ALA B 466 11.70 3.10 -4.72
C ALA B 466 11.15 4.04 -3.63
N ALA B 467 10.62 3.44 -2.56
CA ALA B 467 10.09 4.22 -1.43
C ALA B 467 11.19 4.99 -0.70
N TYR B 468 12.31 4.32 -0.44
CA TYR B 468 13.48 4.96 0.18
C TYR B 468 13.96 6.17 -0.62
N LYS B 469 14.19 5.96 -1.92
CA LYS B 469 14.69 7.03 -2.78
C LYS B 469 13.70 8.18 -2.89
N GLY B 470 12.43 7.87 -3.13
CA GLY B 470 11.40 8.90 -3.29
C GLY B 470 11.12 9.74 -2.06
N ASN B 471 11.31 9.17 -0.87
CA ASN B 471 11.12 9.91 0.38
C ASN B 471 12.39 10.61 0.89
N SER B 472 13.53 10.28 0.30
CA SER B 472 14.82 10.83 0.73
C SER B 472 15.17 12.13 0.00
N THR B 473 16.09 12.90 0.58
CA THR B 473 16.82 13.92 -0.15
C THR B 473 17.98 13.22 -0.85
N VAL B 474 17.88 13.14 -2.18
CA VAL B 474 18.85 12.41 -3.00
C VAL B 474 19.93 13.37 -3.50
N SER B 475 21.19 13.02 -3.24
CA SER B 475 22.33 13.75 -3.78
C SER B 475 23.08 12.82 -4.72
N THR B 476 23.11 13.20 -5.99
CA THR B 476 23.86 12.49 -7.01
C THR B 476 25.26 13.10 -7.01
N LEU B 477 26.27 12.29 -6.69
CA LEU B 477 27.63 12.81 -6.48
C LEU B 477 28.50 12.60 -7.70
N ALA B 478 29.46 13.51 -7.86
CA ALA B 478 30.38 13.46 -8.99
C ALA B 478 31.30 12.26 -8.84
N PRO B 479 31.66 11.62 -9.97
CA PRO B 479 32.62 10.52 -9.89
C PRO B 479 33.98 11.00 -9.41
N VAL B 480 34.72 10.09 -8.78
CA VAL B 480 35.97 10.40 -8.10
C VAL B 480 36.98 9.36 -8.53
N MET B 481 38.17 9.81 -8.94
CA MET B 481 39.31 8.92 -9.11
C MET B 481 40.14 8.99 -7.85
N LEU B 482 40.35 7.84 -7.22
CA LEU B 482 41.17 7.74 -6.04
C LEU B 482 42.57 7.37 -6.51
N ASN B 483 43.49 8.33 -6.42
CA ASN B 483 44.85 8.16 -6.92
C ASN B 483 45.86 8.62 -5.85
N GLU B 484 47.04 9.07 -6.26
CA GLU B 484 48.05 9.56 -5.33
C GLU B 484 47.58 10.74 -4.47
N SER B 485 46.63 11.54 -4.99
CA SER B 485 46.09 12.69 -4.25
C SER B 485 44.94 12.36 -3.28
N ALA B 486 44.47 11.12 -3.23
CA ALA B 486 43.34 10.75 -2.37
C ALA B 486 43.74 10.77 -0.91
N ALA B 487 42.95 11.46 -0.08
CA ALA B 487 43.06 11.31 1.37
C ALA B 487 42.57 9.91 1.76
N ALA B 488 42.94 9.48 2.96
CA ALA B 488 42.47 8.20 3.48
C ALA B 488 40.95 8.19 3.63
N TYR B 489 40.40 9.32 4.08
CA TYR B 489 38.95 9.55 4.17
C TYR B 489 38.58 10.87 3.49
N THR B 490 37.62 10.80 2.57
CA THR B 490 37.11 11.99 1.88
C THR B 490 35.59 12.05 2.08
N PRO B 491 35.10 12.99 2.92
CA PRO B 491 33.66 13.15 3.08
C PRO B 491 32.96 13.43 1.75
N PHE B 492 31.75 12.92 1.58
CA PHE B 492 30.96 13.24 0.39
C PHE B 492 30.65 14.73 0.37
N SER B 493 30.47 15.27 -0.83
CA SER B 493 30.16 16.69 -1.01
C SER B 493 28.81 17.10 -0.40
N SER B 494 27.90 16.14 -0.28
CA SER B 494 26.67 16.30 0.52
C SER B 494 26.71 15.27 1.65
N GLN B 495 26.20 15.65 2.80
CA GLN B 495 26.24 14.80 3.97
C GLN B 495 24.89 14.41 4.52
N PRO B 496 24.79 13.23 5.15
CA PRO B 496 23.54 12.87 5.84
C PRO B 496 23.18 13.88 6.93
N THR B 497 21.91 13.93 7.30
CA THR B 497 21.44 14.80 8.39
C THR B 497 21.09 14.04 9.67
N ASP B 498 21.15 12.70 9.62
CA ASP B 498 20.77 11.85 10.76
C ASP B 498 21.28 10.45 10.44
N ARG B 499 20.90 9.45 11.25
CA ARG B 499 21.39 8.07 11.09
C ARG B 499 20.52 7.20 10.20
N PHE B 500 19.90 7.79 9.18
CA PHE B 500 18.98 7.07 8.31
C PHE B 500 19.27 7.47 6.88
N TYR B 501 20.08 6.65 6.22
CA TYR B 501 20.50 6.94 4.87
C TYR B 501 21.01 5.72 4.13
N ALA B 502 21.06 5.87 2.81
CA ALA B 502 21.63 4.84 1.94
C ALA B 502 22.71 5.46 1.07
N LEU B 503 23.72 4.64 0.77
CA LEU B 503 24.79 5.01 -0.16
C LEU B 503 24.87 3.96 -1.23
N THR B 504 25.33 4.39 -2.39
CA THR B 504 25.71 3.45 -3.43
C THR B 504 26.91 3.98 -4.19
N GLY B 505 27.67 3.05 -4.75
CA GLY B 505 28.85 3.39 -5.52
C GLY B 505 29.37 2.20 -6.29
N SER B 506 29.98 2.45 -7.44
N SER B 506 30.00 2.46 -7.43
CA SER B 506 30.61 1.44 -8.27
CA SER B 506 30.60 1.44 -8.27
C SER B 506 32.12 1.68 -8.24
C SER B 506 32.11 1.66 -8.27
N PHE B 507 32.87 0.72 -7.69
CA PHE B 507 34.31 0.84 -7.51
C PHE B 507 35.02 0.01 -8.56
N GLU B 508 35.76 0.67 -9.45
CA GLU B 508 36.45 0.00 -10.54
C GLU B 508 37.93 -0.15 -10.18
N PHE B 509 38.41 -1.37 -10.15
CA PHE B 509 39.79 -1.68 -9.77
C PHE B 509 40.56 -2.27 -10.95
N GLY B 510 41.86 -2.00 -10.99
CA GLY B 510 42.75 -2.72 -11.90
C GLY B 510 42.82 -4.19 -11.53
N LEU B 511 43.03 -5.04 -12.53
CA LEU B 511 43.03 -6.49 -12.32
C LEU B 511 44.13 -7.00 -11.38
N ASN B 512 45.23 -6.25 -11.24
CA ASN B 512 46.31 -6.61 -10.31
C ASN B 512 46.49 -5.55 -9.24
N THR B 513 45.40 -4.88 -8.86
CA THR B 513 45.45 -3.84 -7.84
C THR B 513 45.88 -4.43 -6.49
N THR B 514 46.55 -3.61 -5.69
CA THR B 514 46.71 -3.87 -4.26
C THR B 514 46.09 -2.75 -3.44
N ALA B 515 45.29 -1.88 -4.08
CA ALA B 515 44.64 -0.79 -3.38
C ALA B 515 43.38 -1.31 -2.70
N LYS B 516 42.91 -0.55 -1.71
CA LYS B 516 41.66 -0.82 -1.02
C LYS B 516 40.80 0.43 -1.10
N ALA B 517 39.48 0.25 -1.14
CA ALA B 517 38.56 1.36 -1.10
C ALA B 517 37.23 0.94 -0.51
N GLY B 518 36.43 1.93 -0.13
CA GLY B 518 35.10 1.67 0.39
C GLY B 518 34.43 2.92 0.91
N PHE B 519 33.61 2.73 1.95
CA PHE B 519 32.81 3.80 2.52
C PHE B 519 33.04 3.87 4.02
N ARG B 520 33.15 5.09 4.54
CA ARG B 520 33.06 5.34 5.97
C ARG B 520 31.66 5.88 6.25
N VAL B 521 31.04 5.39 7.32
CA VAL B 521 29.68 5.80 7.70
C VAL B 521 29.60 6.09 9.20
N LEU B 522 28.50 6.73 9.60
CA LEU B 522 28.23 7.10 11.00
C LEU B 522 29.46 7.76 11.63
N ALA B 523 29.96 8.77 10.93
CA ALA B 523 31.29 9.33 11.15
C ALA B 523 31.29 10.75 11.69
N SER B 524 32.02 10.93 12.78
CA SER B 524 32.50 12.23 13.22
C SER B 524 34.01 12.08 13.32
N GLU B 525 34.69 13.09 13.88
CA GLU B 525 36.13 12.99 14.16
C GLU B 525 36.46 11.83 15.10
N GLU B 526 35.60 11.61 16.09
CA GLU B 526 35.89 10.66 17.18
C GLU B 526 35.26 9.27 17.05
N GLU B 527 34.21 9.14 16.24
CA GLU B 527 33.55 7.86 16.01
C GLU B 527 33.30 7.70 14.53
N TYR B 528 33.50 6.48 14.03
CA TYR B 528 33.26 6.18 12.63
C TYR B 528 33.36 4.68 12.41
N THR B 529 32.70 4.22 11.36
CA THR B 529 32.68 2.81 10.98
C THR B 529 33.16 2.70 9.54
N ASP B 530 34.14 1.83 9.31
CA ASP B 530 34.82 1.75 8.01
C ASP B 530 34.50 0.46 7.28
N ILE B 531 33.94 0.60 6.07
CA ILE B 531 33.62 -0.52 5.22
C ILE B 531 34.64 -0.53 4.09
N TRP B 532 35.49 -1.56 4.07
CA TRP B 532 36.58 -1.67 3.10
C TRP B 532 36.36 -2.86 2.19
N PHE B 533 36.73 -2.71 0.92
CA PHE B 533 36.99 -3.88 0.09
C PHE B 533 38.46 -3.91 -0.32
N ASP B 534 39.04 -5.10 -0.27
CA ASP B 534 40.45 -5.35 -0.56
C ASP B 534 40.49 -6.43 -1.63
N PRO B 535 40.49 -6.03 -2.92
CA PRO B 535 40.44 -7.03 -3.99
C PRO B 535 41.53 -8.10 -3.98
N ALA B 536 42.74 -7.75 -3.52
CA ALA B 536 43.85 -8.72 -3.48
C ALA B 536 43.58 -9.90 -2.54
N SER B 537 42.92 -9.64 -1.41
CA SER B 537 42.52 -10.68 -0.45
C SER B 537 41.10 -11.22 -0.66
N GLU B 538 40.29 -10.51 -1.46
CA GLU B 538 38.88 -10.81 -1.71
C GLU B 538 38.00 -10.63 -0.48
N ASN B 539 38.43 -9.74 0.42
CA ASN B 539 37.76 -9.52 1.69
C ASN B 539 37.06 -8.18 1.73
N LEU B 540 35.76 -8.23 2.02
CA LEU B 540 34.97 -7.06 2.37
C LEU B 540 34.92 -7.05 3.88
N THR B 541 35.40 -5.98 4.50
CA THR B 541 35.44 -5.89 5.96
C THR B 541 34.69 -4.69 6.48
N VAL B 542 34.19 -4.80 7.70
CA VAL B 542 33.66 -3.67 8.43
C VAL B 542 34.48 -3.55 9.71
N VAL B 543 35.28 -2.49 9.79
CA VAL B 543 36.16 -2.26 10.93
C VAL B 543 35.42 -1.34 11.90
N ARG B 544 35.28 -1.82 13.14
CA ARG B 544 34.45 -1.19 14.15
C ARG B 544 35.20 -0.82 15.43
N THR B 545 36.52 -0.74 15.33
CA THR B 545 37.37 -0.33 16.46
C THR B 545 37.05 1.08 16.95
N ALA B 546 36.60 1.95 16.05
CA ALA B 546 36.21 3.32 16.40
C ALA B 546 34.71 3.60 16.27
N SER B 547 33.89 2.56 16.09
CA SER B 547 32.45 2.75 15.84
C SER B 547 31.74 3.53 16.94
N SER B 548 32.17 3.34 18.19
CA SER B 548 31.55 4.01 19.33
C SER B 548 32.51 4.27 20.49
N LEU B 549 32.28 5.41 21.17
CA LEU B 549 32.94 5.71 22.44
C LEU B 549 32.41 4.83 23.59
N ILE B 550 31.24 4.24 23.41
CA ILE B 550 30.65 3.32 24.39
C ILE B 550 31.34 1.97 24.23
N LYS B 551 32.11 1.57 25.24
CA LYS B 551 32.99 0.40 25.12
C LYS B 551 32.34 -0.97 25.29
N SER B 552 31.11 -1.01 25.82
CA SER B 552 30.42 -2.28 26.06
C SER B 552 29.89 -2.96 24.79
N PHE B 553 29.70 -2.21 23.70
CA PHE B 553 29.23 -2.81 22.44
C PHE B 553 30.37 -3.53 21.74
N GLY B 554 30.02 -4.53 20.93
CA GLY B 554 31.01 -5.30 20.17
C GLY B 554 31.76 -4.41 19.18
N ASN B 555 33.05 -4.70 19.00
CA ASN B 555 33.91 -3.92 18.10
C ASN B 555 34.76 -4.78 17.16
N ASP B 556 34.37 -6.05 17.01
CA ASP B 556 35.12 -6.99 16.17
C ASP B 556 34.87 -6.68 14.70
N THR B 557 35.87 -7.00 13.86
CA THR B 557 35.81 -6.73 12.44
C THR B 557 34.93 -7.76 11.76
N GLU B 558 33.96 -7.29 10.96
CA GLU B 558 33.12 -8.17 10.16
C GLU B 558 33.88 -8.51 8.90
N LEU B 559 33.60 -9.68 8.34
CA LEU B 559 34.26 -10.12 7.10
C LEU B 559 33.34 -10.93 6.21
N ALA B 560 33.30 -10.54 4.93
CA ALA B 560 32.68 -11.32 3.87
C ALA B 560 33.69 -11.54 2.75
N LYS B 561 33.62 -12.73 2.13
CA LYS B 561 34.36 -12.99 0.91
C LYS B 561 33.51 -12.51 -0.27
N VAL B 562 34.14 -11.84 -1.23
CA VAL B 562 33.48 -11.40 -2.45
C VAL B 562 34.35 -11.74 -3.64
N LYS B 563 33.76 -12.49 -4.58
CA LYS B 563 34.44 -12.83 -5.82
C LYS B 563 34.07 -11.83 -6.90
N LEU B 564 35.04 -11.07 -7.37
CA LEU B 564 34.87 -10.23 -8.54
C LEU B 564 35.17 -11.09 -9.78
N TYR B 565 34.11 -11.57 -10.42
CA TYR B 565 34.20 -12.34 -11.65
C TYR B 565 34.65 -11.41 -12.77
N GLU B 566 35.86 -11.65 -13.28
CA GLU B 566 36.46 -10.78 -14.29
C GLU B 566 35.89 -11.14 -15.64
N ILE B 567 35.54 -10.14 -16.44
CA ILE B 567 34.88 -10.36 -17.73
C ILE B 567 35.91 -10.41 -18.85
N VAL B 568 35.70 -11.32 -19.80
CA VAL B 568 36.61 -11.50 -20.95
C VAL B 568 36.75 -10.16 -21.66
N GLY B 569 37.98 -9.71 -21.86
CA GLY B 569 38.25 -8.45 -22.54
C GLY B 569 38.27 -7.21 -21.66
N ALA B 570 37.86 -7.34 -20.39
CA ALA B 570 37.89 -6.20 -19.47
C ALA B 570 39.31 -6.03 -18.93
N GLU B 571 39.72 -4.78 -18.74
CA GLU B 571 41.00 -4.47 -18.10
C GLU B 571 40.81 -3.98 -16.66
N SER B 572 39.63 -4.26 -16.10
CA SER B 572 39.31 -3.88 -14.73
C SER B 572 38.25 -4.81 -14.18
N LYS B 573 38.01 -4.70 -12.87
CA LYS B 573 36.99 -5.48 -12.17
C LYS B 573 36.25 -4.54 -11.22
N THR B 574 34.95 -4.75 -11.10
CA THR B 574 34.06 -3.76 -10.49
C THR B 574 33.29 -4.33 -9.30
N LEU B 575 33.23 -3.54 -8.23
CA LEU B 575 32.43 -3.81 -7.04
C LEU B 575 31.35 -2.74 -6.96
N ASN B 576 30.11 -3.16 -7.09
CA ASN B 576 28.93 -2.34 -6.81
C ASN B 576 28.51 -2.56 -5.38
N LEU B 577 28.64 -1.51 -4.58
CA LEU B 577 28.45 -1.58 -3.15
C LEU B 577 27.32 -0.65 -2.74
N THR B 578 26.33 -1.17 -2.03
CA THR B 578 25.22 -0.40 -1.50
C THR B 578 25.19 -0.60 0.02
N VAL B 579 25.01 0.50 0.76
CA VAL B 579 25.00 0.47 2.22
C VAL B 579 23.77 1.18 2.72
N PHE B 580 23.03 0.52 3.62
CA PHE B 580 21.92 1.12 4.34
C PHE B 580 22.32 1.34 5.79
N VAL B 581 22.16 2.57 6.25
CA VAL B 581 22.42 2.96 7.63
C VAL B 581 21.07 3.32 8.22
N ASP B 582 20.70 2.66 9.31
CA ASP B 582 19.35 2.76 9.87
C ASP B 582 19.43 2.61 11.38
N GLY B 583 19.65 3.74 12.06
CA GLY B 583 19.85 3.76 13.50
C GLY B 583 21.21 3.16 13.79
N SER B 584 21.20 1.94 14.32
CA SER B 584 22.42 1.19 14.58
C SER B 584 22.71 0.12 13.53
N VAL B 585 21.76 -0.17 12.64
CA VAL B 585 21.97 -1.17 11.59
C VAL B 585 22.80 -0.57 10.47
N ILE B 586 23.81 -1.33 10.05
CA ILE B 586 24.54 -1.10 8.81
C ILE B 586 24.35 -2.37 8.00
N GLU B 587 23.68 -2.25 6.86
CA GLU B 587 23.36 -3.42 6.03
C GLU B 587 23.95 -3.21 4.64
N ILE B 588 24.83 -4.11 4.26
CA ILE B 588 25.69 -3.94 3.08
C ILE B 588 25.35 -4.99 2.04
N TYR B 589 25.25 -4.56 0.78
CA TYR B 589 25.00 -5.44 -0.34
C TYR B 589 26.08 -5.20 -1.39
N ALA B 590 26.67 -6.29 -1.91
CA ALA B 590 27.67 -6.21 -2.98
C ALA B 590 27.26 -7.08 -4.18
N ASN B 591 27.21 -6.47 -5.35
CA ASN B 591 26.97 -7.19 -6.57
C ASN B 591 25.73 -8.10 -6.64
N ASP B 592 24.69 -7.70 -5.96
CA ASP B 592 23.42 -8.43 -5.89
C ASP B 592 23.66 -9.88 -5.47
N GLU B 593 24.59 -10.08 -4.55
CA GLU B 593 25.10 -11.41 -4.23
C GLU B 593 25.49 -11.54 -2.76
N VAL B 594 26.39 -10.66 -2.31
CA VAL B 594 26.95 -10.73 -0.97
C VAL B 594 26.20 -9.75 -0.05
N ALA B 595 25.78 -10.22 1.11
CA ALA B 595 25.11 -9.39 2.11
C ALA B 595 25.85 -9.48 3.45
N LEU B 596 25.96 -8.34 4.13
CA LEU B 596 26.61 -8.28 5.44
C LEU B 596 25.87 -7.27 6.30
N SER B 597 25.22 -7.75 7.36
CA SER B 597 24.49 -6.92 8.31
C SER B 597 25.31 -6.79 9.59
N THR B 598 25.42 -5.58 10.13
CA THR B 598 26.13 -5.40 11.39
C THR B 598 25.55 -4.23 12.18
N ARG B 599 26.20 -3.91 13.29
CA ARG B 599 25.72 -2.89 14.22
C ARG B 599 26.83 -1.92 14.61
N ALA B 600 26.47 -0.63 14.69
CA ALA B 600 27.36 0.40 15.25
C ALA B 600 26.52 1.36 16.09
N TYR B 601 27.03 1.70 17.26
CA TYR B 601 26.29 2.51 18.23
C TYR B 601 27.07 3.75 18.69
N PRO B 602 27.47 4.63 17.75
CA PRO B 602 28.17 5.85 18.19
C PRO B 602 27.28 6.73 19.09
N TRP B 603 27.89 7.28 20.14
CA TRP B 603 27.17 8.13 21.09
C TRP B 603 26.89 9.55 20.58
N LEU B 604 27.86 10.15 19.89
CA LEU B 604 27.78 11.57 19.60
C LEU B 604 26.73 11.86 18.55
N ALA B 605 25.96 12.93 18.77
CA ALA B 605 24.89 13.34 17.87
C ALA B 605 25.37 13.62 16.45
N ASN B 606 26.60 14.12 16.32
CA ASN B 606 27.15 14.42 14.98
C ASN B 606 27.93 13.27 14.32
N SER B 607 27.90 12.07 14.90
CA SER B 607 28.51 10.88 14.27
C SER B 607 27.57 10.28 13.24
N THR B 608 27.29 11.06 12.20
CA THR B 608 26.37 10.69 11.12
C THR B 608 26.99 10.82 9.73
N GLY B 609 28.20 11.37 9.62
CA GLY B 609 28.80 11.65 8.33
C GLY B 609 29.21 10.41 7.56
N ALA B 610 29.48 10.62 6.27
CA ALA B 610 29.90 9.54 5.38
C ALA B 610 30.76 10.05 4.25
N GLY B 611 31.54 9.13 3.68
CA GLY B 611 32.40 9.46 2.56
C GLY B 611 33.21 8.27 2.09
N LEU B 612 34.21 8.55 1.25
CA LEU B 612 35.00 7.53 0.60
C LEU B 612 36.27 7.19 1.37
N LEU B 613 36.62 5.91 1.37
CA LEU B 613 37.85 5.42 1.96
C LEU B 613 38.79 4.97 0.84
N ALA B 614 40.08 5.20 1.04
CA ALA B 614 41.11 4.86 0.06
C ALA B 614 42.37 4.45 0.81
N ASP B 615 43.00 3.35 0.37
CA ASP B 615 44.27 2.91 0.93
C ASP B 615 45.15 2.36 -0.17
N GLY B 616 46.38 2.84 -0.23
CA GLY B 616 47.34 2.40 -1.24
C GLY B 616 46.98 2.80 -2.66
N THR B 617 46.21 3.88 -2.82
CA THR B 617 45.93 4.40 -4.16
C THR B 617 47.04 5.34 -4.57
N THR B 618 47.49 5.21 -5.81
CA THR B 618 48.65 5.92 -6.33
C THR B 618 48.34 6.42 -7.75
N ALA B 619 49.31 7.06 -8.40
CA ALA B 619 49.18 7.44 -9.82
C ALA B 619 49.02 6.21 -10.71
N GLY B 620 49.67 5.11 -10.34
CA GLY B 620 49.63 3.86 -11.09
C GLY B 620 48.55 2.88 -10.68
N ASP B 621 48.14 2.91 -9.40
CA ASP B 621 47.10 2.02 -8.89
C ASP B 621 45.90 2.87 -8.48
N VAL B 622 45.00 3.08 -9.44
CA VAL B 622 43.88 4.02 -9.30
C VAL B 622 42.59 3.25 -9.08
N VAL B 623 41.73 3.74 -8.19
CA VAL B 623 40.37 3.21 -8.04
C VAL B 623 39.39 4.25 -8.56
N GLY B 624 38.64 3.87 -9.59
CA GLY B 624 37.61 4.74 -10.17
C GLY B 624 36.30 4.51 -9.46
N VAL B 625 35.71 5.59 -8.93
CA VAL B 625 34.43 5.51 -8.23
C VAL B 625 33.38 6.31 -9.01
N SER B 626 32.28 5.66 -9.37
CA SER B 626 31.20 6.27 -10.14
C SER B 626 29.84 5.74 -9.67
N GLY B 627 28.77 6.31 -10.21
CA GLY B 627 27.42 5.98 -9.78
C GLY B 627 27.17 6.27 -8.31
N LEU B 628 27.84 7.30 -7.78
CA LEU B 628 27.77 7.64 -6.37
C LEU B 628 26.49 8.38 -6.07
N GLU B 629 25.80 7.94 -5.02
CA GLU B 629 24.52 8.53 -4.67
C GLU B 629 24.27 8.37 -3.18
N LEU B 630 23.82 9.46 -2.55
CA LEU B 630 23.42 9.47 -1.15
C LEU B 630 21.90 9.70 -1.09
N TRP B 631 21.19 8.82 -0.39
CA TRP B 631 19.77 9.04 -0.08
C TRP B 631 19.64 9.34 1.41
N ASP B 632 19.36 10.59 1.74
CA ASP B 632 19.23 11.01 3.13
C ASP B 632 17.77 10.99 3.60
N GLY B 633 17.49 10.17 4.61
CA GLY B 633 16.20 10.16 5.29
C GLY B 633 15.50 8.81 5.28
N LEU B 634 15.54 8.14 4.12
CA LEU B 634 14.82 6.89 3.89
C LEU B 634 13.31 7.08 4.16
N VAL B 635 12.66 6.13 4.83
CA VAL B 635 11.22 6.15 5.05
C VAL B 635 10.95 5.86 6.54
N ASP B 636 9.91 6.48 7.07
CA ASP B 636 9.35 6.11 8.37
C ASP B 636 8.55 4.83 8.16
N ALA B 637 9.13 3.68 8.54
CA ALA B 637 8.50 2.38 8.29
C ALA B 637 7.25 2.08 9.13
N TRP B 638 7.07 2.82 10.23
CA TRP B 638 5.94 2.60 11.14
C TRP B 638 5.23 3.93 11.41
N PRO B 639 4.53 4.46 10.38
CA PRO B 639 3.95 5.81 10.49
C PRO B 639 2.94 6.00 11.62
N ALA B 640 2.21 4.95 11.99
CA ALA B 640 1.25 5.04 13.09
C ALA B 640 1.88 5.01 14.48
N ARG B 641 3.13 4.55 14.58
CA ARG B 641 3.79 4.46 15.88
C ARG B 641 4.34 5.81 16.29
N PRO B 642 4.16 6.19 17.58
CA PRO B 642 4.95 7.30 18.09
C PRO B 642 6.43 6.94 18.19
N ALA B 643 7.28 7.93 18.45
CA ALA B 643 8.73 7.72 18.53
C ALA B 643 9.11 6.72 19.62
N ASN B 644 8.45 6.83 20.78
CA ASN B 644 8.68 5.94 21.90
C ASN B 644 7.46 5.03 22.11
N THR B 645 7.59 3.77 21.69
CA THR B 645 6.55 2.76 21.87
C THR B 645 6.86 1.79 23.02
N SER B 646 7.82 2.14 23.88
CA SER B 646 8.05 1.37 25.10
C SER B 646 6.79 1.34 25.95
N GLN B 647 6.54 0.18 26.55
CA GLN B 647 5.51 0.04 27.57
C GLN B 647 6.12 -0.32 28.93
N GLY B 648 7.42 -0.03 29.09
CA GLY B 648 8.15 -0.45 30.28
C GLY B 648 8.56 -1.90 30.20
N LEU B 649 9.39 -2.31 31.14
CA LEU B 649 9.88 -3.68 31.24
C LEU B 649 9.43 -4.27 32.56
N VAL B 650 9.29 -5.59 32.58
CA VAL B 650 8.83 -6.30 33.77
C VAL B 650 9.74 -7.48 34.07
N TRP B 651 9.71 -7.92 35.33
CA TRP B 651 10.41 -9.10 35.78
C TRP B 651 9.39 -10.20 36.07
N ASP B 652 9.69 -11.42 35.65
CA ASP B 652 8.82 -12.58 35.91
C ASP B 652 8.82 -13.02 37.37
N GLY B 653 9.81 -12.58 38.13
CA GLY B 653 9.90 -12.87 39.56
C GLY B 653 10.72 -14.12 39.83
N PRO B 654 10.77 -14.55 41.11
CA PRO B 654 11.59 -15.69 41.50
C PRO B 654 11.24 -17.03 40.85
N THR B 655 10.01 -17.20 40.38
CA THR B 655 9.62 -18.45 39.73
C THR B 655 10.31 -18.70 38.38
N ALA B 656 10.84 -17.65 37.73
CA ALA B 656 11.52 -17.83 36.46
C ALA B 656 12.71 -18.79 36.60
N ALA B 657 13.52 -18.58 37.65
CA ALA B 657 14.63 -19.47 37.97
C ALA B 657 14.17 -20.87 38.40
N MET B 658 13.03 -20.95 39.10
CA MET B 658 12.46 -22.24 39.51
C MET B 658 12.05 -23.09 38.32
N TYR B 659 11.33 -22.49 37.37
CA TYR B 659 10.91 -23.20 36.16
C TYR B 659 12.10 -23.46 35.24
N GLY B 660 13.05 -22.51 35.22
CA GLY B 660 14.31 -22.69 34.49
C GLY B 660 14.22 -22.61 32.97
N LEU B 661 13.11 -22.08 32.44
CA LEU B 661 12.86 -22.06 31.00
C LEU B 661 13.26 -20.75 30.34
N PHE B 662 13.00 -19.64 31.05
CA PHE B 662 13.25 -18.29 30.54
C PHE B 662 14.10 -17.52 31.54
N ALA B 663 14.89 -16.57 31.05
CA ALA B 663 15.69 -15.71 31.92
C ALA B 663 14.81 -14.96 32.92
N GLY B 664 13.66 -14.48 32.45
CA GLY B 664 12.67 -13.82 33.31
C GLY B 664 12.61 -12.31 33.16
N TYR B 665 13.47 -11.74 32.32
CA TYR B 665 13.51 -10.29 32.10
C TYR B 665 13.80 -9.99 30.64
C1 NAG C . -34.72 -12.32 -5.40
C2 NAG C . -35.04 -13.49 -4.48
C3 NAG C . -36.38 -13.26 -3.82
C4 NAG C . -36.33 -11.95 -3.05
C5 NAG C . -35.91 -10.79 -3.98
C6 NAG C . -35.66 -9.50 -3.19
C7 NAG C . -34.33 -15.81 -4.87
C8 NAG C . -34.55 -17.04 -5.72
N2 NAG C . -35.09 -14.76 -5.19
O3 NAG C . -36.68 -14.34 -2.93
O4 NAG C . -37.56 -11.74 -2.35
O5 NAG C . -34.69 -11.13 -4.62
O6 NAG C . -35.85 -8.36 -4.04
O7 NAG C . -33.51 -15.81 -3.97
C1 NAG C . -38.69 -11.29 -3.13
C2 NAG C . -39.98 -11.73 -2.45
C3 NAG C . -41.18 -11.23 -3.25
C4 NAG C . -41.05 -9.72 -3.47
C5 NAG C . -39.69 -9.36 -4.08
C6 NAG C . -39.46 -7.84 -4.19
C7 NAG C . -39.69 -13.89 -1.25
C8 NAG C . -39.30 -13.18 0.01
N2 NAG C . -40.00 -13.18 -2.34
O3 NAG C . -42.37 -11.52 -2.53
O4 NAG C . -42.05 -9.29 -4.38
O5 NAG C . -38.67 -9.87 -3.26
O6 NAG C . -38.29 -7.62 -4.99
O7 NAG C . -39.73 -15.12 -1.27
C1 BMA C . -43.19 -8.71 -3.73
C2 BMA C . -43.77 -7.71 -4.71
C3 BMA C . -45.07 -7.11 -4.18
C4 BMA C . -46.03 -8.21 -3.75
C5 BMA C . -45.37 -9.24 -2.84
C6 BMA C . -46.32 -10.42 -2.61
O2 BMA C . -44.02 -8.42 -5.93
O3 BMA C . -45.75 -6.43 -5.23
O4 BMA C . -47.14 -7.62 -3.07
O5 BMA C . -44.15 -9.72 -3.41
O6 BMA C . -45.56 -11.47 -2.00
C1 MAN C . -46.34 -12.64 -1.68
C2 MAN C . -45.65 -13.32 -0.49
C3 MAN C . -44.35 -13.99 -0.90
C4 MAN C . -44.57 -14.90 -2.12
C5 MAN C . -45.30 -14.16 -3.27
C6 MAN C . -45.66 -15.04 -4.48
O2 MAN C . -46.55 -14.29 0.08
O3 MAN C . -43.83 -14.78 0.20
O4 MAN C . -43.31 -15.38 -2.60
O5 MAN C . -46.51 -13.56 -2.77
O6 MAN C . -45.85 -16.43 -4.15
C1 MAN C . -42.79 -14.12 0.97
C2 MAN C . -41.99 -15.15 1.78
C3 MAN C . -42.81 -15.71 2.93
C4 MAN C . -43.32 -14.57 3.80
C5 MAN C . -44.08 -13.55 2.96
C6 MAN C . -44.47 -12.32 3.78
O2 MAN C . -40.80 -14.55 2.31
O3 MAN C . -42.01 -16.61 3.71
O4 MAN C . -44.17 -15.11 4.83
O5 MAN C . -43.28 -13.10 1.86
O6 MAN C . -45.51 -11.62 3.07
C1 MAN C . -45.31 -5.10 -5.53
C2 MAN C . -46.47 -4.44 -6.25
C3 MAN C . -46.80 -5.19 -7.52
C4 MAN C . -45.55 -5.24 -8.42
C5 MAN C . -44.28 -5.65 -7.66
C6 MAN C . -43.02 -5.39 -8.48
O2 MAN C . -46.10 -3.12 -6.66
O3 MAN C . -47.85 -4.53 -8.22
O4 MAN C . -45.79 -6.19 -9.47
O5 MAN C . -44.15 -5.01 -6.37
O6 MAN C . -42.88 -4.00 -8.81
C1 NAG D . -30.27 -2.46 9.43
C2 NAG D . -31.29 -3.59 9.55
C3 NAG D . -31.08 -4.46 10.78
C4 NAG D . -29.62 -4.89 10.83
C5 NAG D . -28.71 -3.68 10.74
C6 NAG D . -27.23 -4.01 10.85
C7 NAG D . -33.44 -3.01 8.47
C8 NAG D . -34.74 -2.31 8.67
N2 NAG D . -32.62 -3.00 9.54
O3 NAG D . -31.95 -5.59 10.73
O4 NAG D . -29.44 -5.58 12.07
O5 NAG D . -28.95 -3.00 9.50
O6 NAG D . -26.84 -4.78 9.71
O7 NAG D . -33.16 -3.53 7.41
C1 NAG D . -28.76 -6.84 11.90
C2 NAG D . -28.37 -7.39 13.27
C3 NAG D . -27.74 -8.78 13.13
C4 NAG D . -28.58 -9.68 12.22
C5 NAG D . -28.88 -8.99 10.90
C6 NAG D . -29.71 -9.86 9.95
C7 NAG D . -27.75 -5.52 14.77
C8 NAG D . -26.57 -4.82 15.38
N2 NAG D . -27.42 -6.55 13.98
O3 NAG D . -27.61 -9.37 14.42
O4 NAG D . -27.80 -10.85 11.91
O5 NAG D . -29.58 -7.78 11.20
O6 NAG D . -30.95 -10.22 10.57
O7 NAG D . -28.90 -5.16 14.97
C1 BMA D . -28.20 -12.02 12.65
C2 BMA D . -27.93 -13.20 11.75
C3 BMA D . -28.22 -14.51 12.46
C4 BMA D . -27.51 -14.58 13.81
C5 BMA D . -27.77 -13.31 14.60
C6 BMA D . -26.93 -13.31 15.85
O2 BMA D . -26.55 -13.19 11.36
O3 BMA D . -27.74 -15.57 11.65
O4 BMA D . -27.97 -15.71 14.54
O5 BMA D . -27.42 -12.15 13.84
O6 BMA D . -27.37 -12.18 16.63
C1 MAN D . -28.75 -16.57 11.48
C2 MAN D . -28.11 -17.80 10.87
C3 MAN D . -27.58 -17.50 9.47
C4 MAN D . -28.73 -17.02 8.59
C5 MAN D . -29.59 -15.94 9.26
C6 MAN D . -30.96 -15.88 8.60
O2 MAN D . -29.17 -18.75 10.82
O3 MAN D . -26.98 -18.67 8.91
O4 MAN D . -28.19 -16.52 7.37
O5 MAN D . -29.84 -16.14 10.65
O6 MAN D . -31.47 -14.54 8.71
C1 MAN D . -28.74 -20.02 11.32
C2 MAN D . -29.74 -21.08 10.85
C3 MAN D . -31.04 -20.92 11.62
C4 MAN D . -30.78 -21.13 13.11
C5 MAN D . -29.58 -20.36 13.66
C6 MAN D . -28.86 -21.18 14.73
O2 MAN D . -29.20 -22.38 11.08
O3 MAN D . -31.98 -21.90 11.14
O4 MAN D . -31.96 -20.74 13.84
O5 MAN D . -28.52 -20.03 12.73
O6 MAN D . -27.97 -20.34 15.46
C1 MAN D . -28.20 -22.77 10.12
C2 MAN D . -28.86 -23.68 9.10
C3 MAN D . -29.14 -25.06 9.70
C4 MAN D . -27.95 -25.61 10.48
C5 MAN D . -27.44 -24.58 11.49
C6 MAN D . -26.25 -25.06 12.34
O2 MAN D . -28.01 -23.80 7.95
O3 MAN D . -29.52 -25.98 8.68
O4 MAN D . -28.34 -26.81 11.14
O5 MAN D . -27.09 -23.40 10.75
O6 MAN D . -25.03 -24.94 11.61
C1 MAN D . -26.67 -12.10 17.87
C2 MAN D . -27.10 -10.82 18.58
C3 MAN D . -26.50 -9.57 17.92
C4 MAN D . -25.00 -9.73 17.73
C5 MAN D . -24.77 -11.00 16.93
C6 MAN D . -23.32 -11.28 16.58
O2 MAN D . -26.66 -10.89 19.94
O3 MAN D . -26.75 -8.41 18.73
O4 MAN D . -24.47 -8.58 17.06
O5 MAN D . -25.25 -12.10 17.71
O6 MAN D . -22.66 -11.50 17.83
C1 MAN D . -21.24 -11.39 17.70
C2 MAN D . -20.62 -12.02 18.93
C3 MAN D . -21.00 -11.21 20.18
C4 MAN D . -20.66 -9.73 19.97
C5 MAN D . -21.19 -9.18 18.64
C6 MAN D . -20.75 -7.75 18.37
O2 MAN D . -19.19 -12.01 18.82
O3 MAN D . -20.31 -11.71 21.32
O4 MAN D . -21.25 -8.99 21.05
O5 MAN D . -20.79 -10.03 17.56
O6 MAN D . -19.31 -7.67 18.28
C1 MAN D . -18.63 -13.17 18.16
C2 MAN D . -17.15 -13.20 18.53
C3 MAN D . -16.38 -12.07 17.82
C4 MAN D . -16.72 -11.94 16.34
C5 MAN D . -18.23 -12.01 16.09
C6 MAN D . -18.53 -12.02 14.58
O2 MAN D . -16.59 -14.48 18.22
O3 MAN D . -14.97 -12.30 17.95
O4 MAN D . -16.22 -10.69 15.85
O5 MAN D . -18.77 -13.17 16.73
O6 MAN D . -19.91 -12.34 14.35
C1 MAN D . -27.75 -7.56 18.15
C2 MAN D . -27.73 -6.22 18.88
C3 MAN D . -28.24 -6.39 20.31
C4 MAN D . -29.62 -7.06 20.31
C5 MAN D . -29.56 -8.37 19.51
C6 MAN D . -30.94 -9.02 19.37
O2 MAN D . -28.56 -5.30 18.16
O3 MAN D . -28.30 -5.10 20.94
O4 MAN D . -30.04 -7.30 21.65
O5 MAN D . -29.06 -8.13 18.19
O6 MAN D . -30.82 -10.24 18.65
C1 NAG E . -2.18 19.18 -22.82
C2 NAG E . -1.97 20.57 -22.21
C3 NAG E . -0.56 21.05 -22.50
C4 NAG E . 0.49 19.97 -22.25
C5 NAG E . 0.12 18.63 -22.87
C6 NAG E . 1.07 17.48 -22.55
C7 NAG E . -4.07 21.86 -22.16
C8 NAG E . -4.91 22.83 -22.94
N2 NAG E . -2.94 21.49 -22.77
O3 NAG E . -0.27 22.18 -21.67
O4 NAG E . 1.70 20.44 -22.86
O5 NAG E . -1.17 18.29 -22.38
O6 NAG E . 1.04 17.17 -21.15
O7 NAG E . -4.42 21.46 -21.07
C1 NAG E . 2.79 20.49 -21.93
C2 NAG E . 4.08 20.44 -22.73
C3 NAG E . 5.22 20.34 -21.72
C4 NAG E . 5.18 21.52 -20.75
C5 NAG E . 3.80 21.68 -20.11
C6 NAG E . 3.73 22.99 -19.32
C7 NAG E . 3.83 19.30 -24.97
C8 NAG E . 3.51 20.59 -25.68
N2 NAG E . 4.09 19.30 -23.64
O3 NAG E . 6.48 20.32 -22.40
O4 NAG E . 6.18 21.34 -19.74
O5 NAG E . 2.77 21.67 -21.12
O6 NAG E . 2.46 23.08 -18.66
O7 NAG E . 3.87 18.26 -25.60
C1 NAG F . 12.98 -1.89 34.92
C2 NAG F . 11.87 -1.64 35.93
C3 NAG F . 11.90 -2.72 37.01
C4 NAG F . 11.78 -4.08 36.35
C5 NAG F . 12.86 -4.27 35.26
C6 NAG F . 12.61 -5.54 34.46
C7 NAG F . 11.05 0.60 36.55
C8 NAG F . 11.39 1.87 37.26
N2 NAG F . 12.01 -0.34 36.55
O3 NAG F . 10.79 -2.53 37.91
O4 NAG F . 11.74 -5.13 37.35
O5 NAG F . 12.79 -3.18 34.34
O6 NAG F . 13.84 -6.01 33.89
O7 NAG F . 9.96 0.44 36.02
C1 NAG F . 13.00 -5.49 37.94
C2 NAG F . 12.75 -6.06 39.33
C3 NAG F . 14.06 -6.49 39.95
C4 NAG F . 14.85 -7.39 38.99
C5 NAG F . 14.97 -6.79 37.61
C6 NAG F . 15.59 -7.75 36.59
C7 NAG F . 10.74 -5.06 40.35
C8 NAG F . 10.21 -3.94 41.22
N2 NAG F . 12.06 -5.07 40.14
O3 NAG F . 13.81 -7.21 41.17
O4 NAG F . 16.18 -7.59 39.50
O5 NAG F . 13.69 -6.44 37.14
O6 NAG F . 15.85 -7.05 35.37
O7 NAG F . 9.98 -5.91 39.91
C1 BMA F . 16.36 -8.84 40.16
C2 BMA F . 17.83 -9.24 40.06
C3 BMA F . 18.01 -10.57 40.79
C4 BMA F . 17.61 -10.41 42.25
C5 BMA F . 16.19 -9.87 42.37
C6 BMA F . 15.94 -9.45 43.81
O2 BMA F . 18.65 -8.22 40.65
O3 BMA F . 19.36 -11.04 40.82
O4 BMA F . 17.66 -11.69 42.88
O5 BMA F . 15.97 -8.73 41.53
O6 BMA F . 14.64 -8.84 43.83
C1 MAN F . 14.24 -8.42 45.14
C2 MAN F . 12.72 -8.30 45.09
C3 MAN F . 12.28 -7.06 44.31
C4 MAN F . 12.99 -5.82 44.84
C5 MAN F . 14.52 -6.01 44.86
C6 MAN F . 15.24 -4.81 45.47
O2 MAN F . 12.19 -8.25 46.43
O3 MAN F . 10.85 -6.86 44.43
O4 MAN F . 12.66 -4.68 44.02
O5 MAN F . 14.86 -7.20 45.59
O6 MAN F . 14.75 -4.47 46.76
C1 MAN F . 10.09 -7.25 43.28
C2 MAN F . 8.74 -6.54 43.34
C3 MAN F . 7.92 -7.06 44.51
C4 MAN F . 7.79 -8.58 44.43
C5 MAN F . 9.14 -9.26 44.24
C6 MAN F . 9.00 -10.75 43.94
O2 MAN F . 8.02 -6.73 42.11
O3 MAN F . 6.62 -6.46 44.50
O4 MAN F . 7.16 -9.06 45.62
O5 MAN F . 9.87 -8.66 43.16
O6 MAN F . 10.15 -11.44 44.45
C1 MAN F . 19.80 -11.63 39.58
C2 MAN F . 20.88 -12.66 39.92
C3 MAN F . 22.09 -11.95 40.53
C4 MAN F . 22.53 -10.72 39.72
C5 MAN F . 21.33 -9.85 39.29
C6 MAN F . 21.74 -8.73 38.33
O2 MAN F . 21.26 -13.36 38.72
O3 MAN F . 23.18 -12.87 40.62
O4 MAN F . 23.41 -9.93 40.52
O5 MAN F . 20.33 -10.67 38.68
O6 MAN F . 22.18 -9.26 37.07
C1 NAG G . 2.85 -15.48 27.74
C2 NAG G . 2.70 -15.13 29.23
C3 NAG G . 1.24 -15.06 29.67
C4 NAG G . 0.47 -14.17 28.70
C5 NAG G . 0.67 -14.64 27.27
C6 NAG G . -0.09 -13.83 26.23
C7 NAG G . 4.68 -15.82 30.56
C8 NAG G . 5.32 -16.95 31.30
N2 NAG G . 3.47 -16.09 30.02
O3 NAG G . 1.16 -14.54 31.00
O4 NAG G . -0.91 -14.24 29.08
O5 NAG G . 2.08 -14.57 26.95
O6 NAG G . 0.38 -12.49 26.20
O7 NAG G . 5.23 -14.74 30.44
C1 NAG G . -1.54 -12.94 29.19
C2 NAG G . -3.04 -13.11 29.36
C3 NAG G . -3.72 -11.75 29.56
C4 NAG G . -3.00 -10.91 30.60
C5 NAG G . -1.51 -10.85 30.32
C6 NAG G . -0.74 -10.04 31.37
C7 NAG G . -3.75 -15.09 28.03
C8 NAG G . -4.40 -15.50 26.73
N2 NAG G . -3.63 -13.77 28.20
O3 NAG G . -5.08 -11.95 29.93
O4 NAG G . -3.50 -9.58 30.54
O5 NAG G . -0.98 -12.17 30.26
O6 NAG G . -0.90 -10.64 32.66
O7 NAG G . -3.36 -15.92 28.83
C1 BMA G . -4.43 -9.24 31.58
C2 BMA G . -4.28 -7.76 31.86
C3 BMA G . -5.29 -7.31 32.90
C4 BMA G . -6.70 -7.74 32.53
C5 BMA G . -6.74 -9.22 32.19
C6 BMA G . -8.11 -9.59 31.66
O2 BMA G . -4.48 -7.02 30.65
O3 BMA G . -5.25 -5.88 32.98
O4 BMA G . -7.58 -7.46 33.62
O5 BMA G . -5.76 -9.53 31.18
O6 BMA G . -8.12 -11.01 31.44
C1 MAN G . -5.09 -5.44 34.33
C2 MAN G . -5.33 -3.94 34.40
C3 MAN G . -4.24 -3.20 33.64
C4 MAN G . -2.87 -3.56 34.23
C5 MAN G . -2.67 -5.08 34.34
C6 MAN G . -1.50 -5.37 35.27
O2 MAN G . -5.29 -3.60 35.78
O3 MAN G . -4.44 -1.79 33.74
O4 MAN G . -1.85 -3.01 33.38
O5 MAN G . -3.82 -5.75 34.89
O6 MAN G . -1.18 -6.76 35.24
C1 MAN G . -6.36 -2.75 36.22
C2 MAN G . -5.94 -2.20 37.57
C3 MAN G . -5.99 -3.29 38.63
C4 MAN G . -7.38 -3.91 38.67
C5 MAN G . -7.79 -4.42 37.29
C6 MAN G . -9.24 -4.90 37.34
O2 MAN G . -6.81 -1.12 37.94
O3 MAN G . -5.66 -2.74 39.91
O4 MAN G . -7.40 -4.98 39.61
O5 MAN G . -7.64 -3.40 36.29
O6 MAN G . -9.82 -4.95 36.03
C1 MAN G . -6.19 0.19 37.81
C2 MAN G . -6.98 1.19 38.65
C3 MAN G . -8.32 1.57 38.00
C4 MAN G . -8.19 1.87 36.51
C5 MAN G . -7.35 0.80 35.79
C6 MAN G . -7.12 1.16 34.32
O2 MAN G . -6.19 2.36 38.85
O3 MAN G . -8.88 2.70 38.66
O4 MAN G . -9.49 1.91 35.92
O5 MAN G . -6.09 0.64 36.45
O6 MAN G . -8.11 0.51 33.50
C1 MAN G . -9.41 -11.44 30.95
C2 MAN G . -9.35 -12.95 30.72
C3 MAN G . -8.50 -13.28 29.49
C4 MAN G . -8.96 -12.46 28.29
C5 MAN G . -8.88 -10.98 28.67
C6 MAN G . -9.24 -10.05 27.53
O2 MAN G . -10.67 -13.45 30.55
O3 MAN G . -8.60 -14.68 29.17
O4 MAN G . -8.14 -12.76 27.15
O5 MAN G . -9.79 -10.77 29.74
O6 MAN G . -10.63 -10.24 27.29
C1 MAN G . -11.02 -9.71 26.03
C2 MAN G . -12.55 -9.65 26.00
C3 MAN G . -13.10 -11.08 26.06
C4 MAN G . -12.46 -12.00 25.03
C5 MAN G . -10.93 -11.85 24.95
C6 MAN G . -10.32 -12.58 23.76
O2 MAN G . -13.00 -9.04 24.79
O3 MAN G . -14.52 -11.05 25.85
O4 MAN G . -12.77 -13.35 25.37
O5 MAN G . -10.56 -10.47 24.90
O6 MAN G . -10.76 -12.01 22.53
C1 MAN G . -13.19 -7.61 24.86
C2 MAN G . -14.01 -7.24 23.62
C3 MAN G . -13.18 -7.41 22.35
C4 MAN G . -11.80 -6.74 22.45
C5 MAN G . -11.10 -7.08 23.76
C6 MAN G . -9.79 -6.31 23.91
O2 MAN G . -14.50 -5.90 23.75
O3 MAN G . -13.89 -6.86 21.23
O4 MAN G . -10.99 -7.21 21.36
O5 MAN G . -11.98 -6.84 24.87
O6 MAN G . -9.25 -6.51 25.22
C1 MAN G . -7.39 -15.39 29.46
C2 MAN G . -7.48 -16.76 28.81
C3 MAN G . -8.55 -17.62 29.49
C4 MAN G . -8.25 -17.69 31.00
C5 MAN G . -8.15 -16.28 31.57
C6 MAN G . -7.79 -16.29 33.05
O2 MAN G . -6.20 -17.38 28.90
O3 MAN G . -8.56 -18.93 28.91
O4 MAN G . -9.28 -18.43 31.67
O5 MAN G . -7.15 -15.52 30.86
O6 MAN G . -7.71 -14.94 33.53
C1 NAG H . 27.44 -2.76 -11.48
C2 NAG H . 27.33 -4.02 -12.32
C3 NAG H . 27.16 -3.74 -13.81
C4 NAG H . 26.14 -2.64 -14.09
C5 NAG H . 26.40 -1.45 -13.17
C6 NAG H . 25.36 -0.35 -13.29
C7 NAG H . 28.70 -5.78 -11.30
C8 NAG H . 30.09 -6.30 -11.24
N2 NAG H . 28.58 -4.74 -12.09
O3 NAG H . 26.76 -4.95 -14.47
O4 NAG H . 26.20 -2.25 -15.46
O5 NAG H . 26.37 -1.87 -11.81
O6 NAG H . 24.06 -0.84 -12.93
O7 NAG H . 27.78 -6.31 -10.68
C1 NAG H . 25.00 -2.64 -16.18
C2 NAG H . 24.88 -1.88 -17.51
C3 NAG H . 23.82 -2.49 -18.45
C4 NAG H . 23.82 -4.02 -18.44
C5 NAG H . 23.75 -4.50 -16.99
C6 NAG H . 23.55 -6.00 -16.77
C7 NAG H . 25.37 0.49 -16.97
C8 NAG H . 24.73 1.81 -16.60
N2 NAG H . 24.50 -0.50 -17.17
O3 NAG H . 24.06 -2.03 -19.79
O4 NAG H . 22.70 -4.51 -19.20
O5 NAG H . 24.95 -4.06 -16.37
O6 NAG H . 23.54 -6.74 -17.99
O7 NAG H . 26.58 0.38 -17.05
C1 NAG I . -40.52 -9.76 -20.38
C2 NAG I . -41.79 -9.52 -21.17
C3 NAG I . -42.83 -8.82 -20.29
C4 NAG I . -43.09 -9.70 -19.07
C5 NAG I . -41.76 -9.96 -18.35
C6 NAG I . -41.90 -10.83 -17.10
C7 NAG I . -41.55 -9.19 -23.62
C8 NAG I . -41.95 -10.61 -23.89
N2 NAG I . -41.50 -8.74 -22.36
O3 NAG I . -44.04 -8.63 -21.02
O4 NAG I . -44.02 -9.03 -18.21
O5 NAG I . -40.84 -10.58 -19.25
O6 NAG I . -40.75 -10.60 -16.26
O7 NAG I . -41.28 -8.44 -24.55
C1 NAG J . -15.70 -12.45 7.37
C2 NAG J . -15.81 -13.33 6.11
C3 NAG J . -16.72 -14.54 6.39
C4 NAG J . -16.57 -15.18 7.78
C5 NAG J . -16.37 -14.15 8.88
C6 NAG J . -16.04 -14.77 10.23
C7 NAG J . -15.80 -12.43 3.79
C8 NAG J . -16.65 -11.76 2.75
N2 NAG J . -16.41 -12.66 4.96
O3 NAG J . -16.49 -15.54 5.39
O4 NAG J . -17.74 -15.96 8.05
O5 NAG J . -15.32 -13.26 8.49
O6 NAG J . -16.69 -14.04 11.28
O7 NAG J . -14.63 -12.73 3.56
C1 NAG K . -43.09 26.74 9.08
C2 NAG K . -44.23 25.78 8.75
C3 NAG K . -45.25 25.62 9.88
C4 NAG K . -44.60 25.43 11.23
C5 NAG K . -43.49 26.44 11.50
C6 NAG K . -42.71 26.03 12.75
C7 NAG K . -45.41 25.40 6.62
C8 NAG K . -46.08 26.06 5.45
N2 NAG K . -44.92 26.23 7.55
O3 NAG K . -46.09 24.48 9.60
O4 NAG K . -45.61 25.55 12.24
O5 NAG K . -42.58 26.51 10.40
O6 NAG K . -41.65 26.96 12.99
O7 NAG K . -45.34 24.18 6.70
C1 NAG L . -8.45 42.14 13.88
C2 NAG L . -8.35 42.49 12.41
C3 NAG L . -6.89 42.85 12.09
C4 NAG L . -6.36 43.91 13.06
C5 NAG L . -6.64 43.56 14.52
C6 NAG L . -6.31 44.69 15.49
C7 NAG L . -10.04 41.40 10.98
C8 NAG L . -10.39 40.17 10.18
N2 NAG L . -8.84 41.38 11.60
O3 NAG L . -6.84 43.35 10.74
O4 NAG L . -4.95 44.04 12.86
O5 NAG L . -8.02 43.24 14.68
O6 NAG L . -7.16 45.82 15.27
O7 NAG L . -10.81 42.34 11.04
C1 NAG M . -20.62 34.84 26.04
C2 NAG M . -22.13 35.06 25.96
C3 NAG M . -22.48 36.27 26.81
C4 NAG M . -22.05 36.02 28.25
C5 NAG M . -20.55 35.72 28.31
C6 NAG M . -20.18 35.29 29.73
C7 NAG M . -23.52 34.50 23.98
C8 NAG M . -23.92 34.92 22.59
N2 NAG M . -22.63 35.29 24.61
O3 NAG M . -23.88 36.54 26.75
O4 NAG M . -22.35 37.17 29.04
O5 NAG M . -20.22 34.66 27.40
O6 NAG M . -18.82 34.83 29.77
O7 NAG M . -24.00 33.49 24.48
C1 NAG N . -0.96 34.87 9.30
C2 NAG N . -0.90 35.87 10.44
C3 NAG N . 0.42 36.67 10.53
C4 NAG N . 1.66 36.01 9.90
C5 NAG N . 1.31 35.15 8.69
C6 NAG N . 2.52 34.42 8.11
C7 NAG N . -3.16 36.81 10.87
C8 NAG N . -4.14 37.83 10.35
N2 NAG N . -2.01 36.78 10.19
O3 NAG N . 0.71 36.92 11.91
O4 NAG N . 2.57 37.04 9.52
O5 NAG N . 0.29 34.22 9.09
O6 NAG N . 2.52 33.02 8.45
O7 NAG N . -3.42 36.10 11.82
C1 NAG O . -25.90 36.45 12.11
C2 NAG O . -27.03 35.51 12.51
C3 NAG O . -27.59 34.79 11.29
C4 NAG O . -27.98 35.80 10.22
C5 NAG O . -26.79 36.71 9.91
C6 NAG O . -27.09 37.78 8.87
C7 NAG O . -27.13 34.23 14.66
C8 NAG O . -28.44 34.85 15.03
N2 NAG O . -26.53 34.57 13.50
O3 NAG O . -28.72 34.00 11.66
O4 NAG O . -28.43 35.15 9.03
O5 NAG O . -26.36 37.34 11.10
O6 NAG O . -28.31 38.45 9.17
O7 NAG O . -26.59 33.43 15.41
C1 NAG P . -8.51 43.66 -19.54
C2 NAG P . -9.15 45.03 -19.39
C3 NAG P . -10.26 45.21 -20.43
C4 NAG P . -9.70 44.94 -21.83
C5 NAG P . -9.00 43.58 -21.90
C6 NAG P . -8.29 43.34 -23.22
C7 NAG P . -9.13 45.96 -17.10
C8 NAG P . -9.78 45.92 -15.76
N2 NAG P . -9.67 45.15 -18.03
O3 NAG P . -10.76 46.55 -20.35
O4 NAG P . -10.75 44.97 -22.79
O5 NAG P . -8.02 43.49 -20.87
O6 NAG P . -7.19 44.25 -23.36
O7 NAG P . -8.17 46.68 -17.31
C1 NAG Q . -0.29 -2.44 -10.09
C2 NAG Q . 1.00 -1.67 -9.84
C3 NAG Q . 1.35 -1.64 -8.35
C4 NAG Q . 0.16 -1.22 -7.51
C5 NAG Q . -1.01 -2.15 -7.82
C6 NAG Q . -2.27 -1.90 -7.01
C7 NAG Q . 2.96 -1.65 -11.38
C8 NAG Q . 2.91 -0.15 -11.43
N2 NAG Q . 2.06 -2.29 -10.62
O3 NAG Q . 2.45 -0.75 -8.12
O4 NAG Q . 0.50 -1.27 -6.12
O5 NAG Q . -1.32 -1.99 -9.20
O6 NAG Q . -2.64 -0.52 -7.04
O7 NAG Q . 3.82 -2.26 -12.00
C1 NAG R . -4.55 13.41 -44.40
C2 NAG R . -3.05 13.68 -44.58
C3 NAG R . -2.34 12.41 -45.03
C4 NAG R . -2.63 11.27 -44.05
C5 NAG R . -4.13 11.10 -43.82
C6 NAG R . -4.42 10.11 -42.69
C7 NAG R . -1.93 15.74 -45.33
C8 NAG R . -1.87 16.83 -46.36
N2 NAG R . -2.86 14.79 -45.50
O3 NAG R . -0.92 12.64 -45.08
O4 NAG R . -2.07 10.05 -44.56
O5 NAG R . -4.74 12.34 -43.47
O6 NAG R . -3.90 10.62 -41.45
O7 NAG R . -1.15 15.75 -44.40
C1 NAG S . -12.28 33.39 -35.55
C2 NAG S . -13.49 34.21 -35.08
C3 NAG S . -12.90 35.50 -34.50
C4 NAG S . -12.26 35.12 -33.17
C5 NAG S . -11.24 33.98 -33.32
C6 NAG S . -11.20 33.11 -32.05
C7 NAG S . -15.77 34.08 -36.09
C8 NAG S . -16.27 33.18 -35.00
N2 NAG S . -14.49 34.51 -36.09
O3 NAG S . -13.92 36.49 -34.28
O4 NAG S . -11.60 36.28 -32.63
O5 NAG S . -11.44 33.09 -34.44
O6 NAG S . -9.94 33.30 -31.39
O7 NAG S . -16.52 34.41 -37.00
C1 NAG T . -24.22 23.44 -26.83
C2 NAG T . -25.42 23.30 -27.78
C3 NAG T . -26.46 24.39 -27.47
C4 NAG T . -26.91 24.30 -26.01
C5 NAG T . -25.71 24.36 -25.07
C6 NAG T . -26.13 24.02 -23.64
C7 NAG T . -24.70 22.28 -29.90
C8 NAG T . -24.42 22.53 -31.36
N2 NAG T . -25.08 23.35 -29.19
O3 NAG T . -27.61 24.22 -28.31
O4 NAG T . -27.82 25.38 -25.74
O5 NAG T . -24.69 23.42 -25.47
O6 NAG T . -25.28 24.70 -22.72
O7 NAG T . -24.59 21.16 -29.43
C1 NAG U . -33.77 5.64 -26.48
C2 NAG U . -34.08 4.95 -27.80
C3 NAG U . -35.55 5.10 -28.16
C4 NAG U . -36.44 4.59 -27.02
C5 NAG U . -35.93 4.92 -25.61
C6 NAG U . -36.47 3.92 -24.59
C7 NAG U . -32.56 4.66 -29.77
C8 NAG U . -32.69 3.17 -29.65
N2 NAG U . -33.23 5.44 -28.90
O3 NAG U . -35.86 4.34 -29.34
O4 NAG U . -37.74 5.16 -27.17
O5 NAG U . -34.51 4.91 -25.50
O6 NAG U . -36.78 4.61 -23.38
O7 NAG U . -31.88 5.15 -30.65
C1 NAG V . -19.39 -9.09 -32.88
C2 NAG V . -18.93 -9.34 -34.32
C3 NAG V . -20.12 -9.29 -35.29
C4 NAG V . -21.25 -10.18 -34.80
C5 NAG V . -21.61 -9.81 -33.36
C6 NAG V . -22.73 -10.69 -32.80
C7 NAG V . -17.76 -7.14 -34.81
C8 NAG V . -19.01 -6.33 -34.81
N2 NAG V . -17.78 -8.46 -34.61
O3 NAG V . -19.71 -9.69 -36.60
O4 NAG V . -22.37 -10.02 -35.66
O5 NAG V . -20.45 -9.98 -32.53
O6 NAG V . -22.19 -11.94 -32.38
O7 NAG V . -16.70 -6.57 -35.03
C1 NAG W . -23.68 -14.78 -8.07
C2 NAG W . -24.47 -15.57 -9.12
C3 NAG W . -25.94 -15.66 -8.73
C4 NAG W . -26.08 -16.18 -7.31
C5 NAG W . -25.30 -15.27 -6.37
C6 NAG W . -25.42 -15.68 -4.90
C7 NAG W . -23.35 -15.22 -11.27
C8 NAG W . -23.32 -14.41 -12.55
N2 NAG W . -24.31 -14.90 -10.40
O3 NAG W . -26.63 -16.52 -9.64
O4 NAG W . -27.46 -16.22 -6.95
O5 NAG W . -23.92 -15.30 -6.76
O6 NAG W . -24.89 -16.99 -4.71
O7 NAG W . -22.52 -16.09 -11.08
C4 9OK X . -27.55 11.94 2.55
C5 9OK X . -27.40 10.58 1.87
C6 9OK X . -28.43 9.56 2.38
CAF 9OK X . -33.39 12.50 0.25
CAJ 9OK X . -34.63 12.36 0.85
OAC 9OK X . -35.61 13.30 0.73
CAI 9OK X . -34.94 11.22 1.60
OAB 9OK X . -36.17 11.13 2.17
CAD 9OK X . -33.97 10.22 1.77
CAE 9OK X . -32.72 10.36 1.16
CAK 9OK X . -32.42 11.51 0.42
CAH 9OK X . -31.19 11.63 -0.20
CAG 9OK X . -30.26 12.40 0.69
O2 9OK X . -29.10 12.60 -0.16
C2 9OK X . -27.74 12.17 0.18
C1 9OK X . -26.86 12.57 -0.98
O1 9OK X . -27.48 12.02 -2.15
O5 9OK X . -27.64 10.77 0.45
O6 9OK X . -28.12 8.28 1.84
O4 9OK X . -26.63 12.07 3.62
C3 9OK X . -27.19 12.88 1.42
O3 9OK X . -27.79 14.19 1.56
C4 9WZ Y . -32.29 3.48 -8.86
C5 9WZ Y . -33.19 4.39 -9.67
C6 9WZ Y . -34.16 5.18 -8.80
C3 9WZ Y . -31.02 3.48 -9.70
O6 9WZ Y . -35.30 5.55 -9.59
O4 9WZ Y . -32.84 2.16 -8.76
O3 9WZ Y . -29.87 3.08 -8.97
O5 9WZ Y . -32.33 5.28 -10.39
C2 9WZ Y . -30.96 4.90 -10.18
O2 9WZ Y . -30.45 5.73 -9.10
C1 9WZ Y . -30.12 4.97 -11.46
O1 9WZ Y . -30.86 4.55 -12.60
CAF 9WZ Y . -30.52 8.74 -7.10
CAJ 9WZ Y . -30.90 7.40 -7.27
OAC 9WZ Y . -31.45 6.70 -6.24
CAI 9WZ Y . -30.74 6.71 -8.49
CAD 9WZ Y . -30.19 7.48 -9.53
CAE 9WZ Y . -29.81 8.77 -9.37
CAK 9WZ Y . -29.94 9.43 -8.16
CAH 9WZ Y . -29.59 10.75 -8.13
CAG 9WZ Y . -28.22 11.02 -7.67
OAA 9WZ Y . -28.40 11.61 -6.36
CAF 975 Z . -7.26 41.35 -28.41
CAJ 975 Z . -5.95 41.12 -28.01
OAC 975 Z . -5.18 40.14 -28.57
CAI 975 Z . -5.37 41.90 -27.01
OAB 975 Z . -4.08 41.62 -26.67
CAD 975 Z . -6.10 42.92 -26.40
CAE 975 Z . -7.42 43.16 -26.80
CAK 975 Z . -8.01 42.38 -27.80
CAH 975 Z . -9.30 42.61 -28.19
CAG 975 Z . -10.16 41.64 -27.44
OAA 975 Z . -11.48 41.86 -27.95
C1 EDO AA . -31.30 8.05 -2.89
O1 EDO AA . -30.05 8.70 -2.64
C2 EDO AA . -32.24 8.29 -1.71
O2 EDO AA . -33.59 7.88 -1.97
C1 EDO BA . -11.92 36.07 -7.08
O1 EDO BA . -12.13 36.39 -8.46
C2 EDO BA . -10.90 34.94 -6.94
O2 EDO BA . -10.76 34.49 -5.59
C1 EDO CA . -49.96 -10.92 -3.88
O1 EDO CA . -49.14 -11.89 -3.21
C2 EDO CA . -49.65 -10.87 -5.38
O2 EDO CA . -48.98 -12.05 -5.85
C1 EDO DA . -42.48 25.71 -0.78
O1 EDO DA . -41.88 24.51 -0.29
C2 EDO DA . -41.94 26.01 -2.18
O2 EDO DA . -42.42 27.27 -2.68
C1 EDO EA . -17.27 -16.71 -7.39
O1 EDO EA . -16.95 -15.48 -8.02
C2 EDO EA . -17.57 -16.52 -5.89
O2 EDO EA . -18.94 -16.75 -5.53
C1 EDO FA . -0.95 10.28 -18.14
O1 EDO FA . -2.32 10.71 -18.06
C2 EDO FA . -0.26 10.46 -16.78
O2 EDO FA . 0.31 9.26 -16.25
C1 EDO GA . -0.03 31.27 -8.96
O1 EDO GA . -1.40 31.70 -9.05
C2 EDO GA . 0.44 30.72 -10.30
O2 EDO GA . 0.87 29.34 -10.28
C1 EDO HA . -1.88 8.99 0.07
O1 EDO HA . -0.71 9.23 0.86
C2 EDO HA . -1.98 7.51 -0.27
O2 EDO HA . -0.99 7.15 -1.25
C1 EDO IA . -3.31 21.21 -36.69
O1 EDO IA . -4.72 20.96 -36.73
C2 EDO IA . -3.02 22.68 -36.34
O2 EDO IA . -4.12 23.55 -36.66
C1 EDO JA . -6.68 15.74 -18.89
O1 EDO JA . -6.88 14.83 -19.98
C2 EDO JA . -7.85 15.64 -17.92
O2 EDO JA . -7.49 15.66 -16.52
C1 EDO KA . -6.04 12.68 -16.78
O1 EDO KA . -4.64 12.97 -16.70
C2 EDO KA . -6.60 12.25 -15.43
O2 EDO KA . -6.82 13.36 -14.55
C1 NAG LA . 28.88 2.16 36.20
C2 NAG LA . 30.22 1.72 36.79
C3 NAG LA . 30.07 0.32 37.38
C4 NAG LA . 28.91 0.32 38.38
C5 NAG LA . 27.63 0.76 37.65
C6 NAG LA . 26.34 0.73 38.48
C7 NAG LA . 32.19 2.74 35.68
C8 NAG LA . 33.17 2.66 34.55
N2 NAG LA . 31.25 1.78 35.75
O3 NAG LA . 31.28 -0.08 38.02
O4 NAG LA . 28.75 -0.99 38.95
O5 NAG LA . 27.85 2.09 37.19
O6 NAG LA . 25.22 0.57 37.60
O7 NAG LA . 32.26 3.67 36.49
C1 NAG MA . -5.01 -1.19 20.88
C2 NAG MA . -4.18 0.04 21.26
C3 NAG MA . -4.35 0.40 22.75
C4 NAG MA . -5.70 0.06 23.41
C5 NAG MA . -6.65 -0.84 22.61
C6 NAG MA . -8.08 -0.38 22.87
C7 NAG MA . -1.95 0.70 20.37
C8 NAG MA . -0.48 0.40 20.46
N2 NAG MA . -2.72 -0.08 21.13
O3 NAG MA . -4.13 1.80 22.89
O4 NAG MA . -5.43 -0.58 24.67
O5 NAG MA . -6.37 -0.85 21.19
O6 NAG MA . -9.01 -1.34 22.36
O7 NAG MA . -2.38 1.60 19.65
C1 NAG NA . 19.84 -41.98 22.46
C2 NAG NA . 20.22 -41.56 23.88
C3 NAG NA . 19.73 -42.56 24.92
C4 NAG NA . 18.27 -42.96 24.72
C5 NAG NA . 17.91 -43.26 23.26
C6 NAG NA . 16.39 -43.27 23.10
C7 NAG NA . 22.31 -40.51 24.67
C8 NAG NA . 23.81 -40.59 24.59
N2 NAG NA . 21.67 -41.43 23.95
O3 NAG NA . 19.88 -41.99 26.22
O4 NAG NA . 18.01 -44.15 25.49
O5 NAG NA . 18.44 -42.28 22.37
O6 NAG NA . 16.03 -43.53 21.73
O7 NAG NA . 21.76 -39.67 25.35
C1 NAG OA . -0.18 -48.12 0.84
C2 NAG OA . 0.31 -49.00 1.98
C3 NAG OA . 0.15 -50.46 1.59
C4 NAG OA . -1.33 -50.73 1.40
C5 NAG OA . -2.02 -49.73 0.48
C6 NAG OA . -3.52 -49.77 0.69
C7 NAG OA . 2.14 -48.38 3.54
C8 NAG OA . 1.20 -48.47 4.71
N2 NAG OA . 1.68 -48.64 2.30
O3 NAG OA . 0.70 -51.30 2.62
O4 NAG OA . -1.49 -52.05 0.86
O5 NAG OA . -1.58 -48.37 0.68
O6 NAG OA . -4.19 -49.18 -0.43
O7 NAG OA . 3.30 -48.07 3.71
C1 NAG PA . 6.52 -31.29 -16.72
C2 NAG PA . 5.48 -32.35 -17.02
C3 NAG PA . 5.14 -32.31 -18.51
C4 NAG PA . 4.78 -30.90 -18.98
C5 NAG PA . 5.78 -29.83 -18.56
C6 NAG PA . 5.22 -28.41 -18.70
C7 NAG PA . 5.56 -34.28 -15.45
C8 NAG PA . 6.24 -35.58 -15.12
N2 NAG PA . 6.00 -33.64 -16.54
O3 NAG PA . 4.03 -33.19 -18.75
O4 NAG PA . 4.68 -30.90 -20.41
O5 NAG PA . 6.16 -29.99 -17.20
O6 NAG PA . 6.09 -27.62 -19.51
O7 NAG PA . 4.67 -33.85 -14.72
C1 NAG QA . 14.59 -43.89 3.35
C2 NAG QA . 14.25 -43.88 4.84
C3 NAG QA . 15.16 -42.90 5.60
C4 NAG QA . 16.62 -43.19 5.29
C5 NAG QA . 16.82 -43.16 3.78
C6 NAG QA . 18.27 -43.44 3.35
C7 NAG QA . 12.04 -44.16 5.89
C8 NAG QA . 10.61 -43.68 5.88
N2 NAG QA . 12.85 -43.56 5.00
O3 NAG QA . 14.92 -43.01 7.00
O4 NAG QA . 17.47 -42.23 5.93
O5 NAG QA . 15.98 -44.14 3.17
O6 NAG QA . 18.76 -44.64 3.95
O7 NAG QA . 12.41 -45.04 6.65
C1 NAG RA . 37.45 -25.18 -17.95
C2 NAG RA . 38.33 -26.42 -18.08
C3 NAG RA . 39.60 -26.27 -17.26
C4 NAG RA . 40.33 -24.96 -17.57
C5 NAG RA . 39.35 -23.79 -17.55
C6 NAG RA . 39.94 -22.51 -18.09
C7 NAG RA . 36.90 -28.39 -18.37
C8 NAG RA . 36.13 -29.44 -17.63
N2 NAG RA . 37.54 -27.52 -17.58
O3 NAG RA . 40.47 -27.38 -17.49
O4 NAG RA . 41.36 -24.72 -16.61
O5 NAG RA . 38.20 -24.05 -18.37
O6 NAG RA . 40.29 -22.63 -19.47
O7 NAG RA . 36.93 -28.35 -19.59
C1 NAG SA . 7.49 7.12 0.36
C2 NAG SA . 7.10 6.95 -1.11
C3 NAG SA . 5.73 6.30 -1.25
C4 NAG SA . 5.64 5.04 -0.39
C5 NAG SA . 6.01 5.38 1.05
C6 NAG SA . 5.92 4.21 2.04
C7 NAG SA . 7.73 8.38 -3.01
C8 NAG SA . 7.73 9.77 -3.59
N2 NAG SA . 7.18 8.24 -1.80
O3 NAG SA . 5.49 5.97 -2.62
O4 NAG SA . 4.31 4.49 -0.45
O5 NAG SA . 7.34 5.88 1.04
O6 NAG SA . 6.60 3.06 1.54
O7 NAG SA . 8.21 7.46 -3.64
C1 NAG TA . 43.70 12.28 -9.32
C2 NAG TA . 43.50 12.85 -10.73
C3 NAG TA . 43.04 14.30 -10.60
C4 NAG TA . 41.79 14.43 -9.73
C5 NAG TA . 41.88 13.61 -8.43
C6 NAG TA . 40.52 13.47 -7.76
C7 NAG TA . 44.74 12.15 -12.76
C8 NAG TA . 46.04 12.17 -13.50
N2 NAG TA . 44.70 12.77 -11.57
O3 NAG TA . 42.74 14.83 -11.89
O4 NAG TA . 41.59 15.81 -9.39
O5 NAG TA . 42.42 12.31 -8.68
O6 NAG TA . 39.64 12.69 -8.56
O7 NAG TA . 43.77 11.59 -13.26
C1 NAG UA . 41.05 -12.35 4.18
C2 NAG UA . 42.33 -12.24 5.02
C3 NAG UA . 42.88 -13.63 5.38
C4 NAG UA . 41.82 -14.54 5.98
C5 NAG UA . 40.56 -14.57 5.11
C6 NAG UA . 39.43 -15.33 5.83
C7 NAG UA . 43.77 -10.22 4.67
C8 NAG UA . 45.00 -9.70 3.97
N2 NAG UA . 43.45 -11.51 4.42
O3 NAG UA . 43.95 -13.50 6.30
O4 NAG UA . 42.37 -15.86 6.08
O5 NAG UA . 40.12 -13.24 4.82
O6 NAG UA . 38.68 -16.06 4.87
O7 NAG UA . 43.13 -9.50 5.42
C1 NAG VA . 37.56 -3.68 21.42
C2 NAG VA . 38.75 -2.81 21.81
C3 NAG VA . 39.60 -3.52 22.87
C4 NAG VA . 38.75 -4.03 24.03
C5 NAG VA . 37.59 -4.87 23.50
C6 NAG VA . 36.66 -5.36 24.60
C7 NAG VA . 39.93 -1.28 20.26
C8 NAG VA . 40.83 -1.24 19.07
N2 NAG VA . 39.61 -2.52 20.67
O3 NAG VA . 40.60 -2.63 23.36
O4 NAG VA . 39.56 -4.81 24.92
O5 NAG VA . 36.84 -4.08 22.59
O6 NAG VA . 36.03 -4.27 25.26
O7 NAG VA . 39.54 -0.26 20.80
C1 NAG WA . 9.88 5.80 26.73
C2 NAG WA . 10.74 6.62 27.69
C3 NAG WA . 10.94 5.89 29.01
C4 NAG WA . 9.59 5.44 29.58
C5 NAG WA . 8.89 4.57 28.53
C6 NAG WA . 7.55 4.02 29.02
C7 NAG WA . 12.29 7.98 26.37
C8 NAG WA . 13.67 8.08 25.79
N2 NAG WA . 12.02 6.87 27.07
O3 NAG WA . 11.58 6.76 29.95
O4 NAG WA . 9.82 4.70 30.79
O5 NAG WA . 8.67 5.38 27.37
O6 NAG WA . 6.64 5.08 29.29
O7 NAG WA . 11.48 8.87 26.20
C4 9OK XA . 13.26 -21.26 16.79
C5 9OK XA . 13.23 -19.83 17.35
C6 9OK XA . 12.81 -19.81 18.82
CAF 9OK XA . 17.72 -22.58 20.78
CAJ 9OK XA . 17.75 -23.41 21.90
OAC 9OK XA . 18.73 -24.33 22.09
CAI 9OK XA . 16.76 -23.31 22.88
OAB 9OK XA . 16.84 -24.14 23.95
CAD 9OK XA . 15.73 -22.38 22.75
CAE 9OK XA . 15.69 -21.55 21.63
CAK 9OK XA . 16.68 -21.66 20.65
CAH 9OK XA . 16.65 -20.83 19.56
CAG 9OK XA . 16.07 -21.67 18.47
O2 9OK XA . 16.39 -20.94 17.27
C2 9OK XA . 15.39 -20.23 16.49
C1 9OK XA . 16.21 -19.55 15.41
O1 9OK XA . 17.18 -18.76 16.10
O5 9OK XA . 14.59 -19.30 17.25
O6 9OK XA . 12.68 -18.46 19.24
O4 9OK XA . 12.05 -21.54 16.10
C3 9OK XA . 14.42 -21.19 15.82
O3 9OK XA . 15.03 -22.49 15.64
C4 9WZ YA . 21.25 -10.69 23.98
C5 9WZ YA . 22.69 -11.15 24.13
C6 9WZ YA . 22.84 -12.44 24.94
C3 9WZ YA . 21.35 -9.75 22.80
O6 9WZ YA . 23.88 -13.29 24.44
O4 9WZ YA . 20.81 -10.00 25.15
O3 9WZ YA . 20.11 -9.41 22.19
O5 9WZ YA . 23.20 -11.19 22.78
C2 9WZ YA . 22.28 -10.51 21.89
O2 9WZ YA . 21.55 -11.52 21.15
C1 9WZ YA . 22.95 -9.48 20.95
O1 9WZ YA . 24.19 -9.02 21.48
CAF 9WZ YA . 21.24 -14.64 19.63
CAJ 9WZ YA . 21.01 -13.79 20.72
OAC 9WZ YA . 19.97 -14.02 21.57
CAI 9WZ YA . 21.81 -12.68 20.98
CAD 9WZ YA . 22.89 -12.48 20.11
CAE 9WZ YA . 23.09 -13.29 19.05
CAK 9WZ YA . 22.30 -14.38 18.77
CAH 9WZ YA . 22.68 -15.14 17.68
CAG 9WZ YA . 21.66 -15.26 16.64
OAA 9WZ YA . 20.94 -16.44 16.96
CAF 975 ZA . 41.35 -25.49 -12.43
CAJ 975 ZA . 42.10 -25.21 -11.26
OAC 975 ZA . 42.78 -24.04 -11.09
CAI 975 ZA . 42.17 -26.15 -10.22
OAB 975 ZA . 42.91 -25.83 -9.12
CAD 975 ZA . 41.50 -27.36 -10.33
CAE 975 ZA . 40.76 -27.64 -11.48
CAK 975 ZA . 40.66 -26.73 -12.52
CAH 975 ZA . 39.93 -27.12 -13.62
CAG 975 ZA . 38.51 -26.54 -13.52
OAA 975 ZA . 37.65 -27.54 -14.12
C1 EDO AB . 17.77 -17.01 21.45
O1 EDO AB . 17.36 -17.04 20.08
C2 EDO AB . 17.17 -18.20 22.19
O2 EDO AB . 17.58 -18.25 23.56
C1 EDO BB . 25.84 -26.80 -11.00
O1 EDO BB . 24.59 -26.75 -10.29
C2 EDO BB . 26.87 -27.63 -10.24
O2 EDO BB . 27.98 -26.95 -9.61
C1 EDO CB . 19.01 -5.88 38.36
O1 EDO CB . 19.38 -6.19 37.01
C2 EDO CB . 18.35 -4.51 38.42
O2 EDO CB . 17.67 -4.26 39.66
C1 EDO DB . 19.92 -18.61 -17.94
O1 EDO DB . 20.59 -19.55 -17.10
C2 EDO DB . 20.78 -17.35 -18.11
O2 EDO DB . 20.13 -16.14 -17.70
C1 EDO EB . 18.43 -18.42 31.12
O1 EDO EB . 18.90 -17.54 32.14
C2 EDO EB . 17.48 -19.45 31.73
O2 EDO EB . 17.03 -20.39 30.75
C1 EDO FB . 4.14 -6.57 -2.87
O1 EDO FB . 4.37 -5.16 -3.00
C2 EDO FB . 2.84 -6.96 -3.56
O2 EDO FB . 3.02 -7.99 -4.56
C1 EDO GB . 40.55 2.29 -12.69
O1 EDO GB . 39.79 3.38 -13.22
C2 EDO GB . 40.73 1.21 -13.76
O2 EDO GB . 42.03 0.59 -13.69
C1 EDO HB . 33.55 -25.06 -9.45
O1 EDO HB . 32.64 -25.53 -10.45
C2 EDO HB . 33.73 -23.56 -9.64
O2 EDO HB . 34.44 -22.94 -8.54
C1 EDO IB . 24.43 -4.37 -4.14
O1 EDO IB . 24.93 -3.22 -4.84
C2 EDO IB . 23.26 -4.97 -4.89
O2 EDO IB . 22.35 -5.78 -4.11
C1 EDO JB . 31.48 -36.33 19.37
O1 EDO JB . 30.51 -35.38 19.81
C2 EDO JB . 32.08 -35.89 18.04
O2 EDO JB . 31.56 -36.65 16.93
C1 EDO KB . 12.31 11.76 6.68
O1 EDO KB . 13.56 12.46 6.86
C2 EDO KB . 12.35 11.01 5.36
O2 EDO KB . 11.05 10.48 5.01
#